data_7EOK
# 
_entry.id   7EOK 
# 
_audit_conform.dict_name       mmcif_pdbx.dic 
_audit_conform.dict_version    5.380 
_audit_conform.dict_location   http://mmcif.pdb.org/dictionaries/ascii/mmcif_pdbx.dic 
# 
loop_
_database_2.database_id 
_database_2.database_code 
_database_2.pdbx_database_accession 
_database_2.pdbx_DOI 
PDB   7EOK         pdb_00007eok 10.2210/pdb7eok/pdb 
WWPDB D_1300021887 ?            ?                   
# 
_pdbx_database_status.status_code                     REL 
_pdbx_database_status.status_code_sf                  REL 
_pdbx_database_status.status_code_mr                  ? 
_pdbx_database_status.entry_id                        7EOK 
_pdbx_database_status.recvd_initial_deposition_date   2021-04-22 
_pdbx_database_status.SG_entry                        N 
_pdbx_database_status.deposit_site                    PDBJ 
_pdbx_database_status.process_site                    PDBJ 
_pdbx_database_status.status_code_cs                  ? 
_pdbx_database_status.status_code_nmr_data            ? 
_pdbx_database_status.methods_development_category    ? 
_pdbx_database_status.pdb_format_compatible           Y 
# 
loop_
_audit_author.name 
_audit_author.pdbx_ordinal 
_audit_author.identifier_ORCID 
'Huang, K.Y.' 1 0000-0002-7508-5446 
'Ren, A.M.'   2 0000-0002-5420-4899 
# 
_citation.abstract                  ? 
_citation.abstract_id_CAS           ? 
_citation.book_id_ISBN              ? 
_citation.book_publisher            ? 
_citation.book_publisher_city       ? 
_citation.book_title                ? 
_citation.coordinate_linkage        ? 
_citation.country                   US 
_citation.database_id_Medline       ? 
_citation.details                   ? 
_citation.id                        primary 
_citation.journal_abbrev            Nat.Chem.Biol. 
_citation.journal_id_ASTM           ? 
_citation.journal_id_CSD            ? 
_citation.journal_id_ISSN           1552-4469 
_citation.journal_full              ? 
_citation.journal_issue             ? 
_citation.journal_volume            17 
_citation.language                  ? 
_citation.page_first                1289 
_citation.page_last                 1295 
_citation.title                     'Structure-based investigation of fluorogenic Pepper aptamer.' 
_citation.year                      2021 
_citation.database_id_CSD           ? 
_citation.pdbx_database_id_DOI      10.1038/s41589-021-00884-6 
_citation.pdbx_database_id_PubMed   34725509 
_citation.pdbx_database_id_patent   ? 
_citation.unpublished_flag          ? 
# 
loop_
_citation_author.citation_id 
_citation_author.name 
_citation_author.ordinal 
_citation_author.identifier_ORCID 
primary 'Huang, K.' 1 ? 
primary 'Chen, X.'  2 ? 
primary 'Li, C.'    3 ? 
primary 'Song, Q.'  4 ? 
primary 'Li, H.'    5 ? 
primary 'Zhu, L.'   6 ? 
primary 'Yang, Y.'  7 ? 
primary 'Ren, A.'   8 ? 
# 
_cell.angle_alpha                  90.000 
_cell.angle_alpha_esd              ? 
_cell.angle_beta                   127.080 
_cell.angle_beta_esd               ? 
_cell.angle_gamma                  90.000 
_cell.angle_gamma_esd              ? 
_cell.entry_id                     7EOK 
_cell.details                      ? 
_cell.formula_units_Z              ? 
_cell.length_a                     93.982 
_cell.length_a_esd                 ? 
_cell.length_b                     37.720 
_cell.length_b_esd                 ? 
_cell.length_c                     56.740 
_cell.length_c_esd                 ? 
_cell.volume                       ? 
_cell.volume_esd                   ? 
_cell.Z_PDB                        4 
_cell.reciprocal_angle_alpha       ? 
_cell.reciprocal_angle_beta        ? 
_cell.reciprocal_angle_gamma       ? 
_cell.reciprocal_angle_alpha_esd   ? 
_cell.reciprocal_angle_beta_esd    ? 
_cell.reciprocal_angle_gamma_esd   ? 
_cell.reciprocal_length_a          ? 
_cell.reciprocal_length_b          ? 
_cell.reciprocal_length_c          ? 
_cell.reciprocal_length_a_esd      ? 
_cell.reciprocal_length_b_esd      ? 
_cell.reciprocal_length_c_esd      ? 
_cell.pdbx_unique_axis             ? 
# 
_symmetry.entry_id                         7EOK 
_symmetry.cell_setting                     ? 
_symmetry.Int_Tables_number                5 
_symmetry.space_group_name_Hall            ? 
_symmetry.space_group_name_H-M             'C 1 2 1' 
_symmetry.pdbx_full_space_group_name_H-M   ? 
# 
loop_
_entity.id 
_entity.type 
_entity.src_method 
_entity.pdbx_description 
_entity.formula_weight 
_entity.pdbx_number_of_molecules 
_entity.pdbx_ec 
_entity.pdbx_mutation 
_entity.pdbx_fragment 
_entity.details 
1 polymer     man 'Pepper (49-MER)'                                                                                      15428.166 
1  ? ? ? ? 
2 non-polymer syn "GUANOSINE-5'-TRIPHOSPHATE"                                                                            523.180   
1  ? ? ? ? 
3 non-polymer syn '4-[(~{Z})-1-cyano-2-[5-[2-(dimethylamino)ethyl-methyl-amino]pyrazin-2-yl]ethenyl]benzenecarbonitrile' 332.402   
1  ? ? ? ? 
4 non-polymer syn 'MAGNESIUM ION'                                                                                        24.305    
9  ? ? ? ? 
5 water       nat water                                                                                                  18.015    
21 ? ? ? ? 
# 
_entity_poly.entity_id                      1 
_entity_poly.type                           polyribonucleotide 
_entity_poly.nstd_linkage                   no 
_entity_poly.nstd_monomer                   no 
_entity_poly.pdbx_seq_one_letter_code       GCGCACUGGCGCUGCGCCUUCGGGCGCCAAUCGUAGCGUGUCGGCGCC 
_entity_poly.pdbx_seq_one_letter_code_can   GCGCACUGGCGCUGCGCCUUCGGGCGCCAAUCGUAGCGUGUCGGCGCC 
_entity_poly.pdbx_strand_id                 A 
_entity_poly.pdbx_target_identifier         ? 
# 
loop_
_entity_poly_seq.entity_id 
_entity_poly_seq.num 
_entity_poly_seq.mon_id 
_entity_poly_seq.hetero 
1 1  G n 
1 2  C n 
1 3  G n 
1 4  C n 
1 5  A n 
1 6  C n 
1 7  U n 
1 8  G n 
1 9  G n 
1 10 C n 
1 11 G n 
1 12 C n 
1 13 U n 
1 14 G n 
1 15 C n 
1 16 G n 
1 17 C n 
1 18 C n 
1 19 U n 
1 20 U n 
1 21 C n 
1 22 G n 
1 23 G n 
1 24 G n 
1 25 C n 
1 26 G n 
1 27 C n 
1 28 C n 
1 29 A n 
1 30 A n 
1 31 U n 
1 32 C n 
1 33 G n 
1 34 U n 
1 35 A n 
1 36 G n 
1 37 C n 
1 38 G n 
1 39 U n 
1 40 G n 
1 41 U n 
1 42 C n 
1 43 G n 
1 44 G n 
1 45 C n 
1 46 G n 
1 47 C n 
1 48 C n 
# 
_entity_src_gen.entity_id                          1 
_entity_src_gen.pdbx_src_id                        1 
_entity_src_gen.pdbx_alt_source_flag               sample 
_entity_src_gen.pdbx_seq_type                      'Biological sequence' 
_entity_src_gen.pdbx_beg_seq_num                   1 
_entity_src_gen.pdbx_end_seq_num                   48 
_entity_src_gen.gene_src_common_name               ? 
_entity_src_gen.gene_src_genus                     ? 
_entity_src_gen.pdbx_gene_src_gene                 ? 
_entity_src_gen.gene_src_species                   ? 
_entity_src_gen.gene_src_strain                    ? 
_entity_src_gen.gene_src_tissue                    ? 
_entity_src_gen.gene_src_tissue_fraction           ? 
_entity_src_gen.gene_src_details                   ? 
_entity_src_gen.pdbx_gene_src_fragment             ? 
_entity_src_gen.pdbx_gene_src_scientific_name      'synthetic construct' 
_entity_src_gen.pdbx_gene_src_ncbi_taxonomy_id     32630 
_entity_src_gen.pdbx_gene_src_variant              ? 
_entity_src_gen.pdbx_gene_src_cell_line            ? 
_entity_src_gen.pdbx_gene_src_atcc                 ? 
_entity_src_gen.pdbx_gene_src_organ                ? 
_entity_src_gen.pdbx_gene_src_organelle            ? 
_entity_src_gen.pdbx_gene_src_cell                 ? 
_entity_src_gen.pdbx_gene_src_cellular_location    ? 
_entity_src_gen.host_org_common_name               ? 
_entity_src_gen.pdbx_host_org_scientific_name      'in vitro transcription vector pT7-TP(deltai)' 
_entity_src_gen.pdbx_host_org_ncbi_taxonomy_id     905931 
_entity_src_gen.host_org_genus                     ? 
_entity_src_gen.pdbx_host_org_gene                 ? 
_entity_src_gen.pdbx_host_org_organ                ? 
_entity_src_gen.host_org_species                   ? 
_entity_src_gen.pdbx_host_org_tissue               ? 
_entity_src_gen.pdbx_host_org_tissue_fraction      ? 
_entity_src_gen.pdbx_host_org_strain               ? 
_entity_src_gen.pdbx_host_org_variant              ? 
_entity_src_gen.pdbx_host_org_cell_line            ? 
_entity_src_gen.pdbx_host_org_atcc                 ? 
_entity_src_gen.pdbx_host_org_culture_collection   ? 
_entity_src_gen.pdbx_host_org_cell                 ? 
_entity_src_gen.pdbx_host_org_organelle            ? 
_entity_src_gen.pdbx_host_org_cellular_location    ? 
_entity_src_gen.pdbx_host_org_vector_type          ? 
_entity_src_gen.pdbx_host_org_vector               ? 
_entity_src_gen.host_org_details                   ? 
_entity_src_gen.expression_system_id               ? 
_entity_src_gen.plasmid_name                       ? 
_entity_src_gen.plasmid_details                    ? 
_entity_src_gen.pdbx_description                   ? 
# 
_struct_ref.id                         1 
_struct_ref.db_name                    PDB 
_struct_ref.db_code                    7EOK 
_struct_ref.pdbx_db_accession          7EOK 
_struct_ref.pdbx_db_isoform            ? 
_struct_ref.entity_id                  1 
_struct_ref.pdbx_seq_one_letter_code   ? 
_struct_ref.pdbx_align_begin           1 
# 
_struct_ref_seq.align_id                      1 
_struct_ref_seq.ref_id                        1 
_struct_ref_seq.pdbx_PDB_id_code              7EOK 
_struct_ref_seq.pdbx_strand_id                A 
_struct_ref_seq.seq_align_beg                 1 
_struct_ref_seq.pdbx_seq_align_beg_ins_code   ? 
_struct_ref_seq.seq_align_end                 48 
_struct_ref_seq.pdbx_seq_align_end_ins_code   ? 
_struct_ref_seq.pdbx_db_accession             7EOK 
_struct_ref_seq.db_align_beg                  2 
_struct_ref_seq.pdbx_db_align_beg_ins_code    ? 
_struct_ref_seq.db_align_end                  49 
_struct_ref_seq.pdbx_db_align_end_ins_code    ? 
_struct_ref_seq.pdbx_auth_seq_align_beg       2 
_struct_ref_seq.pdbx_auth_seq_align_end       49 
# 
loop_
_chem_comp.id 
_chem_comp.type 
_chem_comp.mon_nstd_flag 
_chem_comp.name 
_chem_comp.pdbx_synonyms 
_chem_comp.formula 
_chem_comp.formula_weight 
A   'RNA linking' y "ADENOSINE-5'-MONOPHOSPHATE"                                                                           ? 
'C10 H14 N5 O7 P'   347.221 
C   'RNA linking' y "CYTIDINE-5'-MONOPHOSPHATE"                                                                            ? 
'C9 H14 N3 O8 P'    323.197 
G   'RNA linking' y "GUANOSINE-5'-MONOPHOSPHATE"                                                                           ? 
'C10 H14 N5 O8 P'   363.221 
GTP non-polymer   n "GUANOSINE-5'-TRIPHOSPHATE"                                                                            ? 
'C10 H16 N5 O14 P3' 523.180 
HOH non-polymer   . WATER                                                                                                  ? 
'H2 O'              18.015  
J8L non-polymer   . '4-[(~{Z})-1-cyano-2-[5-[2-(dimethylamino)ethyl-methyl-amino]pyrazin-2-yl]ethenyl]benzenecarbonitrile' ? 
'C19 H20 N6'        332.402 
MG  non-polymer   . 'MAGNESIUM ION'                                                                                        ? 
'Mg 2'              24.305  
U   'RNA linking' y "URIDINE-5'-MONOPHOSPHATE"                                                                             ? 
'C9 H13 N2 O9 P'    324.181 
# 
_exptl.absorpt_coefficient_mu     ? 
_exptl.absorpt_correction_T_max   ? 
_exptl.absorpt_correction_T_min   ? 
_exptl.absorpt_correction_type    ? 
_exptl.absorpt_process_details    ? 
_exptl.entry_id                   7EOK 
_exptl.crystals_number            1 
_exptl.details                    ? 
_exptl.method                     'X-RAY DIFFRACTION' 
_exptl.method_details             ? 
# 
_exptl_crystal.colour                      ? 
_exptl_crystal.density_diffrn              ? 
_exptl_crystal.density_Matthews            2.60 
_exptl_crystal.density_method              ? 
_exptl_crystal.density_percent_sol         52.70 
_exptl_crystal.description                 ? 
_exptl_crystal.F_000                       ? 
_exptl_crystal.id                          1 
_exptl_crystal.preparation                 ? 
_exptl_crystal.size_max                    ? 
_exptl_crystal.size_mid                    ? 
_exptl_crystal.size_min                    ? 
_exptl_crystal.size_rad                    ? 
_exptl_crystal.colour_lustre               ? 
_exptl_crystal.colour_modifier             ? 
_exptl_crystal.colour_primary              ? 
_exptl_crystal.density_meas                ? 
_exptl_crystal.density_meas_esd            ? 
_exptl_crystal.density_meas_gt             ? 
_exptl_crystal.density_meas_lt             ? 
_exptl_crystal.density_meas_temp           ? 
_exptl_crystal.density_meas_temp_esd       ? 
_exptl_crystal.density_meas_temp_gt        ? 
_exptl_crystal.density_meas_temp_lt        ? 
_exptl_crystal.pdbx_crystal_image_url      ? 
_exptl_crystal.pdbx_crystal_image_format   ? 
_exptl_crystal.pdbx_mosaicity              ? 
_exptl_crystal.pdbx_mosaicity_esd          ? 
# 
_exptl_crystal_grow.apparatus       ? 
_exptl_crystal_grow.atmosphere      ? 
_exptl_crystal_grow.crystal_id      1 
_exptl_crystal_grow.details         ? 
_exptl_crystal_grow.method          'VAPOR DIFFUSION, SITTING DROP' 
_exptl_crystal_grow.method_ref      ? 
_exptl_crystal_grow.pH              ? 
_exptl_crystal_grow.pressure        ? 
_exptl_crystal_grow.pressure_esd    ? 
_exptl_crystal_grow.seeding         ? 
_exptl_crystal_grow.seeding_ref     ? 
_exptl_crystal_grow.temp            289 
_exptl_crystal_grow.temp_details    ? 
_exptl_crystal_grow.temp_esd        ? 
_exptl_crystal_grow.time            ? 
_exptl_crystal_grow.pdbx_details    
'0.1 M ammonium chloride, 0.005 M magnesium chloride, 0.025 M HEPES, pH 7.0, 1.25 M 1,6-hexanediol, 40% MPD' 
_exptl_crystal_grow.pdbx_pH_range   ? 
# 
_diffrn.ambient_environment              ? 
_diffrn.ambient_temp                     100 
_diffrn.ambient_temp_details             ? 
_diffrn.ambient_temp_esd                 ? 
_diffrn.crystal_id                       1 
_diffrn.crystal_support                  ? 
_diffrn.crystal_treatment                ? 
_diffrn.details                          ? 
_diffrn.id                               1 
_diffrn.ambient_pressure                 ? 
_diffrn.ambient_pressure_esd             ? 
_diffrn.ambient_pressure_gt              ? 
_diffrn.ambient_pressure_lt              ? 
_diffrn.ambient_temp_gt                  ? 
_diffrn.ambient_temp_lt                  ? 
_diffrn.pdbx_serial_crystal_experiment   N 
# 
_diffrn_detector.details                      ? 
_diffrn_detector.detector                     PIXEL 
_diffrn_detector.diffrn_id                    1 
_diffrn_detector.type                         'DECTRIS PILATUS 6M' 
_diffrn_detector.area_resol_mean              ? 
_diffrn_detector.dtime                        ? 
_diffrn_detector.pdbx_frames_total            ? 
_diffrn_detector.pdbx_collection_time_total   ? 
_diffrn_detector.pdbx_collection_date         2019-11-09 
_diffrn_detector.pdbx_frequency               ? 
# 
_diffrn_radiation.collimation                      ? 
_diffrn_radiation.diffrn_id                        1 
_diffrn_radiation.filter_edge                      ? 
_diffrn_radiation.inhomogeneity                    ? 
_diffrn_radiation.monochromator                    ? 
_diffrn_radiation.polarisn_norm                    ? 
_diffrn_radiation.polarisn_ratio                   ? 
_diffrn_radiation.probe                            ? 
_diffrn_radiation.type                             ? 
_diffrn_radiation.xray_symbol                      ? 
_diffrn_radiation.wavelength_id                    1 
_diffrn_radiation.pdbx_monochromatic_or_laue_m_l   M 
_diffrn_radiation.pdbx_wavelength_list             ? 
_diffrn_radiation.pdbx_wavelength                  ? 
_diffrn_radiation.pdbx_diffrn_protocol             'SINGLE WAVELENGTH' 
_diffrn_radiation.pdbx_analyzer                    ? 
_diffrn_radiation.pdbx_scattering_type             x-ray 
# 
_diffrn_radiation_wavelength.id           1 
_diffrn_radiation_wavelength.wavelength   1.102 
_diffrn_radiation_wavelength.wt           1.0 
# 
_diffrn_source.current                     ? 
_diffrn_source.details                     ? 
_diffrn_source.diffrn_id                   1 
_diffrn_source.power                       ? 
_diffrn_source.size                        ? 
_diffrn_source.source                      SYNCHROTRON 
_diffrn_source.target                      ? 
_diffrn_source.type                        'SSRF BEAMLINE BL19U1' 
_diffrn_source.voltage                     ? 
_diffrn_source.take-off_angle              ? 
_diffrn_source.pdbx_wavelength_list        1.102 
_diffrn_source.pdbx_wavelength             ? 
_diffrn_source.pdbx_synchrotron_beamline   BL19U1 
_diffrn_source.pdbx_synchrotron_site       SSRF 
# 
_reflns.B_iso_Wilson_estimate                          ? 
_reflns.entry_id                                       7EOK 
_reflns.data_reduction_details                         ? 
_reflns.data_reduction_method                          ? 
_reflns.d_resolution_high                              2.700 
_reflns.d_resolution_low                               50.000 
_reflns.details                                        ? 
_reflns.limit_h_max                                    ? 
_reflns.limit_h_min                                    ? 
_reflns.limit_k_max                                    ? 
_reflns.limit_k_min                                    ? 
_reflns.limit_l_max                                    ? 
_reflns.limit_l_min                                    ? 
_reflns.number_all                                     ? 
_reflns.number_obs                                     4422 
_reflns.observed_criterion                             ? 
_reflns.observed_criterion_F_max                       ? 
_reflns.observed_criterion_F_min                       ? 
_reflns.observed_criterion_I_max                       ? 
_reflns.observed_criterion_I_min                       ? 
_reflns.observed_criterion_sigma_F                     ? 
_reflns.observed_criterion_sigma_I                     ? 
_reflns.percent_possible_obs                           97.300 
_reflns.R_free_details                                 ? 
_reflns.Rmerge_F_all                                   ? 
_reflns.Rmerge_F_obs                                   ? 
_reflns.Friedel_coverage                               ? 
_reflns.number_gt                                      ? 
_reflns.threshold_expression                           ? 
_reflns.pdbx_redundancy                                5.100 
_reflns.pdbx_Rmerge_I_obs                              0.147 
_reflns.pdbx_Rmerge_I_all                              ? 
_reflns.pdbx_Rsym_value                                ? 
_reflns.pdbx_netI_over_av_sigmaI                       ? 
_reflns.pdbx_netI_over_sigmaI                          4.300 
_reflns.pdbx_res_netI_over_av_sigmaI_2                 ? 
_reflns.pdbx_res_netI_over_sigmaI_2                    ? 
_reflns.pdbx_chi_squared                               1.164 
_reflns.pdbx_scaling_rejects                           ? 
_reflns.pdbx_d_res_high_opt                            ? 
_reflns.pdbx_d_res_low_opt                             ? 
_reflns.pdbx_d_res_opt_method                          ? 
_reflns.phase_calculation_details                      ? 
_reflns.pdbx_Rrim_I_all                                0.163 
_reflns.pdbx_Rpim_I_all                                0.069 
_reflns.pdbx_d_opt                                     ? 
_reflns.pdbx_number_measured_all                       22403 
_reflns.pdbx_diffrn_id                                 1 
_reflns.pdbx_ordinal                                   1 
_reflns.pdbx_CC_half                                   ? 
_reflns.pdbx_CC_star                                   ? 
_reflns.pdbx_R_split                                   ? 
_reflns.pdbx_aniso_diffraction_limit_axis_1_ortho[1]   ? 
_reflns.pdbx_aniso_diffraction_limit_axis_1_ortho[2]   ? 
_reflns.pdbx_aniso_diffraction_limit_axis_1_ortho[3]   ? 
_reflns.pdbx_aniso_diffraction_limit_axis_2_ortho[1]   ? 
_reflns.pdbx_aniso_diffraction_limit_axis_2_ortho[2]   ? 
_reflns.pdbx_aniso_diffraction_limit_axis_2_ortho[3]   ? 
_reflns.pdbx_aniso_diffraction_limit_axis_3_ortho[1]   ? 
_reflns.pdbx_aniso_diffraction_limit_axis_3_ortho[2]   ? 
_reflns.pdbx_aniso_diffraction_limit_axis_3_ortho[3]   ? 
_reflns.pdbx_aniso_diffraction_limit_1                 ? 
_reflns.pdbx_aniso_diffraction_limit_2                 ? 
_reflns.pdbx_aniso_diffraction_limit_3                 ? 
_reflns.pdbx_aniso_B_tensor_eigenvector_1_ortho[1]     ? 
_reflns.pdbx_aniso_B_tensor_eigenvector_1_ortho[2]     ? 
_reflns.pdbx_aniso_B_tensor_eigenvector_1_ortho[3]     ? 
_reflns.pdbx_aniso_B_tensor_eigenvector_2_ortho[1]     ? 
_reflns.pdbx_aniso_B_tensor_eigenvector_2_ortho[2]     ? 
_reflns.pdbx_aniso_B_tensor_eigenvector_2_ortho[3]     ? 
_reflns.pdbx_aniso_B_tensor_eigenvector_3_ortho[1]     ? 
_reflns.pdbx_aniso_B_tensor_eigenvector_3_ortho[2]     ? 
_reflns.pdbx_aniso_B_tensor_eigenvector_3_ortho[3]     ? 
_reflns.pdbx_aniso_B_tensor_eigenvalue_1               ? 
_reflns.pdbx_aniso_B_tensor_eigenvalue_2               ? 
_reflns.pdbx_aniso_B_tensor_eigenvalue_3               ? 
_reflns.pdbx_orthogonalization_convention              ? 
_reflns.pdbx_percent_possible_ellipsoidal              ? 
_reflns.pdbx_percent_possible_spherical                ? 
_reflns.pdbx_percent_possible_ellipsoidal_anomalous    ? 
_reflns.pdbx_percent_possible_spherical_anomalous      ? 
_reflns.pdbx_redundancy_anomalous                      ? 
_reflns.pdbx_CC_half_anomalous                         ? 
_reflns.pdbx_absDiff_over_sigma_anomalous              ? 
_reflns.pdbx_percent_possible_anomalous                ? 
_reflns.pdbx_observed_signal_threshold                 ? 
_reflns.pdbx_signal_type                               ? 
_reflns.pdbx_signal_details                            ? 
_reflns.pdbx_signal_software_id                        ? 
# 
loop_
_reflns_shell.d_res_high 
_reflns_shell.d_res_low 
_reflns_shell.meanI_over_sigI_all 
_reflns_shell.meanI_over_sigI_obs 
_reflns_shell.number_measured_all 
_reflns_shell.number_measured_obs 
_reflns_shell.number_possible 
_reflns_shell.number_unique_all 
_reflns_shell.number_unique_obs 
_reflns_shell.percent_possible_all 
_reflns_shell.percent_possible_obs 
_reflns_shell.Rmerge_F_all 
_reflns_shell.Rmerge_F_obs 
_reflns_shell.Rmerge_I_all 
_reflns_shell.Rmerge_I_obs 
_reflns_shell.meanI_over_sigI_gt 
_reflns_shell.meanI_over_uI_all 
_reflns_shell.meanI_over_uI_gt 
_reflns_shell.number_measured_gt 
_reflns_shell.number_unique_gt 
_reflns_shell.percent_possible_gt 
_reflns_shell.Rmerge_F_gt 
_reflns_shell.Rmerge_I_gt 
_reflns_shell.pdbx_redundancy 
_reflns_shell.pdbx_Rsym_value 
_reflns_shell.pdbx_chi_squared 
_reflns_shell.pdbx_netI_over_sigmaI_all 
_reflns_shell.pdbx_netI_over_sigmaI_obs 
_reflns_shell.pdbx_Rrim_I_all 
_reflns_shell.pdbx_Rpim_I_all 
_reflns_shell.pdbx_rejects 
_reflns_shell.pdbx_ordinal 
_reflns_shell.pdbx_diffrn_id 
_reflns_shell.pdbx_CC_half 
_reflns_shell.pdbx_CC_star 
_reflns_shell.pdbx_R_split 
_reflns_shell.pdbx_percent_possible_ellipsoidal 
_reflns_shell.pdbx_percent_possible_spherical 
_reflns_shell.pdbx_percent_possible_ellipsoidal_anomalous 
_reflns_shell.pdbx_percent_possible_spherical_anomalous 
_reflns_shell.pdbx_redundancy_anomalous 
_reflns_shell.pdbx_CC_half_anomalous 
_reflns_shell.pdbx_absDiff_over_sigma_anomalous 
_reflns_shell.pdbx_percent_possible_anomalous 
2.700 2.800  ? ? ? ? ? ? 418 92.500 ? ? ? ? 0.661 ? ? ? ? ? ? ? ? 3.300 ? 0.608 ? ? 0.772 0.388 ? 1  1 0.771 ? ? ? ? ? ? ? ? ? ? 
2.800 2.910  ? ? ? ? ? ? 415 96.300 ? ? ? ? 0.593 ? ? ? ? ? ? ? ? 3.800 ? 0.629 ? ? 0.685 0.334 ? 2  1 0.920 ? ? ? ? ? ? ? ? ? ? 
2.910 3.040  ? ? ? ? ? ? 447 98.500 ? ? ? ? 0.392 ? ? ? ? ? ? ? ? 4.400 ? 0.801 ? ? 0.444 0.204 ? 3  1 0.971 ? ? ? ? ? ? ? ? ? ? 
3.040 3.200  ? ? ? ? ? ? 445 97.400 ? ? ? ? 0.300 ? ? ? ? ? ? ? ? 4.700 ? 0.934 ? ? 0.337 0.151 ? 4  1 0.982 ? ? ? ? ? ? ? ? ? ? 
3.200 3.400  ? ? ? ? ? ? 455 98.500 ? ? ? ? 0.250 ? ? ? ? ? ? ? ? 5.100 ? 1.220 ? ? 0.277 0.118 ? 5  1 0.989 ? ? ? ? ? ? ? ? ? ? 
3.400 3.660  ? ? ? ? ? ? 420 95.200 ? ? ? ? 0.208 ? ? ? ? ? ? ? ? 5.300 ? 1.265 ? ? 0.231 0.099 ? 6  1 0.987 ? ? ? ? ? ? ? ? ? ? 
3.660 4.030  ? ? ? ? ? ? 443 99.100 ? ? ? ? 0.200 ? ? ? ? ? ? ? ? 6.000 ? 1.326 ? ? 0.221 0.091 ? 7  1 0.989 ? ? ? ? ? ? ? ? ? ? 
4.030 4.620  ? ? ? ? ? ? 462 99.600 ? ? ? ? 0.167 ? ? ? ? ? ? ? ? 6.200 ? 1.214 ? ? 0.182 0.072 ? 8  1 0.985 ? ? ? ? ? ? ? ? ? ? 
4.620 5.810  ? ? ? ? ? ? 438 97.800 ? ? ? ? 0.124 ? ? ? ? ? ? ? ? 5.800 ? 1.273 ? ? 0.137 0.057 ? 9  1 0.990 ? ? ? ? ? ? ? ? ? ? 
5.810 50.000 ? ? ? ? ? ? 479 97.800 ? ? ? ? 0.088 ? ? ? ? ? ? ? ? 5.800 ? 1.628 ? ? 0.098 0.042 ? 10 1 0.994 ? ? ? ? ? ? ? ? ? ? 
# 
_refine.aniso_B[1][1]                            ? 
_refine.aniso_B[1][2]                            ? 
_refine.aniso_B[1][3]                            ? 
_refine.aniso_B[2][2]                            ? 
_refine.aniso_B[2][3]                            ? 
_refine.aniso_B[3][3]                            ? 
_refine.B_iso_max                                147.480 
_refine.B_iso_mean                               64.0061 
_refine.B_iso_min                                19.890 
_refine.correlation_coeff_Fo_to_Fc               ? 
_refine.correlation_coeff_Fo_to_Fc_free          ? 
_refine.details                                  ? 
_refine.diff_density_max                         ? 
_refine.diff_density_max_esd                     ? 
_refine.diff_density_min                         ? 
_refine.diff_density_min_esd                     ? 
_refine.diff_density_rms                         ? 
_refine.diff_density_rms_esd                     ? 
_refine.entry_id                                 7EOK 
_refine.pdbx_refine_id                           'X-RAY DIFFRACTION' 
_refine.ls_abs_structure_details                 ? 
_refine.ls_abs_structure_Flack                   ? 
_refine.ls_abs_structure_Flack_esd               ? 
_refine.ls_abs_structure_Rogers                  ? 
_refine.ls_abs_structure_Rogers_esd              ? 
_refine.ls_d_res_high                            2.7000 
_refine.ls_d_res_low                             45.2220 
_refine.ls_extinction_coef                       ? 
_refine.ls_extinction_coef_esd                   ? 
_refine.ls_extinction_expression                 ? 
_refine.ls_extinction_method                     ? 
_refine.ls_goodness_of_fit_all                   ? 
_refine.ls_goodness_of_fit_all_esd               ? 
_refine.ls_goodness_of_fit_obs                   ? 
_refine.ls_goodness_of_fit_obs_esd               ? 
_refine.ls_hydrogen_treatment                    ? 
_refine.ls_matrix_type                           ? 
_refine.ls_number_constraints                    ? 
_refine.ls_number_parameters                     ? 
_refine.ls_number_reflns_all                     ? 
_refine.ls_number_reflns_obs                     4319 
_refine.ls_number_reflns_R_free                  228 
_refine.ls_number_reflns_R_work                  4091 
_refine.ls_number_restraints                     ? 
_refine.ls_percent_reflns_obs                    96.1700 
_refine.ls_percent_reflns_R_free                 5.2800 
_refine.ls_R_factor_all                          ? 
_refine.ls_R_factor_obs                          0.2039 
_refine.ls_R_factor_R_free                       0.2414 
_refine.ls_R_factor_R_free_error                 ? 
_refine.ls_R_factor_R_free_error_details         ? 
_refine.ls_R_factor_R_work                       0.2019 
_refine.ls_R_Fsqd_factor_obs                     ? 
_refine.ls_R_I_factor_obs                        ? 
_refine.ls_redundancy_reflns_all                 ? 
_refine.ls_redundancy_reflns_obs                 ? 
_refine.ls_restrained_S_all                      ? 
_refine.ls_restrained_S_obs                      ? 
_refine.ls_shift_over_esd_max                    ? 
_refine.ls_shift_over_esd_mean                   ? 
_refine.ls_structure_factor_coef                 ? 
_refine.ls_weighting_details                     ? 
_refine.ls_weighting_scheme                      ? 
_refine.ls_wR_factor_all                         ? 
_refine.ls_wR_factor_obs                         ? 
_refine.ls_wR_factor_R_free                      ? 
_refine.ls_wR_factor_R_work                      ? 
_refine.occupancy_max                            ? 
_refine.occupancy_min                            ? 
_refine.solvent_model_details                    'FLAT BULK SOLVENT MODEL' 
_refine.solvent_model_param_bsol                 ? 
_refine.solvent_model_param_ksol                 ? 
_refine.pdbx_R_complete                          ? 
_refine.ls_R_factor_gt                           ? 
_refine.ls_goodness_of_fit_gt                    ? 
_refine.ls_goodness_of_fit_ref                   ? 
_refine.ls_shift_over_su_max                     ? 
_refine.ls_shift_over_su_max_lt                  ? 
_refine.ls_shift_over_su_mean                    ? 
_refine.ls_shift_over_su_mean_lt                 ? 
_refine.pdbx_ls_sigma_I                          ? 
_refine.pdbx_ls_sigma_F                          1.380 
_refine.pdbx_ls_sigma_Fsqd                       ? 
_refine.pdbx_data_cutoff_high_absF               ? 
_refine.pdbx_data_cutoff_high_rms_absF           ? 
_refine.pdbx_data_cutoff_low_absF                ? 
_refine.pdbx_isotropic_thermal_model             ? 
_refine.pdbx_ls_cross_valid_method               THROUGHOUT 
_refine.pdbx_method_to_determine_struct          'MOLECULAR REPLACEMENT' 
_refine.pdbx_starting_model                      7EOG 
_refine.pdbx_stereochemistry_target_values       ML 
_refine.pdbx_R_Free_selection_details            ? 
_refine.pdbx_stereochem_target_val_spec_case     ? 
_refine.pdbx_overall_ESU_R                       ? 
_refine.pdbx_overall_ESU_R_Free                  ? 
_refine.pdbx_solvent_vdw_probe_radii             1.1100 
_refine.pdbx_solvent_ion_probe_radii             ? 
_refine.pdbx_solvent_shrinkage_radii             0.9000 
_refine.pdbx_real_space_R                        ? 
_refine.pdbx_density_correlation                 ? 
_refine.pdbx_pd_number_of_powder_patterns        ? 
_refine.pdbx_pd_number_of_points                 ? 
_refine.pdbx_pd_meas_number_of_points            ? 
_refine.pdbx_pd_proc_ls_prof_R_factor            ? 
_refine.pdbx_pd_proc_ls_prof_wR_factor           ? 
_refine.pdbx_pd_Marquardt_correlation_coeff      ? 
_refine.pdbx_pd_Fsqrd_R_factor                   ? 
_refine.pdbx_pd_ls_matrix_band_width             ? 
_refine.pdbx_overall_phase_error                 19.5900 
_refine.pdbx_overall_SU_R_free_Cruickshank_DPI   ? 
_refine.pdbx_overall_SU_R_free_Blow_DPI          ? 
_refine.pdbx_overall_SU_R_Blow_DPI               ? 
_refine.pdbx_TLS_residual_ADP_flag               ? 
_refine.pdbx_diffrn_id                           1 
_refine.overall_SU_B                             ? 
_refine.overall_SU_ML                            0.3500 
_refine.overall_SU_R_Cruickshank_DPI             ? 
_refine.overall_SU_R_free                        ? 
_refine.overall_FOM_free_R_set                   ? 
_refine.overall_FOM_work_R_set                   ? 
_refine.pdbx_average_fsc_overall                 ? 
_refine.pdbx_average_fsc_work                    ? 
_refine.pdbx_average_fsc_free                    ? 
# 
_refine_hist.pdbx_refine_id                   'X-RAY DIFFRACTION' 
_refine_hist.cycle_id                         final 
_refine_hist.details                          ? 
_refine_hist.d_res_high                       2.7000 
_refine_hist.d_res_low                        45.2220 
_refine_hist.number_atoms_solvent             21 
_refine_hist.number_atoms_total               1109 
_refine_hist.number_reflns_all                ? 
_refine_hist.number_reflns_obs                ? 
_refine_hist.number_reflns_R_free             ? 
_refine_hist.number_reflns_R_work             ? 
_refine_hist.R_factor_all                     ? 
_refine_hist.R_factor_obs                     ? 
_refine_hist.R_factor_R_free                  ? 
_refine_hist.R_factor_R_work                  ? 
_refine_hist.pdbx_number_residues_total       49 
_refine_hist.pdbx_B_iso_mean_ligand           58.75 
_refine_hist.pdbx_B_iso_mean_solvent          47.59 
_refine_hist.pdbx_number_atoms_protein        0 
_refine_hist.pdbx_number_atoms_nucleic_acid   1054 
_refine_hist.pdbx_number_atoms_ligand         34 
_refine_hist.pdbx_number_atoms_lipid          ? 
_refine_hist.pdbx_number_atoms_carb           ? 
_refine_hist.pdbx_pseudo_atom_details         ? 
# 
loop_
_refine_ls_shell.pdbx_refine_id 
_refine_ls_shell.d_res_high 
_refine_ls_shell.d_res_low 
_refine_ls_shell.number_reflns_all 
_refine_ls_shell.number_reflns_obs 
_refine_ls_shell.number_reflns_R_free 
_refine_ls_shell.number_reflns_R_work 
_refine_ls_shell.percent_reflns_obs 
_refine_ls_shell.percent_reflns_R_free 
_refine_ls_shell.R_factor_all 
_refine_ls_shell.R_factor_obs 
_refine_ls_shell.R_factor_R_free 
_refine_ls_shell.R_factor_R_free_error 
_refine_ls_shell.R_factor_R_work 
_refine_ls_shell.redundancy_reflns_all 
_refine_ls_shell.redundancy_reflns_obs 
_refine_ls_shell.wR_factor_all 
_refine_ls_shell.wR_factor_obs 
_refine_ls_shell.wR_factor_R_free 
_refine_ls_shell.wR_factor_R_work 
_refine_ls_shell.pdbx_R_complete 
_refine_ls_shell.pdbx_total_number_of_bins_used 
_refine_ls_shell.pdbx_phase_error 
_refine_ls_shell.pdbx_fsc_work 
_refine_ls_shell.pdbx_fsc_free 
'X-RAY DIFFRACTION' 2.7000 3.4016  . . 116 2013 96.0000 . . . 0.3039 0.0000 0.2584 . . . . . . . . . . . 
'X-RAY DIFFRACTION' 3.4016 45.2220 . . 112 2078 97.0000 . . . 0.2168 0.0000 0.1825 . . . . . . . . . . . 
# 
_struct.entry_id                     7EOK 
_struct.title                        'Crystal structure of the Pepper aptamer in complex with HBC485' 
_struct.pdbx_model_details           ? 
_struct.pdbx_formula_weight          ? 
_struct.pdbx_formula_weight_method   ? 
_struct.pdbx_model_type_details      ? 
_struct.pdbx_CASP_flag               N 
# 
_struct_keywords.entry_id        7EOK 
_struct_keywords.text            'Fluorescent RNA, Aptamer, HBC485, RNA' 
_struct_keywords.pdbx_keywords   RNA 
# 
loop_
_struct_asym.id 
_struct_asym.pdbx_blank_PDB_chainid_flag 
_struct_asym.pdbx_modified 
_struct_asym.entity_id 
_struct_asym.details 
A N N 1 ? 
B N N 2 ? 
C N N 3 ? 
D N N 4 ? 
E N N 4 ? 
F N N 4 ? 
G N N 4 ? 
H N N 4 ? 
I N N 4 ? 
J N N 4 ? 
K N N 4 ? 
L N N 4 ? 
M N N 5 ? 
# 
loop_
_struct_conn.id 
_struct_conn.conn_type_id 
_struct_conn.pdbx_leaving_atom_flag 
_struct_conn.pdbx_PDB_id 
_struct_conn.ptnr1_label_asym_id 
_struct_conn.ptnr1_label_comp_id 
_struct_conn.ptnr1_label_seq_id 
_struct_conn.ptnr1_label_atom_id 
_struct_conn.pdbx_ptnr1_label_alt_id 
_struct_conn.pdbx_ptnr1_PDB_ins_code 
_struct_conn.pdbx_ptnr1_standard_comp_id 
_struct_conn.ptnr1_symmetry 
_struct_conn.ptnr2_label_asym_id 
_struct_conn.ptnr2_label_comp_id 
_struct_conn.ptnr2_label_seq_id 
_struct_conn.ptnr2_label_atom_id 
_struct_conn.pdbx_ptnr2_label_alt_id 
_struct_conn.pdbx_ptnr2_PDB_ins_code 
_struct_conn.ptnr1_auth_asym_id 
_struct_conn.ptnr1_auth_comp_id 
_struct_conn.ptnr1_auth_seq_id 
_struct_conn.ptnr2_auth_asym_id 
_struct_conn.ptnr2_auth_comp_id 
_struct_conn.ptnr2_auth_seq_id 
_struct_conn.ptnr2_symmetry 
_struct_conn.pdbx_ptnr3_label_atom_id 
_struct_conn.pdbx_ptnr3_label_seq_id 
_struct_conn.pdbx_ptnr3_label_comp_id 
_struct_conn.pdbx_ptnr3_label_asym_id 
_struct_conn.pdbx_ptnr3_label_alt_id 
_struct_conn.pdbx_ptnr3_PDB_ins_code 
_struct_conn.details 
_struct_conn.pdbx_dist_value 
_struct_conn.pdbx_value_order 
_struct_conn.pdbx_role 
covale1  covale both ? A G   1  P     ? ? ? 1_555 B GTP .  "O3'" ? ? A G   2   A GTP 101 1_555 ? ? ? ? ? ? ?                       
1.562 ? ? 
metalc1  metalc ?    ? A C   2  O2    ? ? ? 1_555 J MG  .  MG    ? ? A C   3   A MG  109 4_556 ? ? ? ? ? ? ?                       
2.745 ? ? 
metalc2  metalc ?    ? A C   6  OP2   ? ? ? 1_555 D MG  .  MG    ? ? A C   7   A MG  103 1_555 ? ? ? ? ? ? ?                       
2.340 ? ? 
metalc3  metalc ?    ? A U   7  OP2   ? ? ? 1_555 D MG  .  MG    ? ? A U   8   A MG  103 1_555 ? ? ? ? ? ? ?                       
2.216 ? ? 
metalc4  metalc ?    ? A C   28 "O3'" ? ? ? 1_555 J MG  .  MG    ? ? A C   29  A MG  109 1_555 ? ? ? ? ? ? ?                       
2.972 ? ? 
metalc5  metalc ?    ? A A   29 OP1   ? ? ? 1_555 J MG  .  MG    ? ? A A   30  A MG  109 1_555 ? ? ? ? ? ? ?                       
2.465 ? ? 
metalc6  metalc ?    ? A A   29 OP2   ? ? ? 1_555 K MG  .  MG    ? ? A A   30  A MG  110 1_555 ? ? ? ? ? ? ?                       
2.456 ? ? 
metalc7  metalc ?    ? A U   31 OP2   ? ? ? 1_555 F MG  .  MG    ? ? A U   32  A MG  105 1_555 ? ? ? ? ? ? ?                       
2.262 ? ? 
metalc8  metalc ?    ? A U   34 O4    ? ? ? 1_555 E MG  .  MG    ? ? A U   35  A MG  104 1_555 ? ? ? ? ? ? ?                       
2.340 ? ? 
metalc9  metalc ?    ? A A   35 OP2   ? ? ? 1_555 H MG  .  MG    ? ? A A   36  A MG  107 1_555 ? ? ? ? ? ? ?                       
2.670 ? ? 
metalc10 metalc ?    ? A G   36 OP2   ? ? ? 1_555 H MG  .  MG    ? ? A G   37  A MG  107 1_555 ? ? ? ? ? ? ?                       
2.421 ? ? 
metalc11 metalc ?    ? A C   37 OP2   ? ? ? 1_555 E MG  .  MG    ? ? A C   38  A MG  104 1_555 ? ? ? ? ? ? ?                       
2.762 ? ? 
metalc12 metalc ?    ? A C   42 OP2   ? ? ? 1_555 G MG  .  MG    ? ? A C   43  A MG  106 1_555 ? ? ? ? ? ? ?                       
1.912 ? ? 
metalc13 metalc ?    ? A G   43 OP2   ? ? ? 1_555 G MG  .  MG    ? ? A G   44  A MG  106 1_555 ? ? ? ? ? ? ?                       
1.909 ? ? 
metalc14 metalc ?    ? A C   47 O2    ? ? ? 1_555 J MG  .  MG    ? ? A C   48  A MG  109 4_556 ? ? ? ? ? ? ?                       
2.664 ? ? 
metalc15 metalc ?    ? A C   48 "O3'" ? ? ? 1_555 L MG  .  MG    ? ? A C   49  A MG  111 1_555 ? ? ? ? ? ? ?                       
1.979 ? ? 
metalc16 metalc ?    ? A C   48 "O2'" ? ? ? 1_555 L MG  .  MG    ? ? A C   49  A MG  111 1_555 ? ? ? ? ? ? ?                       
1.867 ? ? 
metalc17 metalc ?    ? B GTP .  O3A   ? ? ? 1_555 I MG  .  MG    ? ? A GTP 101 A MG  108 1_555 ? ? ? ? ? ? ?                       
2.763 ? ? 
metalc18 metalc ?    ? B GTP .  O1A   ? ? ? 1_555 I MG  .  MG    ? ? A GTP 101 A MG  108 1_555 ? ? ? ? ? ? ?                       
2.530 ? ? 
metalc19 metalc ?    ? E MG  .  MG    ? ? ? 1_555 M HOH .  O     ? ? A MG  104 A HOH 203 1_555 ? ? ? ? ? ? ?                       
2.306 ? ? 
metalc20 metalc ?    ? E MG  .  MG    ? ? ? 1_555 M HOH .  O     ? ? A MG  104 A HOH 214 1_555 ? ? ? ? ? ? ?                       
2.032 ? ? 
metalc21 metalc ?    ? F MG  .  MG    ? ? ? 1_555 M HOH .  O     ? ? A MG  105 A HOH 201 1_555 ? ? ? ? ? ? ?                       
2.234 ? ? 
metalc22 metalc ?    ? F MG  .  MG    ? ? ? 1_555 M HOH .  O     ? ? A MG  105 A HOH 208 1_555 ? ? ? ? ? ? ?                       
2.681 ? ? 
metalc23 metalc ?    ? F MG  .  MG    ? ? ? 1_555 M HOH .  O     ? ? A MG  105 A HOH 210 1_555 ? ? ? ? ? ? ?                       
2.314 ? ? 
metalc24 metalc ?    ? F MG  .  MG    ? ? ? 1_555 M HOH .  O     ? ? A MG  105 A HOH 215 1_555 ? ? ? ? ? ? ?                       
2.355 ? ? 
metalc25 metalc ?    ? I MG  .  MG    ? ? ? 1_555 M HOH .  O     ? ? A MG  108 A HOH 211 1_555 ? ? ? ? ? ? ?                       
2.648 ? ? 
metalc26 metalc ?    ? J MG  .  MG    ? ? ? 1_555 M HOH .  O     ? ? A MG  109 A HOH 209 1_555 ? ? ? ? ? ? ?                       
2.570 ? ? 
metalc27 metalc ?    ? K MG  .  MG    ? ? ? 1_555 M HOH .  O     ? ? A MG  110 A HOH 205 1_555 ? ? ? ? ? ? ?                       
2.271 ? ? 
hydrog1  hydrog ?    ? A G   1  N1    ? ? ? 1_555 A C   47 N3    ? ? A G   2   A C   48  1_555 ? ? ? ? ? ? WATSON-CRICK            
?     ? ? 
hydrog2  hydrog ?    ? A G   1  N2    ? ? ? 1_555 A C   47 O2    ? ? A G   2   A C   48  1_555 ? ? ? ? ? ? WATSON-CRICK            
?     ? ? 
hydrog3  hydrog ?    ? A G   1  O6    ? ? ? 1_555 A C   47 N4    ? ? A G   2   A C   48  1_555 ? ? ? ? ? ? WATSON-CRICK            
?     ? ? 
hydrog4  hydrog ?    ? A C   2  N3    ? ? ? 1_555 A G   46 N1    ? ? A C   3   A G   47  1_555 ? ? ? ? ? ? WATSON-CRICK            
?     ? ? 
hydrog5  hydrog ?    ? A C   2  N4    ? ? ? 1_555 A G   46 O6    ? ? A C   3   A G   47  1_555 ? ? ? ? ? ? WATSON-CRICK            
?     ? ? 
hydrog6  hydrog ?    ? A C   2  O2    ? ? ? 1_555 A G   46 N2    ? ? A C   3   A G   47  1_555 ? ? ? ? ? ? WATSON-CRICK            
?     ? ? 
hydrog7  hydrog ?    ? A G   3  N1    ? ? ? 1_555 A C   45 N3    ? ? A G   4   A C   46  1_555 ? ? ? ? ? ? WATSON-CRICK            
?     ? ? 
hydrog8  hydrog ?    ? A G   3  N2    ? ? ? 1_555 A C   45 O2    ? ? A G   4   A C   46  1_555 ? ? ? ? ? ? WATSON-CRICK            
?     ? ? 
hydrog9  hydrog ?    ? A G   3  O6    ? ? ? 1_555 A C   45 N4    ? ? A G   4   A C   46  1_555 ? ? ? ? ? ? WATSON-CRICK            
?     ? ? 
hydrog10 hydrog ?    ? A C   4  N3    ? ? ? 1_555 A G   44 N1    ? ? A C   5   A G   45  1_555 ? ? ? ? ? ? WATSON-CRICK            
?     ? ? 
hydrog11 hydrog ?    ? A C   4  N4    ? ? ? 1_555 A G   44 O6    ? ? A C   5   A G   45  1_555 ? ? ? ? ? ? WATSON-CRICK            
?     ? ? 
hydrog12 hydrog ?    ? A C   4  O2    ? ? ? 1_555 A G   44 N2    ? ? A C   5   A G   45  1_555 ? ? ? ? ? ? WATSON-CRICK            
?     ? ? 
hydrog13 hydrog ?    ? A C   6  N3    ? ? ? 1_555 A G   43 N1    ? ? A C   7   A G   44  1_555 ? ? ? ? ? ? WATSON-CRICK            
?     ? ? 
hydrog14 hydrog ?    ? A C   6  N4    ? ? ? 1_555 A G   43 O6    ? ? A C   7   A G   44  1_555 ? ? ? ? ? ? WATSON-CRICK            
?     ? ? 
hydrog15 hydrog ?    ? A C   6  O2    ? ? ? 1_555 A G   43 N2    ? ? A C   7   A G   44  1_555 ? ? ? ? ? ? WATSON-CRICK            
?     ? ? 
hydrog16 hydrog ?    ? A U   7  O4    ? ? ? 1_555 A G   40 N2    ? ? A U   8   A G   41  1_555 ? ? ? ? ? ? 'U-G MISPAIR'           
?     ? ? 
hydrog17 hydrog ?    ? A U   7  N3    ? ? ? 1_555 A U   41 O4    ? ? A U   8   A U   42  1_555 ? ? ? ? ? ? TYPE_16_PAIR            
?     ? ? 
hydrog18 hydrog ?    ? A U   7  O2    ? ? ? 1_555 A U   41 N3    ? ? A U   8   A U   42  1_555 ? ? ? ? ? ? TYPE_16_PAIR            
?     ? ? 
hydrog19 hydrog ?    ? A G   8  N1    ? ? ? 1_555 A C   32 O2    ? ? A G   9   A C   33  1_555 ? ? ? ? ? ? 'REVERSED WATSON-CRICK' 
?     ? ? 
hydrog20 hydrog ?    ? A G   8  N2    ? ? ? 1_555 A C   32 N3    ? ? A G   9   A C   33  1_555 ? ? ? ? ? ? 'REVERSED WATSON-CRICK' 
?     ? ? 
hydrog21 hydrog ?    ? A G   9  N1    ? ? ? 1_555 A U   39 O2    ? ? A G   10  A U   40  1_555 ? ? ? ? ? ? TYPE_28_PAIR            
?     ? ? 
hydrog22 hydrog ?    ? A G   9  O6    ? ? ? 1_555 A U   39 N3    ? ? A G   10  A U   40  1_555 ? ? ? ? ? ? TYPE_28_PAIR            
?     ? ? 
hydrog23 hydrog ?    ? A C   10 N3    ? ? ? 1_555 A G   38 N1    ? ? A C   11  A G   39  1_555 ? ? ? ? ? ? WATSON-CRICK            
?     ? ? 
hydrog24 hydrog ?    ? A C   10 N4    ? ? ? 1_555 A G   38 O6    ? ? A C   11  A G   39  1_555 ? ? ? ? ? ? WATSON-CRICK            
?     ? ? 
hydrog25 hydrog ?    ? A C   10 O2    ? ? ? 1_555 A G   38 N2    ? ? A C   11  A G   39  1_555 ? ? ? ? ? ? WATSON-CRICK            
?     ? ? 
hydrog26 hydrog ?    ? A G   11 N1    ? ? ? 1_555 A C   37 N3    ? ? A G   12  A C   38  1_555 ? ? ? ? ? ? WATSON-CRICK            
?     ? ? 
hydrog27 hydrog ?    ? A G   11 N2    ? ? ? 1_555 A C   37 O2    ? ? A G   12  A C   38  1_555 ? ? ? ? ? ? WATSON-CRICK            
?     ? ? 
hydrog28 hydrog ?    ? A G   11 O6    ? ? ? 1_555 A C   37 N4    ? ? A G   12  A C   38  1_555 ? ? ? ? ? ? WATSON-CRICK            
?     ? ? 
hydrog29 hydrog ?    ? A C   12 N3    ? ? ? 1_555 A G   36 N1    ? ? A C   13  A G   37  1_555 ? ? ? ? ? ? WATSON-CRICK            
?     ? ? 
hydrog30 hydrog ?    ? A C   12 N4    ? ? ? 1_555 A G   36 O6    ? ? A C   13  A G   37  1_555 ? ? ? ? ? ? WATSON-CRICK            
?     ? ? 
hydrog31 hydrog ?    ? A C   12 O2    ? ? ? 1_555 A G   36 N2    ? ? A C   13  A G   37  1_555 ? ? ? ? ? ? WATSON-CRICK            
?     ? ? 
hydrog32 hydrog ?    ? A U   13 N3    ? ? ? 1_555 A A   35 N1    ? ? A U   14  A A   36  1_555 ? ? ? ? ? ? WATSON-CRICK            
?     ? ? 
hydrog33 hydrog ?    ? A U   13 O4    ? ? ? 1_555 A A   35 N6    ? ? A U   14  A A   36  1_555 ? ? ? ? ? ? WATSON-CRICK            
?     ? ? 
hydrog34 hydrog ?    ? A G   14 N1    ? ? ? 1_555 A C   27 N3    ? ? A G   15  A C   28  1_555 ? ? ? ? ? ? WATSON-CRICK            
?     ? ? 
hydrog35 hydrog ?    ? A G   14 N2    ? ? ? 1_555 A C   27 O2    ? ? A G   15  A C   28  1_555 ? ? ? ? ? ? WATSON-CRICK            
?     ? ? 
hydrog36 hydrog ?    ? A G   14 O6    ? ? ? 1_555 A C   27 N4    ? ? A G   15  A C   28  1_555 ? ? ? ? ? ? WATSON-CRICK            
?     ? ? 
hydrog37 hydrog ?    ? A C   15 N3    ? ? ? 1_555 A G   26 N1    ? ? A C   16  A G   27  1_555 ? ? ? ? ? ? WATSON-CRICK            
?     ? ? 
hydrog38 hydrog ?    ? A C   15 N4    ? ? ? 1_555 A G   26 O6    ? ? A C   16  A G   27  1_555 ? ? ? ? ? ? WATSON-CRICK            
?     ? ? 
hydrog39 hydrog ?    ? A C   15 O2    ? ? ? 1_555 A G   26 N2    ? ? A C   16  A G   27  1_555 ? ? ? ? ? ? WATSON-CRICK            
?     ? ? 
hydrog40 hydrog ?    ? A G   16 N1    ? ? ? 1_555 A C   25 N3    ? ? A G   17  A C   26  1_555 ? ? ? ? ? ? WATSON-CRICK            
?     ? ? 
hydrog41 hydrog ?    ? A G   16 N2    ? ? ? 1_555 A C   25 O2    ? ? A G   17  A C   26  1_555 ? ? ? ? ? ? WATSON-CRICK            
?     ? ? 
hydrog42 hydrog ?    ? A G   16 O6    ? ? ? 1_555 A C   25 N4    ? ? A G   17  A C   26  1_555 ? ? ? ? ? ? WATSON-CRICK            
?     ? ? 
hydrog43 hydrog ?    ? A C   17 N3    ? ? ? 1_555 A G   24 N1    ? ? A C   18  A G   25  1_555 ? ? ? ? ? ? WATSON-CRICK            
?     ? ? 
hydrog44 hydrog ?    ? A C   17 N4    ? ? ? 1_555 A G   24 O6    ? ? A C   18  A G   25  1_555 ? ? ? ? ? ? WATSON-CRICK            
?     ? ? 
hydrog45 hydrog ?    ? A C   17 O2    ? ? ? 1_555 A G   24 N2    ? ? A C   18  A G   25  1_555 ? ? ? ? ? ? WATSON-CRICK            
?     ? ? 
hydrog46 hydrog ?    ? A C   18 N3    ? ? ? 1_555 A G   23 N1    ? ? A C   19  A G   24  1_555 ? ? ? ? ? ? WATSON-CRICK            
?     ? ? 
hydrog47 hydrog ?    ? A C   18 N4    ? ? ? 1_555 A G   23 O6    ? ? A C   19  A G   24  1_555 ? ? ? ? ? ? WATSON-CRICK            
?     ? ? 
hydrog48 hydrog ?    ? A C   18 O2    ? ? ? 1_555 A G   23 N2    ? ? A C   19  A G   24  1_555 ? ? ? ? ? ? WATSON-CRICK            
?     ? ? 
hydrog49 hydrog ?    ? A U   31 N3    ? ? ? 1_555 A U   34 O4    ? ? A U   32  A U   35  1_555 ? ? ? ? ? ? 'U-U MISPAIR'           
?     ? ? 
hydrog50 hydrog ?    ? A C   32 N4    ? ? ? 1_555 A U   39 O4    ? ? A C   33  A U   40  1_555 ? ? ? ? ? ? 'C-U MISPAIR'           
?     ? ? 
hydrog51 hydrog ?    ? A G   33 N2    ? ? ? 1_555 A G   38 N7    ? ? A G   34  A G   39  1_555 ? ? ? ? ? ? 'G-G MISPAIR'           
?     ? ? 
# 
loop_
_struct_conn_type.id 
_struct_conn_type.criteria 
_struct_conn_type.reference 
covale ? ? 
metalc ? ? 
hydrog ? ? 
# 
_atom_sites.entry_id                    7EOK 
_atom_sites.Cartn_transf_matrix[1][1]   ? 
_atom_sites.Cartn_transf_matrix[1][2]   ? 
_atom_sites.Cartn_transf_matrix[1][3]   ? 
_atom_sites.Cartn_transf_matrix[2][1]   ? 
_atom_sites.Cartn_transf_matrix[2][2]   ? 
_atom_sites.Cartn_transf_matrix[2][3]   ? 
_atom_sites.Cartn_transf_matrix[3][1]   ? 
_atom_sites.Cartn_transf_matrix[3][2]   ? 
_atom_sites.Cartn_transf_matrix[3][3]   ? 
_atom_sites.Cartn_transf_vector[1]      ? 
_atom_sites.Cartn_transf_vector[2]      ? 
_atom_sites.Cartn_transf_vector[3]      ? 
_atom_sites.fract_transf_matrix[1][1]   0.00827384 
_atom_sites.fract_transf_matrix[1][2]   0.00899146 
_atom_sites.fract_transf_matrix[1][3]   0.00534307 
_atom_sites.fract_transf_matrix[2][1]   -0.01135575 
_atom_sites.fract_transf_matrix[2][2]   -0.00362233 
_atom_sites.fract_transf_matrix[2][3]   0.02368035 
_atom_sites.fract_transf_matrix[3][1]   0.01984096 
_atom_sites.fract_transf_matrix[3][2]   -0.00381234 
_atom_sites.fract_transf_matrix[3][3]   0.00893143 
_atom_sites.fract_transf_vector[1]      0.162700 
_atom_sites.fract_transf_vector[2]      0.428021 
_atom_sites.fract_transf_vector[3]      0.269965 
_atom_sites.solution_primary            ? 
_atom_sites.solution_secondary          ? 
_atom_sites.solution_hydrogens          ? 
_atom_sites.special_details             ? 
# 
loop_
_atom_type.symbol 
C  
MG 
N  
O  
P  
# 
loop_
_atom_site.group_PDB 
_atom_site.id 
_atom_site.type_symbol 
_atom_site.label_atom_id 
_atom_site.label_alt_id 
_atom_site.label_comp_id 
_atom_site.label_asym_id 
_atom_site.label_entity_id 
_atom_site.label_seq_id 
_atom_site.pdbx_PDB_ins_code 
_atom_site.Cartn_x 
_atom_site.Cartn_y 
_atom_site.Cartn_z 
_atom_site.occupancy 
_atom_site.B_iso_or_equiv 
_atom_site.pdbx_formal_charge 
_atom_site.auth_seq_id 
_atom_site.auth_comp_id 
_atom_site.auth_asym_id 
_atom_site.auth_atom_id 
_atom_site.pdbx_PDB_model_num 
ATOM   1    P  P     . G   A 1 1  ? -3.243  -19.823 8.883   1.00 49.16  ?  2   G   A P     1 
ATOM   2    O  OP1   . G   A 1 1  ? -4.735  -20.010 8.911   1.00 40.57  ?  2   G   A OP1   1 
ATOM   3    O  OP2   . G   A 1 1  ? -2.415  -19.916 7.633   1.00 38.04  ?  2   G   A OP2   1 
ATOM   4    O  "O5'" . G   A 1 1  ? -2.533  -20.476 10.164  1.00 37.41  ?  2   G   A "O5'" 1 
ATOM   5    C  "C5'" . G   A 1 1  ? -3.220  -20.618 11.401  1.00 27.83  ?  2   G   A "C5'" 1 
ATOM   6    C  "C4'" . G   A 1 1  ? -2.249  -20.600 12.549  1.00 31.02  ?  2   G   A "C4'" 1 
ATOM   7    O  "O4'" . G   A 1 1  ? -1.227  -21.606 12.350  1.00 35.62  ?  2   G   A "O4'" 1 
ATOM   8    C  "C3'" . G   A 1 1  ? -1.450  -19.331 12.732  1.00 42.45  ?  2   G   A "C3'" 1 
ATOM   9    O  "O3'" . G   A 1 1  ? -2.202  -18.314 13.382  1.00 43.08  ?  2   G   A "O3'" 1 
ATOM   10   C  "C2'" . G   A 1 1  ? -0.257  -19.818 13.552  1.00 39.14  ?  2   G   A "C2'" 1 
ATOM   11   O  "O2'" . G   A 1 1  ? -0.634  -20.007 14.906  1.00 47.82  ?  2   G   A "O2'" 1 
ATOM   12   C  "C1'" . G   A 1 1  ? -0.016  -21.183 12.922  1.00 32.97  ?  2   G   A "C1'" 1 
ATOM   13   N  N9    . G   A 1 1  ? 0.975   -21.069 11.845  1.00 34.18  ?  2   G   A N9    1 
ATOM   14   C  C8    . G   A 1 1  ? 0.682   -20.969 10.513  1.00 36.47  ?  2   G   A C8    1 
ATOM   15   N  N7    . G   A 1 1  ? 1.739   -20.827 9.770   1.00 36.67  ?  2   G   A N7    1 
ATOM   16   C  C5    . G   A 1 1  ? 2.790   -20.839 10.678  1.00 33.36  ?  2   G   A C5    1 
ATOM   17   C  C6    . G   A 1 1  ? 4.178   -20.725 10.437  1.00 32.22  ?  2   G   A C6    1 
ATOM   18   O  O6    . G   A 1 1  ? 4.739   -20.606 9.345   1.00 33.33  ?  2   G   A O6    1 
ATOM   19   N  N1    . G   A 1 1  ? 4.899   -20.753 11.623  1.00 31.25  ?  2   G   A N1    1 
ATOM   20   C  C2    . G   A 1 1  ? 4.343   -20.923 12.872  1.00 32.15  ?  2   G   A C2    1 
ATOM   21   N  N2    . G   A 1 1  ? 5.205   -20.959 13.894  1.00 34.76  ?  2   G   A N2    1 
ATOM   22   N  N3    . G   A 1 1  ? 3.043   -21.055 13.117  1.00 32.17  ?  2   G   A N3    1 
ATOM   23   C  C4    . G   A 1 1  ? 2.334   -20.987 11.971  1.00 33.78  ?  2   G   A C4    1 
ATOM   24   P  P     . C   A 1 2  ? -1.927  -16.773 13.097  1.00 37.67  ?  3   C   A P     1 
ATOM   25   O  OP1   . C   A 1 2  ? -2.700  -16.114 14.192  1.00 51.74  ?  3   C   A OP1   1 
ATOM   26   O  OP2   . C   A 1 2  ? -2.027  -16.439 11.654  1.00 36.79  ?  3   C   A OP2   1 
ATOM   27   O  "O5'" . C   A 1 2  ? -0.435  -16.537 13.560  1.00 33.82  ?  3   C   A "O5'" 1 
ATOM   28   C  "C5'" . C   A 1 2  ? -0.154  -16.374 14.935  1.00 37.19  ?  3   C   A "C5'" 1 
ATOM   29   C  "C4'" . C   A 1 2  ? 1.320   -16.227 15.164  1.00 34.97  ?  3   C   A "C4'" 1 
ATOM   30   O  "O4'" . C   A 1 2  ? 2.005   -17.353 14.567  1.00 35.50  ?  3   C   A "O4'" 1 
ATOM   31   C  "C3'" . C   A 1 2  ? 1.991   -15.030 14.510  1.00 35.17  ?  3   C   A "C3'" 1 
ATOM   32   O  "O3'" . C   A 1 2  ? 1.786   -13.792 15.187  1.00 43.42  ?  3   C   A "O3'" 1 
ATOM   33   C  "C2'" . C   A 1 2  ? 3.431   -15.476 14.511  1.00 38.32  ?  3   C   A "C2'" 1 
ATOM   34   O  "O2'" . C   A 1 2  ? 3.936   -15.416 15.841  1.00 41.09  ?  3   C   A "O2'" 1 
ATOM   35   C  "C1'" . C   A 1 2  ? 3.271   -16.947 14.127  1.00 33.11  ?  3   C   A "C1'" 1 
ATOM   36   N  N1    . C   A 1 2  ? 3.370   -17.120 12.662  1.00 33.16  ?  3   C   A N1    1 
ATOM   37   C  C2    . C   A 1 2  ? 4.687   -17.216 12.210  1.00 37.36  ?  3   C   A C2    1 
ATOM   38   O  O2    . C   A 1 2  ? 5.613   -17.189 13.036  1.00 38.21  ?  3   C   A O2    1 
ATOM   39   N  N3    . C   A 1 2  ? 4.944   -17.361 10.898  1.00 38.56  ?  3   C   A N3    1 
ATOM   40   C  C4    . C   A 1 2  ? 3.949   -17.422 10.025  1.00 37.97  ?  3   C   A C4    1 
ATOM   41   N  N4    . C   A 1 2  ? 4.348   -17.583 8.755   1.00 30.90  ?  3   C   A N4    1 
ATOM   42   C  C5    . C   A 1 2  ? 2.568   -17.320 10.452  1.00 29.24  ?  3   C   A C5    1 
ATOM   43   C  C6    . C   A 1 2  ? 2.329   -17.159 11.769  1.00 27.62  ?  3   C   A C6    1 
ATOM   44   P  P     . G   A 1 3  ? 1.900   -12.383 14.402  1.00 36.91  ?  4   G   A P     1 
ATOM   45   O  OP1   . G   A 1 3  ? 1.576   -11.362 15.405  1.00 34.74  ?  4   G   A OP1   1 
ATOM   46   O  OP2   . G   A 1 3  ? 1.254   -12.493 13.056  1.00 30.39  ?  4   G   A OP2   1 
ATOM   47   O  "O5'" . G   A 1 3  ? 3.450   -12.187 14.122  1.00 33.51  ?  4   G   A "O5'" 1 
ATOM   48   C  "C5'" . G   A 1 3  ? 4.370   -12.029 15.190  1.00 27.68  ?  4   G   A "C5'" 1 
ATOM   49   C  "C4'" . G   A 1 3  ? 5.759   -12.046 14.640  1.00 28.80  ?  4   G   A "C4'" 1 
ATOM   50   O  "O4'" . G   A 1 3  ? 5.921   -13.270 13.888  1.00 41.03  ?  4   G   A "O4'" 1 
ATOM   51   C  "C3'" . G   A 1 3  ? 6.073   -10.978 13.616  1.00 34.96  ?  4   G   A "C3'" 1 
ATOM   52   O  "O3'" . G   A 1 3  ? 6.416   -9.739  14.195  1.00 36.85  ?  4   G   A "O3'" 1 
ATOM   53   C  "C2'" . G   A 1 3  ? 7.216   -11.592 12.834  1.00 35.25  ?  4   G   A "C2'" 1 
ATOM   54   O  "O2'" . G   A 1 3  ? 8.416   -11.439 13.563  1.00 49.18  ?  4   G   A "O2'" 1 
ATOM   55   C  "C1'" . G   A 1 3  ? 6.845   -13.068 12.849  1.00 38.14  ?  4   G   A "C1'" 1 
ATOM   56   N  N9    . G   A 1 3  ? 6.266   -13.503 11.577  1.00 39.57  ?  4   G   A N9    1 
ATOM   57   C  C8    . G   A 1 3  ? 4.951   -13.685 11.248  1.00 40.34  ?  4   G   A C8    1 
ATOM   58   N  N7    . G   A 1 3  ? 4.794   -14.066 10.011  1.00 37.48  ?  4   G   A N7    1 
ATOM   59   C  C5    . G   A 1 3  ? 6.090   -14.130 9.523   1.00 39.07  ?  4   G   A C5    1 
ATOM   60   C  C6    . G   A 1 3  ? 6.559   -14.479 8.246   1.00 41.23  ?  4   G   A C6    1 
ATOM   61   O  O6    . G   A 1 3  ? 5.880   -14.824 7.285   1.00 46.48  ?  4   G   A O6    1 
ATOM   62   N  N1    . G   A 1 3  ? 7.938   -14.422 8.157   1.00 38.72  ?  4   G   A N1    1 
ATOM   63   C  C2    . G   A 1 3  ? 8.763   -14.074 9.190   1.00 40.36  ?  4   G   A C2    1 
ATOM   64   N  N2    . G   A 1 3  ? 10.074  -14.073 8.926   1.00 42.33  ?  4   G   A N2    1 
ATOM   65   N  N3    . G   A 1 3  ? 8.347   -13.747 10.395  1.00 38.79  ?  4   G   A N3    1 
ATOM   66   C  C4    . G   A 1 3  ? 7.008   -13.797 10.474  1.00 39.04  ?  4   G   A C4    1 
ATOM   67   P  P     . C   A 1 4  ? 6.246   -8.370  13.366  1.00 45.79  ?  5   C   A P     1 
ATOM   68   O  OP1   . C   A 1 4  ? 6.675   -7.334  14.358  1.00 38.60  ?  5   C   A OP1   1 
ATOM   69   O  OP2   . C   A 1 4  ? 4.907   -8.334  12.690  1.00 29.93  ?  5   C   A OP2   1 
ATOM   70   O  "O5'" . C   A 1 4  ? 7.343   -8.447  12.204  1.00 38.62  ?  5   C   A "O5'" 1 
ATOM   71   C  "C5'" . C   A 1 4  ? 8.717   -8.391  12.511  1.00 35.82  ?  5   C   A "C5'" 1 
ATOM   72   C  "C4'" . C   A 1 4  ? 9.578   -8.550  11.283  1.00 51.26  ?  5   C   A "C4'" 1 
ATOM   73   O  "O4'" . C   A 1 4  ? 9.350   -9.829  10.653  1.00 46.17  ?  5   C   A "O4'" 1 
ATOM   74   C  "C3'" . C   A 1 4  ? 9.393   -7.523  10.166  1.00 54.71  ?  5   C   A "C3'" 1 
ATOM   75   O  "O3'" . C   A 1 4  ? 10.202  -6.380  10.405  1.00 52.92  ?  5   C   A "O3'" 1 
ATOM   76   C  "C2'" . C   A 1 4  ? 9.866   -8.265  8.920   1.00 55.63  ?  5   C   A "C2'" 1 
ATOM   77   O  "O2'" . C   A 1 4  ? 11.258  -8.044  8.711   1.00 57.40  ?  5   C   A "O2'" 1 
ATOM   78   C  "C1'" . C   A 1 4  ? 9.616   -9.742  9.275   1.00 46.49  ?  5   C   A "C1'" 1 
ATOM   79   N  N1    . C   A 1 4  ? 8.461   -10.309 8.558   1.00 49.52  ?  5   C   A N1    1 
ATOM   80   C  C2    . C   A 1 4  ? 8.601   -10.635 7.209   1.00 48.85  ?  5   C   A C2    1 
ATOM   81   O  O2    . C   A 1 4  ? 9.691   -10.399 6.667   1.00 54.88  ?  5   C   A O2    1 
ATOM   82   N  N3    . C   A 1 4  ? 7.558   -11.176 6.543   1.00 47.83  ?  5   C   A N3    1 
ATOM   83   C  C4    . C   A 1 4  ? 6.397   -11.393 7.185   1.00 54.34  ?  5   C   A C4    1 
ATOM   84   N  N4    . C   A 1 4  ? 5.363   -11.923 6.502   1.00 48.70  ?  5   C   A N4    1 
ATOM   85   C  C5    . C   A 1 4  ? 6.235   -11.062 8.569   1.00 49.92  ?  5   C   A C5    1 
ATOM   86   C  C6    . C   A 1 4  ? 7.284   -10.533 9.218   1.00 46.20  ?  5   C   A C6    1 
ATOM   87   P  P     . A   A 1 5  ? 9.696   -4.867  10.191  1.00 54.51  ?  6   A   A P     1 
ATOM   88   O  OP1   . A   A 1 5  ? 10.952  -4.105  10.470  1.00 58.65  ?  6   A   A OP1   1 
ATOM   89   O  OP2   . A   A 1 5  ? 8.416   -4.534  10.870  1.00 53.81  ?  6   A   A OP2   1 
ATOM   90   O  "O5'" . A   A 1 5  ? 9.324   -4.767  8.649   1.00 57.69  ?  6   A   A "O5'" 1 
ATOM   91   C  "C5'" . A   A 1 5  ? 10.223  -5.166  7.620   1.00 53.30  ?  6   A   A "C5'" 1 
ATOM   92   C  "C4'" . A   A 1 5  ? 9.487   -5.303  6.320   1.00 48.94  ?  6   A   A "C4'" 1 
ATOM   93   O  "O4'" . A   A 1 5  ? 8.471   -6.317  6.493   1.00 52.69  ?  6   A   A "O4'" 1 
ATOM   94   C  "C3'" . A   A 1 5  ? 8.751   -4.045  5.863   1.00 50.86  ?  6   A   A "C3'" 1 
ATOM   95   O  "O3'" . A   A 1 5  ? 8.682   -4.056  4.444   1.00 52.26  ?  6   A   A "O3'" 1 
ATOM   96   C  "C2'" . A   A 1 5  ? 7.356   -4.244  6.444   1.00 53.16  ?  6   A   A "C2'" 1 
ATOM   97   O  "O2'" . A   A 1 5  ? 6.321   -3.552  5.783   1.00 49.50  ?  6   A   A "O2'" 1 
ATOM   98   C  "C1'" . A   A 1 5  ? 7.180   -5.754  6.320   1.00 54.55  ?  6   A   A "C1'" 1 
ATOM   99   N  N9    . A   A 1 5  ? 6.351   -6.303  7.379   1.00 54.84  ?  6   A   A N9    1 
ATOM   100  C  C8    . A   A 1 5  ? 6.437   -5.995  8.715   1.00 55.15  ?  6   A   A C8    1 
ATOM   101  N  N7    . A   A 1 5  ? 5.573   -6.653  9.446   1.00 56.40  ?  6   A   A N7    1 
ATOM   102  C  C5    . A   A 1 5  ? 4.890   -7.438  8.519   1.00 57.36  ?  6   A   A C5    1 
ATOM   103  C  C6    . A   A 1 5  ? 3.859   -8.370  8.650   1.00 57.80  ?  6   A   A C6    1 
ATOM   104  N  N6    . A   A 1 5  ? 3.294   -8.678  9.818   1.00 56.10  ?  6   A   A N6    1 
ATOM   105  N  N1    . A   A 1 5  ? 3.409   -8.967  7.529   1.00 60.06  ?  6   A   A N1    1 
ATOM   106  C  C2    . A   A 1 5  ? 3.977   -8.674  6.361   1.00 55.46  ?  6   A   A C2    1 
ATOM   107  N  N3    . A   A 1 5  ? 4.955   -7.819  6.116   1.00 58.31  ?  6   A   A N3    1 
ATOM   108  C  C4    . A   A 1 5  ? 5.365   -7.234  7.244   1.00 54.74  ?  6   A   A C4    1 
ATOM   109  P  P     . C   A 1 6  ? 9.953   -3.578  3.597   1.00 48.59  ?  7   C   A P     1 
ATOM   110  O  OP1   . C   A 1 6  ? 10.660  -2.602  4.461   1.00 42.83  ?  7   C   A OP1   1 
ATOM   111  O  OP2   . C   A 1 6  ? 9.467   -3.157  2.261   1.00 54.23  ?  7   C   A OP2   1 
ATOM   112  O  "O5'" . C   A 1 6  ? 10.820  -4.913  3.415   1.00 51.86  ?  7   C   A "O5'" 1 
ATOM   113  C  "C5'" . C   A 1 6  ? 12.079  -4.902  2.751   1.00 47.06  ?  7   C   A "C5'" 1 
ATOM   114  C  "C4'" . C   A 1 6  ? 12.154  -5.978  1.706   1.00 54.50  ?  7   C   A "C4'" 1 
ATOM   115  O  "O4'" . C   A 1 6  ? 11.894  -7.270  2.326   1.00 61.36  ?  7   C   A "O4'" 1 
ATOM   116  C  "C3'" . C   A 1 6  ? 11.124  -5.869  0.589   1.00 59.72  ?  7   C   A "C3'" 1 
ATOM   117  O  "O3'" . C   A 1 6  ? 11.569  -5.016  -0.459  1.00 66.99  ?  7   C   A "O3'" 1 
ATOM   118  C  "C2'" . C   A 1 6  ? 10.925  -7.319  0.152   1.00 60.11  ?  7   C   A "C2'" 1 
ATOM   119  O  "O2'" . C   A 1 6  ? 11.929  -7.724  -0.767  1.00 68.75  ?  7   C   A "O2'" 1 
ATOM   120  C  "C1'" . C   A 1 6  ? 11.123  -8.084  1.464   1.00 60.61  ?  7   C   A "C1'" 1 
ATOM   121  N  N1    . C   A 1 6  ? 9.838   -8.421  2.139   1.00 60.12  ?  7   C   A N1    1 
ATOM   122  C  C2    . C   A 1 6  ? 8.826   -9.145  1.484   1.00 61.08  ?  7   C   A C2    1 
ATOM   123  O  O2    . C   A 1 6  ? 8.973   -9.527  0.315   1.00 65.90  ?  7   C   A O2    1 
ATOM   124  N  N3    . C   A 1 6  ? 7.676   -9.425  2.122   1.00 55.29  ?  7   C   A N3    1 
ATOM   125  C  C4    . C   A 1 6  ? 7.501   -9.037  3.368   1.00 54.44  ?  7   C   A C4    1 
ATOM   126  N  N4    . C   A 1 6  ? 6.341   -9.348  3.945   1.00 59.96  ?  7   C   A N4    1 
ATOM   127  C  C5    . C   A 1 6  ? 8.502   -8.325  4.076   1.00 53.89  ?  7   C   A C5    1 
ATOM   128  C  C6    . C   A 1 6  ? 9.638   -8.040  3.434   1.00 55.20  ?  7   C   A C6    1 
ATOM   129  P  P     . U   A 1 7  ? 10.571  -4.012  -1.237  1.00 65.94  ?  8   U   A P     1 
ATOM   130  O  OP1   . U   A 1 7  ? 11.342  -3.488  -2.404  1.00 61.61  ?  8   U   A OP1   1 
ATOM   131  O  OP2   . U   A 1 7  ? 10.087  -2.974  -0.284  1.00 56.81  ?  8   U   A OP2   1 
ATOM   132  O  "O5'" . U   A 1 7  ? 9.386   -4.963  -1.766  1.00 55.99  ?  8   U   A "O5'" 1 
ATOM   133  C  "C5'" . U   A 1 7  ? 9.651   -6.047  -2.662  1.00 61.94  ?  8   U   A "C5'" 1 
ATOM   134  C  "C4'" . U   A 1 7  ? 8.510   -7.040  -2.745  1.00 57.84  ?  8   U   A "C4'" 1 
ATOM   135  O  "O4'" . U   A 1 7  ? 8.327   -7.689  -1.461  1.00 60.69  ?  8   U   A "O4'" 1 
ATOM   136  C  "C3'" . U   A 1 7  ? 7.148   -6.443  -3.073  1.00 60.82  ?  8   U   A "C3'" 1 
ATOM   137  O  "O3'" . U   A 1 7  ? 6.921   -6.306  -4.460  1.00 56.03  ?  8   U   A "O3'" 1 
ATOM   138  C  "C2'" . U   A 1 7  ? 6.166   -7.397  -2.409  1.00 58.32  ?  8   U   A "C2'" 1 
ATOM   139  O  "O2'" . U   A 1 7  ? 5.939   -8.530  -3.231  1.00 69.02  ?  8   U   A "O2'" 1 
ATOM   140  C  "C1'" . U   A 1 7  ? 6.949   -7.838  -1.178  1.00 62.20  ?  8   U   A "C1'" 1 
ATOM   141  N  N1    . U   A 1 7  ? 6.622   -7.038  0.034   1.00 59.22  ?  8   U   A N1    1 
ATOM   142  C  C2    . U   A 1 7  ? 5.437   -7.296  0.695   1.00 58.70  ?  8   U   A C2    1 
ATOM   143  O  O2    . U   A 1 7  ? 4.658   -8.136  0.290   1.00 59.26  ?  8   U   A O2    1 
ATOM   144  N  N3    . U   A 1 7  ? 5.191   -6.540  1.824   1.00 55.01  ?  8   U   A N3    1 
ATOM   145  C  C4    . U   A 1 7  ? 6.006   -5.558  2.359   1.00 58.70  ?  8   U   A C4    1 
ATOM   146  O  O4    . U   A 1 7  ? 5.689   -4.947  3.394   1.00 53.24  ?  8   U   A O4    1 
ATOM   147  C  C5    . U   A 1 7  ? 7.217   -5.358  1.608   1.00 61.01  ?  8   U   A C5    1 
ATOM   148  C  C6    . U   A 1 7  ? 7.481   -6.085  0.513   1.00 54.66  ?  8   U   A C6    1 
ATOM   149  P  P     . G   A 1 8  ? 6.858   -4.844  -5.124  1.00 68.53  ?  9   G   A P     1 
ATOM   150  O  OP1   . G   A 1 8  ? 6.094   -5.010  -6.393  1.00 67.79  ?  9   G   A OP1   1 
ATOM   151  O  OP2   . G   A 1 8  ? 8.229   -4.244  -5.037  1.00 56.78  ?  9   G   A OP2   1 
ATOM   152  O  "O5'" . G   A 1 8  ? 5.874   -4.013  -4.197  1.00 54.14  ?  9   G   A "O5'" 1 
ATOM   153  C  "C5'" . G   A 1 8  ? 4.538   -4.448  -3.994  1.00 57.94  ?  9   G   A "C5'" 1 
ATOM   154  C  "C4'" . G   A 1 8  ? 3.777   -3.439  -3.192  1.00 60.45  ?  9   G   A "C4'" 1 
ATOM   155  O  "O4'" . G   A 1 8  ? 4.305   -3.410  -1.835  1.00 60.57  ?  9   G   A "O4'" 1 
ATOM   156  C  "C3'" . G   A 1 8  ? 3.881   -2.001  -3.723  1.00 54.75  ?  9   G   A "C3'" 1 
ATOM   157  O  "O3'" . G   A 1 8  ? 2.640   -1.337  -3.523  1.00 49.93  ?  9   G   A "O3'" 1 
ATOM   158  C  "C2'" . G   A 1 8  ? 4.923   -1.383  -2.806  1.00 50.95  ?  9   G   A "C2'" 1 
ATOM   159  O  "O2'" . G   A 1 8  ? 4.830   0.022   -2.702  1.00 69.41  ?  9   G   A "O2'" 1 
ATOM   160  C  "C1'" . G   A 1 8  ? 4.587   -2.073  -1.492  1.00 55.01  ?  9   G   A "C1'" 1 
ATOM   161  N  N9    . G   A 1 8  ? 5.610   -2.005  -0.446  1.00 51.08  ?  9   G   A N9    1 
ATOM   162  C  C8    . G   A 1 8  ? 6.987   -1.910  -0.504  1.00 53.97  ?  9   G   A C8    1 
ATOM   163  N  N7    . G   A 1 8  ? 7.547   -1.827  0.678   1.00 50.68  ?  9   G   A N7    1 
ATOM   164  C  C5    . G   A 1 8  ? 6.463   -1.851  1.559   1.00 51.32  ?  9   G   A C5    1 
ATOM   165  C  C6    . G   A 1 8  ? 6.397   -1.777  2.975   1.00 48.26  ?  9   G   A C6    1 
ATOM   166  O  O6    . G   A 1 8  ? 7.310   -1.673  3.798   1.00 49.50  ?  9   G   A O6    1 
ATOM   167  N  N1    . G   A 1 8  ? 5.087   -1.823  3.428   1.00 48.54  ?  9   G   A N1    1 
ATOM   168  C  C2    . G   A 1 8  ? 3.978   -1.923  2.640   1.00 45.55  ?  9   G   A C2    1 
ATOM   169  N  N2    . G   A 1 8  ? 2.808   -1.970  3.276   1.00 44.82  ?  9   G   A N2    1 
ATOM   170  N  N3    . G   A 1 8  ? 4.012   -1.988  1.330   1.00 50.35  ?  9   G   A N3    1 
ATOM   171  C  C4    . G   A 1 8  ? 5.274   -1.943  0.872   1.00 50.97  ?  9   G   A C4    1 
ATOM   172  P  P     . G   A 1 9  ? 1.709   -0.936  -4.768  1.00 61.00  ?  10  G   A P     1 
ATOM   173  O  OP1   . G   A 1 9  ? 2.544   -0.750  -5.988  1.00 50.46  ?  10  G   A OP1   1 
ATOM   174  O  OP2   . G   A 1 9  ? 0.787   0.127   -4.269  1.00 59.87  ?  10  G   A OP2   1 
ATOM   175  O  "O5'" . G   A 1 9  ? 0.755   -2.194  -4.983  1.00 61.38  ?  10  G   A "O5'" 1 
ATOM   176  C  "C5'" . G   A 1 9  ? 1.216   -3.422  -5.532  1.00 58.19  ?  10  G   A "C5'" 1 
ATOM   177  C  "C4'" . G   A 1 9  ? 0.178   -4.476  -5.295  1.00 60.33  ?  10  G   A "C4'" 1 
ATOM   178  O  "O4'" . G   A 1 9  ? 0.396   -5.087  -3.999  1.00 67.15  ?  10  G   A "O4'" 1 
ATOM   179  C  "C3'" . G   A 1 9  ? -1.228  -3.909  -5.223  1.00 63.52  ?  10  G   A "C3'" 1 
ATOM   180  O  "O3'" . G   A 1 9  ? -1.811  -3.835  -6.502  1.00 60.95  ?  10  G   A "O3'" 1 
ATOM   181  C  "C2'" . G   A 1 9  ? -1.948  -4.847  -4.270  1.00 63.94  ?  10  G   A "C2'" 1 
ATOM   182  O  "O2'" . G   A 1 9  ? -2.409  -5.998  -4.952  1.00 61.81  ?  10  G   A "O2'" 1 
ATOM   183  C  "C1'" . G   A 1 9  ? -0.829  -5.248  -3.317  1.00 66.84  ?  10  G   A "C1'" 1 
ATOM   184  N  N9    . G   A 1 9  ? -0.818  -4.398  -2.114  1.00 70.02  ?  10  G   A N9    1 
ATOM   185  C  C8    . G   A 1 9  ? -0.146  -3.211  -1.922  1.00 63.95  ?  10  G   A C8    1 
ATOM   186  N  N7    . G   A 1 9  ? -0.348  -2.711  -0.731  1.00 68.64  ?  10  G   A N7    1 
ATOM   187  C  C5    . G   A 1 9  ? -1.203  -3.621  -0.108  1.00 65.78  ?  10  G   A C5    1 
ATOM   188  C  C6    . G   A 1 9  ? -1.777  -3.626  1.190   1.00 63.33  ?  10  G   A C6    1 
ATOM   189  O  O6    . G   A 1 9  ? -1.661  -2.811  2.106   1.00 69.79  ?  10  G   A O6    1 
ATOM   190  N  N1    . G   A 1 9  ? -2.570  -4.729  1.393   1.00 65.94  ?  10  G   A N1    1 
ATOM   191  C  C2    . G   A 1 9  ? -2.798  -5.708  0.465   1.00 67.32  ?  10  G   A C2    1 
ATOM   192  N  N2    . G   A 1 9  ? -3.613  -6.685  0.871   1.00 63.94  ?  10  G   A N2    1 
ATOM   193  N  N3    . G   A 1 9  ? -2.276  -5.735  -0.745  1.00 62.53  ?  10  G   A N3    1 
ATOM   194  C  C4    . G   A 1 9  ? -1.498  -4.664  -0.956  1.00 66.83  ?  10  G   A C4    1 
ATOM   195  P  P     . C   A 1 10 ? -3.292  -3.274  -6.690  1.00 64.33  ?  11  C   A P     1 
ATOM   196  O  OP1   . C   A 1 10 ? -3.533  -3.249  -8.153  1.00 74.51  ?  11  C   A OP1   1 
ATOM   197  O  OP2   . C   A 1 10 ? -3.488  -2.026  -5.923  1.00 63.05  ?  11  C   A OP2   1 
ATOM   198  O  "O5'" . C   A 1 10 ? -4.204  -4.391  -6.039  1.00 59.57  ?  11  C   A "O5'" 1 
ATOM   199  C  "C5'" . C   A 1 10 ? -5.478  -4.039  -5.568  1.00 62.83  ?  11  C   A "C5'" 1 
ATOM   200  C  "C4'" . C   A 1 10 ? -5.925  -4.859  -4.395  1.00 65.82  ?  11  C   A "C4'" 1 
ATOM   201  O  "O4'" . C   A 1 10 ? -4.865  -5.017  -3.413  1.00 69.15  ?  11  C   A "O4'" 1 
ATOM   202  C  "C3'" . C   A 1 10 ? -7.027  -4.181  -3.628  1.00 73.13  ?  11  C   A "C3'" 1 
ATOM   203  O  "O3'" . C   A 1 10 ? -8.267  -4.280  -4.283  1.00 73.41  ?  11  C   A "O3'" 1 
ATOM   204  C  "C2'" . C   A 1 10 ? -6.929  -4.817  -2.249  1.00 72.14  ?  11  C   A "C2'" 1 
ATOM   205  O  "O2'" . C   A 1 10 ? -7.510  -6.110  -2.237  1.00 69.06  ?  11  C   A "O2'" 1 
ATOM   206  C  "C1'" . C   A 1 10 ? -5.404  -4.932  -2.102  1.00 69.89  ?  11  C   A "C1'" 1 
ATOM   207  N  N1    . C   A 1 10 ? -4.859  -3.709  -1.460  1.00 70.60  ?  11  C   A N1    1 
ATOM   208  C  C2    . C   A 1 10 ? -5.040  -3.476  -0.085  1.00 68.09  ?  11  C   A C2    1 
ATOM   209  O  O2    . C   A 1 10 ? -5.613  -4.316  0.630   1.00 63.94  ?  11  C   A O2    1 
ATOM   210  N  N3    . C   A 1 10 ? -4.555  -2.328  0.450   1.00 70.53  ?  11  C   A N3    1 
ATOM   211  C  C4    . C   A 1 10 ? -3.930  -1.427  -0.313  1.00 66.91  ?  11  C   A C4    1 
ATOM   212  N  N4    . C   A 1 10 ? -3.483  -0.317  0.272   1.00 63.57  ?  11  C   A N4    1 
ATOM   213  C  C5    . C   A 1 10 ? -3.743  -1.625  -1.705  1.00 65.10  ?  11  C   A C5    1 
ATOM   214  C  C6    . C   A 1 10 ? -4.219  -2.763  -2.225  1.00 68.87  ?  11  C   A C6    1 
ATOM   215  P  P     . G   A 1 11 ? -8.930  -2.933  -4.839  1.00 80.87  ?  12  G   A P     1 
ATOM   216  O  OP1   . G   A 1 11 ? -9.531  -3.180  -6.181  1.00 80.88  ?  12  G   A OP1   1 
ATOM   217  O  OP2   . G   A 1 11 ? -7.931  -1.850  -4.642  1.00 74.88  ?  12  G   A OP2   1 
ATOM   218  O  "O5'" . G   A 1 11 ? -10.109 -2.734  -3.813  1.00 67.09  ?  12  G   A "O5'" 1 
ATOM   219  C  "C5'" . G   A 1 11 ? -10.514 -3.855  -3.055  1.00 69.91  ?  12  G   A "C5'" 1 
ATOM   220  C  "C4'" . G   A 1 11 ? -11.085 -3.381  -1.775  1.00 70.58  ?  12  G   A "C4'" 1 
ATOM   221  O  "O4'" . G   A 1 11 ? -10.092 -3.450  -0.722  1.00 76.46  ?  12  G   A "O4'" 1 
ATOM   222  C  "C3'" . G   A 1 11 ? -11.456 -1.923  -1.821  1.00 76.34  ?  12  G   A "C3'" 1 
ATOM   223  O  "O3'" . G   A 1 11 ? -12.665 -1.714  -2.524  1.00 69.61  ?  12  G   A "O3'" 1 
ATOM   224  C  "C2'" . G   A 1 11 ? -11.459 -1.551  -0.345  1.00 79.93  ?  12  G   A "C2'" 1 
ATOM   225  O  "O2'" . G   A 1 11 ? -12.615 -2.055  0.303   1.00 81.67  ?  12  G   A "O2'" 1 
ATOM   226  C  "C1'" . G   A 1 11 ? -10.248 -2.342  0.144   1.00 79.20  ?  12  G   A "C1'" 1 
ATOM   227  N  N9    . G   A 1 11 ? -9.039  -1.518  0.057   1.00 71.10  ?  12  G   A N9    1 
ATOM   228  C  C8    . G   A 1 11 ? -8.030  -1.635  -0.865  1.00 73.33  ?  12  G   A C8    1 
ATOM   229  N  N7    . G   A 1 11 ? -7.098  -0.737  -0.689  1.00 77.13  ?  12  G   A N7    1 
ATOM   230  C  C5    . G   A 1 11 ? -7.533  0.014   0.399   1.00 71.69  ?  12  G   A C5    1 
ATOM   231  C  C6    . G   A 1 11 ? -6.932  1.121   1.043   1.00 67.79  ?  12  G   A C6    1 
ATOM   232  O  O6    . G   A 1 11 ? -5.864  1.698   0.775   1.00 65.90  ?  12  G   A O6    1 
ATOM   233  N  N1    . G   A 1 11 ? -7.730  1.547   2.101   1.00 68.23  ?  12  G   A N1    1 
ATOM   234  C  C2    . G   A 1 11 ? -8.930  1.001   2.488   1.00 66.19  ?  12  G   A C2    1 
ATOM   235  N  N2    . G   A 1 11 ? -9.541  1.578   3.531   1.00 61.07  ?  12  G   A N2    1 
ATOM   236  N  N3    . G   A 1 11 ? -9.491  -0.029  1.890   1.00 70.47  ?  12  G   A N3    1 
ATOM   237  C  C4    . G   A 1 11 ? -8.737  -0.462  0.868   1.00 70.33  ?  12  G   A C4    1 
ATOM   238  P  P     . C   A 1 12 ? -13.297 -0.253  -2.635  1.00 81.47  ?  13  C   A P     1 
ATOM   239  O  OP1   . C   A 1 12 ? -14.501 -0.352  -3.487  1.00 97.50  ?  13  C   A OP1   1 
ATOM   240  O  OP2   . C   A 1 12 ? -12.253 0.717   -3.032  1.00 90.49  ?  13  C   A OP2   1 
ATOM   241  O  "O5'" . C   A 1 12 ? -13.762 0.030   -1.146  1.00 69.50  ?  13  C   A "O5'" 1 
ATOM   242  C  "C5'" . C   A 1 12 ? -14.635 1.081   -0.840  1.00 69.70  ?  13  C   A "C5'" 1 
ATOM   243  C  "C4'" . C   A 1 12 ? -14.245 1.713   0.459   1.00 78.11  ?  13  C   A "C4'" 1 
ATOM   244  O  "O4'" . C   A 1 12 ? -12.947 1.232   0.898   1.00 83.78  ?  13  C   A "O4'" 1 
ATOM   245  C  "C3'" . C   A 1 12 ? -14.075 3.209   0.392   1.00 76.09  ?  13  C   A "C3'" 1 
ATOM   246  O  "O3'" . C   A 1 12 ? -15.318 3.859   0.433   1.00 77.13  ?  13  C   A "O3'" 1 
ATOM   247  C  "C2'" . C   A 1 12 ? -13.164 3.490   1.571   1.00 77.33  ?  13  C   A "C2'" 1 
ATOM   248  O  "O2'" . C   A 1 12 ? -13.896 3.386   2.783   1.00 81.35  ?  13  C   A "O2'" 1 
ATOM   249  C  "C1'" . C   A 1 12 ? -12.219 2.293   1.491   1.00 77.55  ?  13  C   A "C1'" 1 
ATOM   250  N  N1    . C   A 1 12 ? -11.025 2.554   0.645   1.00 77.71  ?  13  C   A N1    1 
ATOM   251  C  C2    . C   A 1 12 ? -10.006 3.454   0.988   1.00 72.35  ?  13  C   A C2    1 
ATOM   252  O  O2    . C   A 1 12 ? -10.085 4.080   2.051   1.00 72.53  ?  13  C   A O2    1 
ATOM   253  N  N3    . C   A 1 12 ? -8.947  3.611   0.150   1.00 71.41  ?  13  C   A N3    1 
ATOM   254  C  C4    . C   A 1 12 ? -8.864  2.909   -0.993  1.00 75.47  ?  13  C   A C4    1 
ATOM   255  N  N4    . C   A 1 12 ? -7.817  3.058   -1.818  1.00 69.60  ?  13  C   A N4    1 
ATOM   256  C  C5    . C   A 1 12 ? -9.881  1.995   -1.361  1.00 77.26  ?  13  C   A C5    1 
ATOM   257  C  C6    . C   A 1 12 ? -10.912 1.858   -0.524  1.00 79.18  ?  13  C   A C6    1 
ATOM   258  P  P     . U   A 1 13 ? -15.922 4.424   -0.934  1.00 85.04  ?  14  U   A P     1 
ATOM   259  O  OP1   . U   A 1 13 ? -17.377 4.154   -0.955  1.00 87.12  ?  14  U   A OP1   1 
ATOM   260  O  OP2   . U   A 1 13 ? -15.086 3.915   -2.062  1.00 64.42  ?  14  U   A OP2   1 
ATOM   261  O  "O5'" . U   A 1 13 ? -15.750 5.997   -0.723  1.00 92.94  ?  14  U   A "O5'" 1 
ATOM   262  C  "C5'" . U   A 1 13 ? -16.150 6.578   0.511   1.00 82.81  ?  14  U   A "C5'" 1 
ATOM   263  C  "C4'" . U   A 1 13 ? -15.129 7.542   1.067   1.00 89.73  ?  14  U   A "C4'" 1 
ATOM   264  O  "O4'" . U   A 1 13 ? -13.865 6.883   1.363   1.00 82.06  ?  14  U   A "O4'" 1 
ATOM   265  C  "C3'" . U   A 1 13 ? -14.710 8.697   0.174   1.00 96.10  ?  14  U   A "C3'" 1 
ATOM   266  O  "O3'" . U   A 1 13 ? -15.693 9.705   0.022   1.00 91.74  ?  14  U   A "O3'" 1 
ATOM   267  C  "C2'" . U   A 1 13 ? -13.435 9.167   0.858   1.00 88.81  ?  14  U   A "C2'" 1 
ATOM   268  O  "O2'" . U   A 1 13 ? -13.737 9.857   2.065   1.00 79.84  ?  14  U   A "O2'" 1 
ATOM   269  C  "C1'" . U   A 1 13 ? -12.805 7.824   1.230   1.00 83.08  ?  14  U   A "C1'" 1 
ATOM   270  N  N1    . U   A 1 13 ? -11.844 7.366   0.191   1.00 82.17  ?  14  U   A N1    1 
ATOM   271  C  C2    . U   A 1 13 ? -10.707 8.150   -0.068  1.00 79.23  ?  14  U   A C2    1 
ATOM   272  O  O2    . U   A 1 13 ? -10.421 9.212   0.490   1.00 73.91  ?  14  U   A O2    1 
ATOM   273  N  N3    . U   A 1 13 ? -9.879  7.644   -1.039  1.00 75.74  ?  14  U   A N3    1 
ATOM   274  C  C4    . U   A 1 13 ? -10.044 6.478   -1.753  1.00 76.96  ?  14  U   A C4    1 
ATOM   275  O  O4    . U   A 1 13 ? -9.193  6.174   -2.593  1.00 80.10  ?  14  U   A O4    1 
ATOM   276  C  C5    . U   A 1 13 ? -11.222 5.730   -1.431  1.00 76.85  ?  14  U   A C5    1 
ATOM   277  C  C6    . U   A 1 13 ? -12.060 6.191   -0.499  1.00 78.94  ?  14  U   A C6    1 
ATOM   278  P  P     . G   A 1 14 ? -15.806 10.465  -1.386  1.00 99.86  ?  15  G   A P     1 
ATOM   279  O  OP1   . G   A 1 14 ? -17.236 10.853  -1.586  1.00 96.68  ?  15  G   A OP1   1 
ATOM   280  O  OP2   . G   A 1 14 ? -15.081 9.633   -2.394  1.00 90.05  ?  15  G   A OP2   1 
ATOM   281  O  "O5'" . G   A 1 14 ? -14.946 11.788  -1.169  1.00 97.47  ?  15  G   A "O5'" 1 
ATOM   282  C  "C5'" . G   A 1 14 ? -13.640 11.912  -1.722  1.00 86.57  ?  15  G   A "C5'" 1 
ATOM   283  C  "C4'" . G   A 1 14 ? -12.821 12.964  -1.001  1.00 85.49  ?  15  G   A "C4'" 1 
ATOM   284  O  "O4'" . G   A 1 14 ? -11.724 12.313  -0.306  1.00 85.45  ?  15  G   A "O4'" 1 
ATOM   285  C  "C3'" . G   A 1 14 ? -12.157 14.016  -1.892  1.00 75.57  ?  15  G   A "C3'" 1 
ATOM   286  O  "O3'" . G   A 1 14 ? -12.989 15.136  -2.136  1.00 78.68  ?  15  G   A "O3'" 1 
ATOM   287  C  "C2'" . G   A 1 14 ? -10.893 14.382  -1.127  1.00 77.60  ?  15  G   A "C2'" 1 
ATOM   288  O  "O2'" . G   A 1 14 ? -11.170 15.356  -0.127  1.00 72.59  ?  15  G   A "O2'" 1 
ATOM   289  C  "C1'" . G   A 1 14 ? -10.535 13.052  -0.460  1.00 80.81  ?  15  G   A "C1'" 1 
ATOM   290  N  N9    . G   A 1 14 ? -9.611  12.252  -1.288  1.00 74.05  ?  15  G   A N9    1 
ATOM   291  C  C8    . G   A 1 14 ? -9.882  11.070  -1.952  1.00 71.29  ?  15  G   A C8    1 
ATOM   292  N  N7    . G   A 1 14 ? -8.851  10.607  -2.602  1.00 69.31  ?  15  G   A N7    1 
ATOM   293  C  C5    . G   A 1 14 ? -7.845  11.543  -2.346  1.00 69.03  ?  15  G   A C5    1 
ATOM   294  C  C6    . G   A 1 14 ? -6.499  11.600  -2.773  1.00 60.60  ?  15  G   A C6    1 
ATOM   295  O  O6    . G   A 1 14 ? -5.894  10.809  -3.491  1.00 60.50  ?  15  G   A O6    1 
ATOM   296  N  N1    . G   A 1 14 ? -5.840  12.712  -2.282  1.00 59.87  ?  15  G   A N1    1 
ATOM   297  C  C2    . G   A 1 14 ? -6.398  13.667  -1.480  1.00 62.72  ?  15  G   A C2    1 
ATOM   298  N  N2    . G   A 1 14 ? -5.606  14.683  -1.106  1.00 59.01  ?  15  G   A N2    1 
ATOM   299  N  N3    . G   A 1 14 ? -7.648  13.626  -1.075  1.00 65.93  ?  15  G   A N3    1 
ATOM   300  C  C4    . G   A 1 14 ? -8.301  12.554  -1.539  1.00 65.85  ?  15  G   A C4    1 
ATOM   301  P  P     . C   A 1 15 ? -12.861 15.955  -3.511  1.00 80.84  ?  16  C   A P     1 
ATOM   302  O  OP1   . C   A 1 15 ? -13.911 17.009  -3.486  1.00 71.39  ?  16  C   A OP1   1 
ATOM   303  O  OP2   . C   A 1 15 ? -12.715 14.957  -4.611  1.00 60.59  ?  16  C   A OP2   1 
ATOM   304  O  "O5'" . C   A 1 15 ? -11.479 16.742  -3.402  1.00 76.24  ?  16  C   A "O5'" 1 
ATOM   305  C  "C5'" . C   A 1 15 ? -11.436 18.075  -2.918  1.00 81.46  ?  16  C   A "C5'" 1 
ATOM   306  C  "C4'" . C   A 1 15 ? -10.021 18.599  -2.794  1.00 88.37  ?  16  C   A "C4'" 1 
ATOM   307  O  "O4'" . C   A 1 15 ? -9.149  17.573  -2.238  1.00 82.10  ?  16  C   A "O4'" 1 
ATOM   308  C  "C3'" . C   A 1 15 ? -9.337  19.010  -4.091  1.00 82.82  ?  16  C   A "C3'" 1 
ATOM   309  O  "O3'" . C   A 1 15 ? -9.679  20.318  -4.507  1.00 74.68  ?  16  C   A "O3'" 1 
ATOM   310  C  "C2'" . C   A 1 15 ? -7.862  18.879  -3.756  1.00 81.30  ?  16  C   A "C2'" 1 
ATOM   311  O  "O2'" . C   A 1 15 ? -7.408  20.037  -3.073  1.00 77.08  ?  16  C   A "O2'" 1 
ATOM   312  C  "C1'" . C   A 1 15 ? -7.857  17.683  -2.797  1.00 77.76  ?  16  C   A "C1'" 1 
ATOM   313  N  N1    . C   A 1 15 ? -7.520  16.421  -3.505  1.00 74.91  ?  16  C   A N1    1 
ATOM   314  C  C2    . C   A 1 15 ? -6.188  16.233  -3.912  1.00 69.01  ?  16  C   A C2    1 
ATOM   315  O  O2    . C   A 1 15 ? -5.335  17.106  -3.662  1.00 61.97  ?  16  C   A O2    1 
ATOM   316  N  N3    . C   A 1 15 ? -5.866  15.097  -4.575  1.00 67.39  ?  16  C   A N3    1 
ATOM   317  C  C4    . C   A 1 15 ? -6.796  14.175  -4.834  1.00 64.99  ?  16  C   A C4    1 
ATOM   318  N  N4    . C   A 1 15 ? -6.395  13.083  -5.482  1.00 64.16  ?  16  C   A N4    1 
ATOM   319  C  C5    . C   A 1 15 ? -8.152  14.328  -4.427  1.00 61.50  ?  16  C   A C5    1 
ATOM   320  C  C6    . C   A 1 15 ? -8.463  15.456  -3.775  1.00 70.32  ?  16  C   A C6    1 
ATOM   321  P  P     . G   A 1 16 ? -9.766  20.634  -6.078  1.00 97.67  ?  17  G   A P     1 
ATOM   322  O  OP1   . G   A 1 16 ? -10.650 21.816  -6.278  1.00 94.25  ?  17  G   A OP1   1 
ATOM   323  O  OP2   . G   A 1 16 ? -10.076 19.334  -6.749  1.00 93.02  ?  17  G   A OP2   1 
ATOM   324  O  "O5'" . G   A 1 16 ? -8.279  21.007  -6.530  1.00 77.99  ?  17  G   A "O5'" 1 
ATOM   325  C  "C5'" . G   A 1 16 ? -7.367  21.683  -5.681  1.00 79.15  ?  17  G   A "C5'" 1 
ATOM   326  C  "C4'" . G   A 1 16 ? -5.951  21.417  -6.121  1.00 81.84  ?  17  G   A "C4'" 1 
ATOM   327  O  "O4'" . G   A 1 16 ? -5.533  20.097  -5.684  1.00 78.19  ?  17  G   A "O4'" 1 
ATOM   328  C  "C3'" . G   A 1 16 ? -5.745  21.384  -7.627  1.00 84.12  ?  17  G   A "C3'" 1 
ATOM   329  O  "O3'" . G   A 1 16 ? -5.622  22.676  -8.186  1.00 96.16  ?  17  G   A "O3'" 1 
ATOM   330  C  "C2'" . G   A 1 16 ? -4.491  20.534  -7.784  1.00 78.14  ?  17  G   A "C2'" 1 
ATOM   331  O  "O2'" . G   A 1 16 ? -3.325  21.309  -7.541  1.00 77.00  ?  17  G   A "O2'" 1 
ATOM   332  C  "C1'" . G   A 1 16 ? -4.657  19.529  -6.643  1.00 76.49  ?  17  G   A "C1'" 1 
ATOM   333  N  N9    . G   A 1 16 ? -5.188  18.224  -7.089  1.00 68.19  ?  17  G   A N9    1 
ATOM   334  C  C8    . G   A 1 16 ? -6.446  17.723  -6.871  1.00 67.66  ?  17  G   A C8    1 
ATOM   335  N  N7    . G   A 1 16 ? -6.613  16.524  -7.371  1.00 67.46  ?  17  G   A N7    1 
ATOM   336  C  C5    . G   A 1 16 ? -5.396  16.208  -7.948  1.00 63.28  ?  17  G   A C5    1 
ATOM   337  C  C6    . G   A 1 16 ? -4.978  15.036  -8.625  1.00 64.28  ?  17  G   A C6    1 
ATOM   338  O  O6    . G   A 1 16 ? -5.626  14.018  -8.866  1.00 69.76  ?  17  G   A O6    1 
ATOM   339  N  N1    . G   A 1 16 ? -3.659  15.103  -9.051  1.00 62.75  ?  17  G   A N1    1 
ATOM   340  C  C2    . G   A 1 16 ? -2.840  16.179  -8.847  1.00 63.18  ?  17  G   A C2    1 
ATOM   341  N  N2    . G   A 1 16 ? -1.603  16.054  -9.347  1.00 61.87  ?  17  G   A N2    1 
ATOM   342  N  N3    . G   A 1 16 ? -3.210  17.286  -8.201  1.00 65.65  ?  17  G   A N3    1 
ATOM   343  C  C4    . G   A 1 16 ? -4.499  17.240  -7.781  1.00 67.82  ?  17  G   A C4    1 
ATOM   344  P  P     . C   A 1 17 ? -6.432  23.064  -9.518  1.00 101.72 ?  18  C   A P     1 
ATOM   345  O  OP1   . C   A 1 17 ? -6.746  24.521  -9.409  1.00 96.63  ?  18  C   A OP1   1 
ATOM   346  O  OP2   . C   A 1 17 ? -7.500  22.047  -9.732  1.00 76.50  ?  18  C   A OP2   1 
ATOM   347  O  "O5'" . C   A 1 17 ? -5.377  22.835  -10.688 1.00 91.38  ?  18  C   A "O5'" 1 
ATOM   348  C  "C5'" . C   A 1 17 ? -5.240  21.550  -11.268 1.00 84.39  ?  18  C   A "C5'" 1 
ATOM   349  C  "C4'" . C   A 1 17 ? -3.797  21.190  -11.503 1.00 82.28  ?  18  C   A "C4'" 1 
ATOM   350  O  "O4'" . C   A 1 17 ? -3.461  20.024  -10.702 1.00 81.47  ?  18  C   A "O4'" 1 
ATOM   351  C  "C3'" . C   A 1 17 ? -3.496  20.778  -12.936 1.00 85.80  ?  18  C   A "C3'" 1 
ATOM   352  O  "O3'" . C   A 1 17 ? -3.162  21.885  -13.755 1.00 89.64  ?  18  C   A "O3'" 1 
ATOM   353  C  "C2'" . C   A 1 17 ? -2.383  19.748  -12.791 1.00 74.55  ?  18  C   A "C2'" 1 
ATOM   354  O  "O2'" . C   A 1 17 ? -1.131  20.384  -12.617 1.00 76.28  ?  18  C   A "O2'" 1 
ATOM   355  C  "C1'" . C   A 1 17 ? -2.768  19.073  -11.482 1.00 71.94  ?  18  C   A "C1'" 1 
ATOM   356  N  N1    . C   A 1 17 ? -3.689  17.931  -11.679 1.00 66.19  ?  18  C   A N1    1 
ATOM   357  C  C2    . C   A 1 17 ? -3.357  16.847  -12.485 1.00 69.49  ?  18  C   A C2    1 
ATOM   358  O  O2    . C   A 1 17 ? -2.260  16.821  -13.079 1.00 70.57  ?  18  C   A O2    1 
ATOM   359  N  N3    . C   A 1 17 ? -4.268  15.844  -12.597 1.00 69.62  ?  18  C   A N3    1 
ATOM   360  C  C4    . C   A 1 17 ? -5.433  15.896  -11.947 1.00 64.72  ?  18  C   A C4    1 
ATOM   361  N  N4    . C   A 1 17 ? -6.285  14.888  -12.090 1.00 66.35  ?  18  C   A N4    1 
ATOM   362  C  C5    . C   A 1 17 ? -5.782  16.980  -11.112 1.00 59.61  ?  18  C   A C5    1 
ATOM   363  C  C6    . C   A 1 17 ? -4.886  17.955  -11.011 1.00 64.47  ?  18  C   A C6    1 
ATOM   364  P  P     . C   A 1 18 ? -4.106  22.263  -14.995 1.00 82.50  ?  19  C   A P     1 
ATOM   365  O  OP1   . C   A 1 18 ? -3.989  23.727  -15.268 1.00 61.28  ?  19  C   A OP1   1 
ATOM   366  O  OP2   . C   A 1 18 ? -5.400  21.579  -14.700 1.00 81.14  ?  19  C   A OP2   1 
ATOM   367  O  "O5'" . C   A 1 18 ? -3.473  21.461  -16.213 1.00 81.72  ?  19  C   A "O5'" 1 
ATOM   368  C  "C5'" . C   A 1 18 ? -2.152  20.963  -16.134 1.00 76.81  ?  19  C   A "C5'" 1 
ATOM   369  C  "C4'" . C   A 1 18 ? -2.043  19.624  -16.795 1.00 82.59  ?  19  C   A "C4'" 1 
ATOM   370  O  "O4'" . C   A 1 18 ? -2.420  18.557  -15.892 1.00 81.91  ?  19  C   A "O4'" 1 
ATOM   371  C  "C3'" . C   A 1 18 ? -2.954  19.401  -17.978 1.00 86.30  ?  19  C   A "C3'" 1 
ATOM   372  O  "O3'" . C   A 1 18 ? -2.560  20.115  -19.132 1.00 90.43  ?  19  C   A "O3'" 1 
ATOM   373  C  "C2'" . C   A 1 18 ? -2.932  17.879  -18.123 1.00 83.74  ?  19  C   A "C2'" 1 
ATOM   374  O  "O2'" . C   A 1 18 ? -1.759  17.436  -18.792 1.00 81.26  ?  19  C   A "O2'" 1 
ATOM   375  C  "C1'" . C   A 1 18 ? -2.850  17.439  -16.657 1.00 80.38  ?  19  C   A "C1'" 1 
ATOM   376  N  N1    . C   A 1 18 ? -4.150  16.940  -16.160 1.00 80.87  ?  19  C   A N1    1 
ATOM   377  C  C2    . C   A 1 18 ? -4.448  15.604  -16.428 1.00 78.50  ?  19  C   A C2    1 
ATOM   378  O  O2    . C   A 1 18 ? -3.612  14.913  -17.052 1.00 74.09  ?  19  C   A O2    1 
ATOM   379  N  N3    . C   A 1 18 ? -5.640  15.114  -15.990 1.00 77.58  ?  19  C   A N3    1 
ATOM   380  C  C4    . C   A 1 18 ? -6.508  15.880  -15.322 1.00 71.79  ?  19  C   A C4    1 
ATOM   381  N  N4    . C   A 1 18 ? -7.665  15.340  -14.921 1.00 66.94  ?  19  C   A N4    1 
ATOM   382  C  C5    . C   A 1 18 ? -6.218  17.245  -15.049 1.00 73.65  ?  19  C   A C5    1 
ATOM   383  C  C6    . C   A 1 18 ? -5.044  17.730  -15.482 1.00 79.21  ?  19  C   A C6    1 
ATOM   384  P  P     . U   A 1 19 ? -3.667  20.408  -20.252 1.00 87.26  ?  20  U   A P     1 
ATOM   385  O  OP1   . U   A 1 19 ? -3.189  21.440  -21.213 1.00 85.77  ?  20  U   A OP1   1 
ATOM   386  O  OP2   . U   A 1 19 ? -4.945  20.598  -19.512 1.00 80.26  ?  20  U   A OP2   1 
ATOM   387  O  "O5'" . U   A 1 19 ? -3.683  19.053  -21.075 1.00 90.22  ?  20  U   A "O5'" 1 
ATOM   388  C  "C5'" . U   A 1 19 ? -4.885  18.500  -21.559 1.00 92.17  ?  20  U   A "C5'" 1 
ATOM   389  C  "C4'" . U   A 1 19 ? -4.808  17.007  -21.525 1.00 91.91  ?  20  U   A "C4'" 1 
ATOM   390  O  "O4'" . U   A 1 19 ? -4.938  16.560  -20.151 1.00 92.40  ?  20  U   A "O4'" 1 
ATOM   391  C  "C3'" . U   A 1 19 ? -5.920  16.280  -22.256 1.00 104.78 ?  20  U   A "C3'" 1 
ATOM   392  O  "O3'" . U   A 1 19 ? -5.715  16.225  -23.662 1.00 116.50 ?  20  U   A "O3'" 1 
ATOM   393  C  "C2'" . U   A 1 19 ? -5.928  14.924  -21.560 1.00 100.17 ?  20  U   A "C2'" 1 
ATOM   394  O  "O2'" . U   A 1 19 ? -4.837  14.127  -22.011 1.00 96.12  ?  20  U   A "O2'" 1 
ATOM   395  C  "C1'" . U   A 1 19 ? -5.646  15.338  -20.111 1.00 95.42  ?  20  U   A "C1'" 1 
ATOM   396  N  N1    . U   A 1 19 ? -6.872  15.537  -19.292 1.00 85.74  ?  20  U   A N1    1 
ATOM   397  C  C2    . U   A 1 19 ? -7.677  14.445  -18.930 1.00 88.98  ?  20  U   A C2    1 
ATOM   398  O  O2    . U   A 1 19 ? -7.468  13.282  -19.272 1.00 91.27  ?  20  U   A O2    1 
ATOM   399  N  N3    . U   A 1 19 ? -8.775  14.753  -18.150 1.00 87.16  ?  20  U   A N3    1 
ATOM   400  C  C4    . U   A 1 19 ? -9.135  16.009  -17.692 1.00 84.69  ?  20  U   A C4    1 
ATOM   401  O  O4    . U   A 1 19 ? -10.151 16.134  -16.999 1.00 73.90  ?  20  U   A O4    1 
ATOM   402  C  C5    . U   A 1 19 ? -8.248  17.068  -18.097 1.00 84.14  ?  20  U   A C5    1 
ATOM   403  C  C6    . U   A 1 19 ? -7.174  16.808  -18.853 1.00 79.24  ?  20  U   A C6    1 
ATOM   404  P  P     . U   A 1 20 ? -6.472  17.265  -24.635 1.00 109.87 ?  21  U   A P     1 
ATOM   405  O  OP1   . U   A 1 20 ? -5.434  18.105  -25.298 1.00 101.50 ?  21  U   A OP1   1 
ATOM   406  O  OP2   . U   A 1 20 ? -7.612  17.839  -23.866 1.00 91.70  ?  21  U   A OP2   1 
ATOM   407  O  "O5'" . U   A 1 20 ? -7.116  16.365  -25.780 1.00 115.47 ?  21  U   A "O5'" 1 
ATOM   408  C  "C5'" . U   A 1 20 ? -6.306  15.585  -26.655 1.00 119.02 ?  21  U   A "C5'" 1 
ATOM   409  C  "C4'" . U   A 1 20 ? -6.896  14.211  -26.833 1.00 118.72 ?  21  U   A "C4'" 1 
ATOM   410  O  "O4'" . U   A 1 20 ? -5.927  13.341  -27.470 1.00 116.36 ?  21  U   A "O4'" 1 
ATOM   411  C  "C3'" . U   A 1 20 ? -7.303  13.533  -25.530 1.00 122.37 ?  21  U   A "C3'" 1 
ATOM   412  O  "O3'" . U   A 1 20 ? -8.501  12.783  -25.722 1.00 136.33 ?  21  U   A "O3'" 1 
ATOM   413  C  "C2'" . U   A 1 20 ? -6.122  12.608  -25.238 1.00 120.35 ?  21  U   A "C2'" 1 
ATOM   414  O  "O2'" . U   A 1 20 ? -6.432  11.467  -24.465 1.00 123.90 ?  21  U   A "O2'" 1 
ATOM   415  C  "C1'" . U   A 1 20 ? -5.646  12.232  -26.642 1.00 121.32 ?  21  U   A "C1'" 1 
ATOM   416  N  N1    . U   A 1 20 ? -4.196  11.982  -26.719 1.00 128.55 ?  21  U   A N1    1 
ATOM   417  C  C2    . U   A 1 20 ? -3.302  13.019  -26.432 1.00 123.32 ?  21  U   A C2    1 
ATOM   418  O  O2    . U   A 1 20 ? -3.621  14.156  -26.114 1.00 114.38 ?  21  U   A O2    1 
ATOM   419  N  N3    . U   A 1 20 ? -1.970  12.686  -26.528 1.00 126.87 ?  21  U   A N3    1 
ATOM   420  C  C4    . U   A 1 20 ? -1.432  11.459  -26.865 1.00 132.43 ?  21  U   A C4    1 
ATOM   421  O  O4    . U   A 1 20 ? -0.202  11.328  -26.900 1.00 131.49 ?  21  U   A O4    1 
ATOM   422  C  C5    . U   A 1 20 ? -2.413  10.445  -27.146 1.00 129.73 ?  21  U   A C5    1 
ATOM   423  C  C6    . U   A 1 20 ? -3.723  10.732  -27.066 1.00 125.42 ?  21  U   A C6    1 
ATOM   424  P  P     . C   A 1 21 ? -9.845  13.489  -26.272 1.00 141.70 ?  22  C   A P     1 
ATOM   425  O  OP1   . C   A 1 21 ? -10.230 12.635  -27.420 1.00 133.06 ?  22  C   A OP1   1 
ATOM   426  O  OP2   . C   A 1 21 ? -9.724  14.961  -26.452 1.00 131.87 ?  22  C   A OP2   1 
ATOM   427  O  "O5'" . C   A 1 21 ? -10.920 13.328  -25.103 1.00 141.48 ?  22  C   A "O5'" 1 
ATOM   428  C  "C5'" . C   A 1 21 ? -10.545 13.241  -23.730 1.00 136.92 ?  22  C   A "C5'" 1 
ATOM   429  C  "C4'" . C   A 1 21 ? -10.851 11.864  -23.207 1.00 138.45 ?  22  C   A "C4'" 1 
ATOM   430  O  "O4'" . C   A 1 21 ? -11.894 11.306  -24.050 1.00 135.31 ?  22  C   A "O4'" 1 
ATOM   431  C  "C3'" . C   A 1 21 ? -9.677  10.894  -23.289 1.00 144.29 ?  22  C   A "C3'" 1 
ATOM   432  O  "O3'" . C   A 1 21 ? -9.798  9.889   -22.279 1.00 147.48 ?  22  C   A "O3'" 1 
ATOM   433  C  "C2'" . C   A 1 21 ? -9.854  10.269  -24.672 1.00 142.95 ?  22  C   A "C2'" 1 
ATOM   434  O  "O2'" . C   A 1 21 ? -9.269  8.987   -24.817 1.00 145.30 ?  22  C   A "O2'" 1 
ATOM   435  C  "C1'" . C   A 1 21 ? -11.379 10.221  -24.814 1.00 143.30 ?  22  C   A "C1'" 1 
ATOM   436  N  N1    . C   A 1 21 ? -11.864 10.380  -26.202 1.00 146.14 ?  22  C   A N1    1 
ATOM   437  C  C2    . C   A 1 21 ? -11.483 9.505   -27.252 1.00 145.25 ?  22  C   A C2    1 
ATOM   438  O  O2    . C   A 1 21 ? -10.701 8.558   -27.050 1.00 142.19 ?  22  C   A O2    1 
ATOM   439  N  N3    . C   A 1 21 ? -11.980 9.716   -28.502 1.00 143.63 ?  22  C   A N3    1 
ATOM   440  C  C4    . C   A 1 21 ? -12.826 10.723  -28.743 1.00 139.02 ?  22  C   A C4    1 
ATOM   441  N  N4    . C   A 1 21 ? -13.289 10.893  -29.988 1.00 121.18 ?  22  C   A N4    1 
ATOM   442  C  C5    . C   A 1 21 ? -13.235 11.611  -27.703 1.00 145.75 ?  22  C   A C5    1 
ATOM   443  C  C6    . C   A 1 21 ? -12.743 11.398  -26.472 1.00 144.58 ?  22  C   A C6    1 
ATOM   444  P  P     . G   A 1 22 ? -8.528  9.445   -21.389 1.00 137.95 ?  23  G   A P     1 
ATOM   445  O  OP1   . G   A 1 22 ? -8.851  9.826   -19.980 1.00 118.30 ?  23  G   A OP1   1 
ATOM   446  O  OP2   . G   A 1 22 ? -7.298  10.020  -22.014 1.00 124.07 ?  23  G   A OP2   1 
ATOM   447  O  "O5'" . G   A 1 22 ? -8.466  7.847   -21.560 1.00 130.85 ?  23  G   A "O5'" 1 
ATOM   448  C  "C5'" . G   A 1 22 ? -9.640  7.033   -21.675 1.00 131.53 ?  23  G   A "C5'" 1 
ATOM   449  C  "C4'" . G   A 1 22 ? -10.664 7.349   -20.605 1.00 134.07 ?  23  G   A "C4'" 1 
ATOM   450  O  "O4'" . G   A 1 22 ? -11.593 8.345   -21.114 1.00 140.20 ?  23  G   A "O4'" 1 
ATOM   451  C  "C3'" . G   A 1 22 ? -11.518 6.179   -20.111 1.00 131.35 ?  23  G   A "C3'" 1 
ATOM   452  O  "O3'" . G   A 1 22 ? -11.779 6.343   -18.720 1.00 123.56 ?  23  G   A "O3'" 1 
ATOM   453  C  "C2'" . G   A 1 22 ? -12.826 6.363   -20.873 1.00 137.02 ?  23  G   A "C2'" 1 
ATOM   454  O  "O2'" . G   A 1 22 ? -13.959 5.813   -20.232 1.00 137.70 ?  23  G   A "O2'" 1 
ATOM   455  C  "C1'" . G   A 1 22 ? -12.921 7.883   -20.966 1.00 139.43 ?  23  G   A "C1'" 1 
ATOM   456  N  N9    . G   A 1 22 ? -13.707 8.360   -22.109 1.00 139.80 ?  23  G   A N9    1 
ATOM   457  C  C8    . G   A 1 22 ? -14.779 9.224   -22.096 1.00 138.78 ?  23  G   A C8    1 
ATOM   458  N  N7    . G   A 1 22 ? -15.271 9.445   -23.285 1.00 137.50 ?  23  G   A N7    1 
ATOM   459  C  C5    . G   A 1 22 ? -14.478 8.679   -24.137 1.00 142.88 ?  23  G   A C5    1 
ATOM   460  C  C6    . G   A 1 22 ? -14.520 8.501   -25.554 1.00 142.45 ?  23  G   A C6    1 
ATOM   461  O  O6    . G   A 1 22 ? -15.298 9.005   -26.379 1.00 135.66 ?  23  G   A O6    1 
ATOM   462  N  N1    . G   A 1 22 ? -13.521 7.627   -25.994 1.00 146.52 ?  23  G   A N1    1 
ATOM   463  C  C2    . G   A 1 22 ? -12.592 7.001   -25.190 1.00 145.78 ?  23  G   A C2    1 
ATOM   464  N  N2    . G   A 1 22 ? -11.701 6.197   -25.794 1.00 144.89 ?  23  G   A N2    1 
ATOM   465  N  N3    . G   A 1 22 ? -12.543 7.161   -23.876 1.00 142.88 ?  23  G   A N3    1 
ATOM   466  C  C4    . G   A 1 22 ? -13.508 7.999   -23.421 1.00 142.74 ?  23  G   A C4    1 
ATOM   467  P  P     . G   A 1 23 ? -11.099 5.357   -17.658 1.00 128.02 ?  24  G   A P     1 
ATOM   468  O  OP1   . G   A 1 23 ? -10.625 4.164   -18.404 1.00 130.17 ?  24  G   A OP1   1 
ATOM   469  O  OP2   . G   A 1 23 ? -12.034 5.210   -16.510 1.00 124.15 ?  24  G   A OP2   1 
ATOM   470  O  "O5'" . G   A 1 23 ? -9.806  6.154   -17.173 1.00 125.13 ?  24  G   A "O5'" 1 
ATOM   471  C  "C5'" . G   A 1 23 ? -8.618  5.466   -16.814 1.00 116.48 ?  24  G   A "C5'" 1 
ATOM   472  C  "C4'" . G   A 1 23 ? -7.433  5.959   -17.603 1.00 111.75 ?  24  G   A "C4'" 1 
ATOM   473  O  "O4'" . G   A 1 23 ? -7.817  7.124   -18.381 1.00 117.10 ?  24  G   A "O4'" 1 
ATOM   474  C  "C3'" . G   A 1 23 ? -6.253  6.441   -16.775 1.00 106.79 ?  24  G   A "C3'" 1 
ATOM   475  O  "O3'" . G   A 1 23 ? -5.427  5.388   -16.309 1.00 108.89 ?  24  G   A "O3'" 1 
ATOM   476  C  "C2'" . G   A 1 23 ? -5.566  7.420   -17.716 1.00 104.72 ?  24  G   A "C2'" 1 
ATOM   477  O  "O2'" . G   A 1 23 ? -4.850  6.728   -18.728 1.00 107.94 ?  24  G   A "O2'" 1 
ATOM   478  C  "C1'" . G   A 1 23 ? -6.778  8.084   -18.359 1.00 109.34 ?  24  G   A "C1'" 1 
ATOM   479  N  N9    . G   A 1 23 ? -7.251  9.221   -17.548 1.00 104.96 ?  24  G   A N9    1 
ATOM   480  C  C8    . G   A 1 23 ? -8.442  9.265   -16.855 1.00 103.12 ?  24  G   A C8    1 
ATOM   481  N  N7    . G   A 1 23 ? -8.619  10.375  -16.202 1.00 93.34  ?  24  G   A N7    1 
ATOM   482  C  C5    . G   A 1 23 ? -7.467  11.100  -16.481 1.00 87.86  ?  24  G   A C5    1 
ATOM   483  C  C6    . G   A 1 23 ? -7.097  12.387  -16.034 1.00 84.71  ?  24  G   A C6    1 
ATOM   484  O  O6    . G   A 1 23 ? -7.750  13.142  -15.291 1.00 85.05  ?  24  G   A O6    1 
ATOM   485  N  N1    . G   A 1 23 ? -5.849  12.765  -16.546 1.00 82.61  ?  24  G   A N1    1 
ATOM   486  C  C2    . G   A 1 23 ? -5.048  12.011  -17.377 1.00 84.53  ?  24  G   A C2    1 
ATOM   487  N  N2    . G   A 1 23 ? -3.882  12.578  -17.752 1.00 72.63  ?  24  G   A N2    1 
ATOM   488  N  N3    . G   A 1 23 ? -5.391  10.796  -17.795 1.00 90.86  ?  24  G   A N3    1 
ATOM   489  C  C4    . G   A 1 23 ? -6.604  10.413  -17.311 1.00 92.41  ?  24  G   A C4    1 
ATOM   490  P  P     . G   A 1 24 ? -4.879  5.426   -14.796 1.00 111.08 ?  25  G   A P     1 
ATOM   491  O  OP1   . G   A 1 24 ? -4.300  4.099   -14.483 1.00 103.48 ?  25  G   A OP1   1 
ATOM   492  O  OP2   . G   A 1 24 ? -5.917  6.005   -13.897 1.00 104.35 ?  25  G   A OP2   1 
ATOM   493  O  "O5'" . G   A 1 24 ? -3.663  6.439   -14.896 1.00 98.22  ?  25  G   A "O5'" 1 
ATOM   494  C  "C5'" . G   A 1 24 ? -2.645  6.203   -15.846 1.00 94.59  ?  25  G   A "C5'" 1 
ATOM   495  C  "C4'" . G   A 1 24 ? -1.671  7.342   -15.891 1.00 86.96  ?  25  G   A "C4'" 1 
ATOM   496  O  "O4'" . G   A 1 24 ? -2.250  8.461   -16.625 1.00 86.04  ?  25  G   A "O4'" 1 
ATOM   497  C  "C3'" . G   A 1 24 ? -1.316  7.972   -14.561 1.00 83.60  ?  25  G   A "C3'" 1 
ATOM   498  O  "O3'" . G   A 1 24 ? -0.560  7.159   -13.655 1.00 84.71  ?  25  G   A "O3'" 1 
ATOM   499  C  "C2'" . G   A 1 24 ? -0.748  9.306   -15.029 1.00 83.54  ?  25  G   A "C2'" 1 
ATOM   500  O  "O2'" . G   A 1 24 ? 0.448   9.122   -15.782 1.00 76.06  ?  25  G   A "O2'" 1 
ATOM   501  C  "C1'" . G   A 1 24 ? -1.835  9.679   -16.026 1.00 81.00  ?  25  G   A "C1'" 1 
ATOM   502  N  N9    . G   A 1 24 ? -2.995  10.242  -15.301 1.00 78.90  ?  25  G   A N9    1 
ATOM   503  C  C8    . G   A 1 24 ? -4.163  9.575   -15.021 1.00 84.55  ?  25  G   A C8    1 
ATOM   504  N  N7    . G   A 1 24 ? -5.017  10.279  -14.335 1.00 80.69  ?  25  G   A N7    1 
ATOM   505  C  C5    . G   A 1 24 ? -4.375  11.482  -14.137 1.00 70.01  ?  25  G   A C5    1 
ATOM   506  C  C6    . G   A 1 24 ? -4.831  12.621  -13.451 1.00 69.33  ?  25  G   A C6    1 
ATOM   507  O  O6    . G   A 1 24 ? -5.924  12.768  -12.887 1.00 72.16  ?  25  G   A O6    1 
ATOM   508  N  N1    . G   A 1 24 ? -3.884  13.637  -13.468 1.00 61.69  ?  25  G   A N1    1 
ATOM   509  C  C2    . G   A 1 24 ? -2.659  13.559  -14.074 1.00 65.10  ?  25  G   A C2    1 
ATOM   510  N  N2    . G   A 1 24 ? -1.874  14.641  -13.987 1.00 61.08  ?  25  G   A N2    1 
ATOM   511  N  N3    . G   A 1 24 ? -2.228  12.491  -14.722 1.00 69.07  ?  25  G   A N3    1 
ATOM   512  C  C4    . G   A 1 24 ? -3.128  11.488  -14.717 1.00 71.62  ?  25  G   A C4    1 
ATOM   513  P  P     . C   A 1 25 ? 1.025   7.303   -13.424 1.00 88.47  ?  26  C   A P     1 
ATOM   514  O  OP1   . C   A 1 25 ? 1.737   7.294   -14.735 1.00 88.17  ?  26  C   A OP1   1 
ATOM   515  O  OP2   . C   A 1 25 ? 1.391   6.306   -12.394 1.00 78.36  ?  26  C   A OP2   1 
ATOM   516  O  "O5'" . C   A 1 25 ? 1.224   8.746   -12.790 1.00 77.20  ?  26  C   A "O5'" 1 
ATOM   517  C  "C5'" . C   A 1 25 ? 2.382   9.490   -13.125 1.00 72.84  ?  26  C   A "C5'" 1 
ATOM   518  C  "C4'" . C   A 1 25 ? 2.269   10.921  -12.691 1.00 71.67  ?  26  C   A "C4'" 1 
ATOM   519  O  "O4'" . C   A 1 25 ? 0.991   11.468  -13.088 1.00 72.66  ?  26  C   A "O4'" 1 
ATOM   520  C  "C3'" . C   A 1 25 ? 2.292   11.177  -11.201 1.00 77.34  ?  26  C   A "C3'" 1 
ATOM   521  O  "O3'" . C   A 1 25 ? 3.573   11.038  -10.616 1.00 80.03  ?  26  C   A "O3'" 1 
ATOM   522  C  "C2'" . C   A 1 25 ? 1.707   12.578  -11.118 1.00 68.66  ?  26  C   A "C2'" 1 
ATOM   523  O  "O2'" . C   A 1 25 ? 2.662   13.538  -11.545 1.00 69.87  ?  26  C   A "O2'" 1 
ATOM   524  C  "C1'" . C   A 1 25 ? 0.625   12.499  -12.194 1.00 66.32  ?  26  C   A "C1'" 1 
ATOM   525  N  N1    . C   A 1 25 ? -0.719  12.223  -11.642 1.00 61.17  ?  26  C   A N1    1 
ATOM   526  C  C2    . C   A 1 25 ? -1.379  13.283  -11.013 1.00 64.95  ?  26  C   A C2    1 
ATOM   527  O  O2    . C   A 1 25 ? -0.822  14.388  -10.928 1.00 65.47  ?  26  C   A O2    1 
ATOM   528  N  N3    . C   A 1 25 ? -2.612  13.100  -10.498 1.00 63.63  ?  26  C   A N3    1 
ATOM   529  C  C4    . C   A 1 25 ? -3.192  11.915  -10.609 1.00 66.70  ?  26  C   A C4    1 
ATOM   530  N  N4    . C   A 1 25 ? -4.413  11.810  -10.083 1.00 71.47  ?  26  C   A N4    1 
ATOM   531  C  C5    . C   A 1 25 ? -2.553  10.803  -11.251 1.00 67.12  ?  26  C   A C5    1 
ATOM   532  C  C6    . C   A 1 25 ? -1.318  11.000  -11.749 1.00 67.38  ?  26  C   A C6    1 
ATOM   533  P  P     . G   A 1 26 ? 3.682   10.356  -9.168  1.00 75.02  ?  27  G   A P     1 
ATOM   534  O  OP1   . G   A 1 26 ? 5.081   9.888   -8.976  1.00 83.38  ?  27  G   A OP1   1 
ATOM   535  O  OP2   . G   A 1 26 ? 2.556   9.386   -9.032  1.00 60.10  ?  27  G   A OP2   1 
ATOM   536  O  "O5'" . G   A 1 26 ? 3.428   11.580  -8.190  1.00 58.17  ?  27  G   A "O5'" 1 
ATOM   537  C  "C5'" . G   A 1 26 ? 4.127   12.790  -8.403  1.00 67.98  ?  27  G   A "C5'" 1 
ATOM   538  C  "C4'" . G   A 1 26 ? 3.451   13.953  -7.733  1.00 60.66  ?  27  G   A "C4'" 1 
ATOM   539  O  "O4'" . G   A 1 26 ? 2.183   14.229  -8.380  1.00 63.32  ?  27  G   A "O4'" 1 
ATOM   540  C  "C3'" . G   A 1 26 ? 3.066   13.738  -6.287  1.00 56.29  ?  27  G   A "C3'" 1 
ATOM   541  O  "O3'" . G   A 1 26 ? 4.161   13.841  -5.399  1.00 53.32  ?  27  G   A "O3'" 1 
ATOM   542  C  "C2'" . G   A 1 26 ? 1.993   14.799  -6.085  1.00 57.40  ?  27  G   A "C2'" 1 
ATOM   543  O  "O2'" . G   A 1 26 ? 2.576   16.083  -5.936  1.00 57.46  ?  27  G   A "O2'" 1 
ATOM   544  C  "C1'" . G   A 1 26 ? 1.282   14.762  -7.437  1.00 57.37  ?  27  G   A "C1'" 1 
ATOM   545  N  N9    . G   A 1 26 ? 0.100   13.911  -7.368  1.00 54.31  ?  27  G   A N9    1 
ATOM   546  C  C8    . G   A 1 26 ? -0.066  12.633  -7.820  1.00 59.38  ?  27  G   A C8    1 
ATOM   547  N  N7    . G   A 1 26 ? -1.267  12.180  -7.549  1.00 59.89  ?  27  G   A N7    1 
ATOM   548  C  C5    . G   A 1 26 ? -1.899  13.220  -6.878  1.00 55.35  ?  27  G   A C5    1 
ATOM   549  C  C6    . G   A 1 26 ? -3.200  13.326  -6.337  1.00 56.95  ?  27  G   A C6    1 
ATOM   550  O  O6    . G   A 1 26 ? -4.100  12.490  -6.335  1.00 66.79  ?  27  G   A O6    1 
ATOM   551  N  N1    . G   A 1 26 ? -3.432  14.560  -5.746  1.00 57.94  ?  27  G   A N1    1 
ATOM   552  C  C2    . G   A 1 26 ? -2.519  15.578  -5.678  1.00 58.91  ?  27  G   A C2    1 
ATOM   553  N  N2    . G   A 1 26 ? -2.951  16.674  -5.059  1.00 54.75  ?  27  G   A N2    1 
ATOM   554  N  N3    . G   A 1 26 ? -1.288  15.513  -6.179  1.00 57.34  ?  27  G   A N3    1 
ATOM   555  C  C4    . G   A 1 26 ? -1.057  14.302  -6.756  1.00 58.96  ?  27  G   A C4    1 
ATOM   556  P  P     . C   A 1 27 ? 4.100   13.088  -3.987  1.00 39.11  ?  28  C   A P     1 
ATOM   557  O  OP1   . C   A 1 27 ? 5.323   13.393  -3.209  1.00 47.10  ?  28  C   A OP1   1 
ATOM   558  O  OP2   . C   A 1 27 ? 3.598   11.715  -4.227  1.00 50.05  ?  28  C   A OP2   1 
ATOM   559  O  "O5'" . C   A 1 27 ? 2.952   13.826  -3.182  1.00 55.36  ?  28  C   A "O5'" 1 
ATOM   560  C  "C5'" . C   A 1 27 ? 3.175   15.110  -2.642  1.00 48.64  ?  28  C   A "C5'" 1 
ATOM   561  C  "C4'" . C   A 1 27 ? 1.913   15.678  -2.062  1.00 48.43  ?  28  C   A "C4'" 1 
ATOM   562  O  "O4'" . C   A 1 27 ? 0.808   15.525  -2.980  1.00 43.60  ?  28  C   A "O4'" 1 
ATOM   563  C  "C3'" . C   A 1 27 ? 1.433   15.028  -0.787  1.00 48.18  ?  28  C   A "C3'" 1 
ATOM   564  O  "O3'" . C   A 1 27 ? 2.103   15.592  0.318   1.00 54.59  ?  28  C   A "O3'" 1 
ATOM   565  C  "C2'" . C   A 1 27 ? -0.045  15.377  -0.768  1.00 49.92  ?  28  C   A "C2'" 1 
ATOM   566  O  "O2'" . C   A 1 27 ? -0.227  16.672  -0.225  1.00 49.11  ?  28  C   A "O2'" 1 
ATOM   567  C  "C1'" . C   A 1 27 ? -0.390  15.420  -2.258  1.00 45.60  ?  28  C   A "C1'" 1 
ATOM   568  N  N1    . C   A 1 27 ? -1.076  14.197  -2.687  1.00 54.97  ?  28  C   A N1    1 
ATOM   569  C  C2    . C   A 1 27 ? -2.403  14.008  -2.316  1.00 56.66  ?  28  C   A C2    1 
ATOM   570  O  O2    . C   A 1 27 ? -2.935  14.913  -1.637  1.00 54.59  ?  28  C   A O2    1 
ATOM   571  N  N3    . C   A 1 27 ? -3.026  12.860  -2.708  1.00 50.80  ?  28  C   A N3    1 
ATOM   572  C  C4    . C   A 1 27 ? -2.367  11.963  -3.445  1.00 51.71  ?  28  C   A C4    1 
ATOM   573  N  N4    . C   A 1 27 ? -2.977  10.850  -3.845  1.00 49.14  ?  28  C   A N4    1 
ATOM   574  C  C5    . C   A 1 27 ? -1.014  12.153  -3.825  1.00 56.17  ?  28  C   A C5    1 
ATOM   575  C  C6    . C   A 1 27 ? -0.407  13.275  -3.429  1.00 54.65  ?  28  C   A C6    1 
ATOM   576  P  P     . C   A 1 28 ? 2.900   14.695  1.371   1.00 48.89  ?  29  C   A P     1 
ATOM   577  O  OP1   . C   A 1 28 ? 3.729   13.775  0.563   1.00 53.08  ?  29  C   A OP1   1 
ATOM   578  O  OP2   . C   A 1 28 ? 1.937   14.223  2.419   1.00 51.97  ?  29  C   A OP2   1 
ATOM   579  O  "O5'" . C   A 1 28 ? 3.926   15.709  2.037   1.00 36.93  ?  29  C   A "O5'" 1 
ATOM   580  C  "C5'" . C   A 1 28 ? 4.894   16.339  1.224   1.00 42.88  ?  29  C   A "C5'" 1 
ATOM   581  C  "C4'" . C   A 1 28 ? 6.015   16.939  2.032   1.00 45.24  ?  29  C   A "C4'" 1 
ATOM   582  O  "O4'" . C   A 1 28 ? 5.535   18.068  2.811   1.00 44.00  ?  29  C   A "O4'" 1 
ATOM   583  C  "C3'" . C   A 1 28 ? 6.675   16.025  3.059   1.00 38.90  ?  29  C   A "C3'" 1 
ATOM   584  O  "O3'" . C   A 1 28 ? 7.630   15.163  2.470   1.00 41.59  ?  29  C   A "O3'" 1 
ATOM   585  C  "C2'" . C   A 1 28 ? 7.277   17.023  4.027   1.00 41.06  ?  29  C   A "C2'" 1 
ATOM   586  O  "O2'" . C   A 1 28 ? 8.440   17.598  3.463   1.00 45.16  ?  29  C   A "O2'" 1 
ATOM   587  C  "C1'" . C   A 1 28 ? 6.190   18.100  4.061   1.00 44.23  ?  29  C   A "C1'" 1 
ATOM   588  N  N1    . C   A 1 28 ? 5.187   17.783  5.098   1.00 44.55  ?  29  C   A N1    1 
ATOM   589  C  C2    . C   A 1 28 ? 5.538   18.007  6.415   1.00 37.21  ?  29  C   A C2    1 
ATOM   590  O  O2    . C   A 1 28 ? 6.654   18.491  6.644   1.00 45.20  ?  29  C   A O2    1 
ATOM   591  N  N3    . C   A 1 28 ? 4.658   17.701  7.383   1.00 36.01  ?  29  C   A N3    1 
ATOM   592  C  C4    . C   A 1 28 ? 3.474   17.193  7.066   1.00 40.05  ?  29  C   A C4    1 
ATOM   593  N  N4    . C   A 1 28 ? 2.634   16.899  8.064   1.00 49.49  ?  29  C   A N4    1 
ATOM   594  C  C5    . C   A 1 28 ? 3.091   16.946  5.720   1.00 38.62  ?  29  C   A C5    1 
ATOM   595  C  C6    . C   A 1 28 ? 3.971   17.245  4.768   1.00 39.22  ?  29  C   A C6    1 
ATOM   596  P  P     . A   A 1 29 ? 7.770   13.614  2.914   1.00 42.61  ?  30  A   A P     1 
ATOM   597  O  OP1   . A   A 1 29 ? 8.831   13.134  2.001   1.00 46.01  ?  30  A   A OP1   1 
ATOM   598  O  OP2   . A   A 1 29 ? 6.489   12.883  3.050   1.00 34.40  ?  30  A   A OP2   1 
ATOM   599  O  "O5'" . A   A 1 29 ? 8.460   13.705  4.334   1.00 40.31  ?  30  A   A "O5'" 1 
ATOM   600  C  "C5'" . A   A 1 29 ? 9.680   14.423  4.485   1.00 40.16  ?  30  A   A "C5'" 1 
ATOM   601  C  "C4'" . A   A 1 29 ? 9.965   14.686  5.938   1.00 40.43  ?  30  A   A "C4'" 1 
ATOM   602  O  "O4'" . A   A 1 29 ? 9.054   15.696  6.444   1.00 42.10  ?  30  A   A "O4'" 1 
ATOM   603  C  "C3'" . A   A 1 29 ? 9.726   13.501  6.862   1.00 44.08  ?  30  A   A "C3'" 1 
ATOM   604  O  "O3'" . A   A 1 29 ? 10.787  12.568  6.852   1.00 47.36  ?  30  A   A "O3'" 1 
ATOM   605  C  "C2'" . A   A 1 29 ? 9.527   14.179  8.195   1.00 39.66  ?  30  A   A "C2'" 1 
ATOM   606  O  "O2'" . A   A 1 29 ? 10.774  14.653  8.667   1.00 47.27  ?  30  A   A "O2'" 1 
ATOM   607  C  "C1'" . A   A 1 29 ? 8.702   15.388  7.778   1.00 42.72  ?  30  A   A "C1'" 1 
ATOM   608  N  N9    . A   A 1 29 ? 7.268   15.080  7.835   1.00 39.57  ?  30  A   A N9    1 
ATOM   609  C  C8    . A   A 1 29 ? 6.415   14.853  6.793   1.00 42.84  ?  30  A   A C8    1 
ATOM   610  N  N7    . A   A 1 29 ? 5.197   14.574  7.193   1.00 43.92  ?  30  A   A N7    1 
ATOM   611  C  C5    . A   A 1 29 ? 5.267   14.614  8.586   1.00 43.03  ?  30  A   A C5    1 
ATOM   612  C  C6    . A   A 1 29 ? 4.307   14.411  9.599   1.00 46.11  ?  30  A   A C6    1 
ATOM   613  N  N6    . A   A 1 29 ? 3.022   14.122  9.329   1.00 46.37  ?  30  A   A N6    1 
ATOM   614  N  N1    . A   A 1 29 ? 4.708   14.511  10.894  1.00 40.13  ?  30  A   A N1    1 
ATOM   615  C  C2    . A   A 1 29 ? 5.991   14.789  11.121  1.00 35.43  ?  30  A   A C2    1 
ATOM   616  N  N3    . A   A 1 29 ? 6.975   15.006  10.256  1.00 36.17  ?  30  A   A N3    1 
ATOM   617  C  C4    . A   A 1 29 ? 6.543   14.912  8.992   1.00 39.06  ?  30  A   A C4    1 
ATOM   618  P  P     . A   A 1 30 ? 10.509  11.012  7.110   1.00 39.50  ?  31  A   A P     1 
ATOM   619  O  OP1   . A   A 1 30 ? 11.838  10.344  7.084   1.00 44.54  ?  31  A   A OP1   1 
ATOM   620  O  OP2   . A   A 1 30 ? 9.383   10.572  6.249   1.00 43.69  ?  31  A   A OP2   1 
ATOM   621  O  "O5'" . A   A 1 30 ? 10.012  10.953  8.607   1.00 36.91  ?  31  A   A "O5'" 1 
ATOM   622  C  "C5'" . A   A 1 30 ? 10.794  11.498  9.648   1.00 41.22  ?  31  A   A "C5'" 1 
ATOM   623  C  "C4'" . A   A 1 30 ? 10.109  11.250  10.949  1.00 41.53  ?  31  A   A "C4'" 1 
ATOM   624  O  "O4'" . A   A 1 30 ? 8.940   12.112  11.038  1.00 33.79  ?  31  A   A "O4'" 1 
ATOM   625  C  "C3'" . A   A 1 30 ? 9.559   9.843   11.040  1.00 42.02  ?  31  A   A "C3'" 1 
ATOM   626  O  "O3'" . A   A 1 30 ? 10.538  8.900   11.468  1.00 37.14  ?  31  A   A "O3'" 1 
ATOM   627  C  "C2'" . A   A 1 30 ? 8.344   10.001  11.948  1.00 40.36  ?  31  A   A "C2'" 1 
ATOM   628  O  "O2'" . A   A 1 30 ? 8.737   10.036  13.308  1.00 45.42  ?  31  A   A "O2'" 1 
ATOM   629  C  "C1'" . A   A 1 30 ? 7.845   11.383  11.543  1.00 41.40  ?  31  A   A "C1'" 1 
ATOM   630  N  N9    . A   A 1 30 ? 6.840   11.294  10.473  1.00 42.05  ?  31  A   A N9    1 
ATOM   631  C  C8    . A   A 1 30 ? 7.014   11.559  9.139   1.00 42.84  ?  31  A   A C8    1 
ATOM   632  N  N7    . A   A 1 30 ? 5.919   11.409  8.437   1.00 43.55  ?  31  A   A N7    1 
ATOM   633  C  C5    . A   A 1 30 ? 4.965   11.022  9.372   1.00 42.81  ?  31  A   A C5    1 
ATOM   634  C  C6    . A   A 1 30 ? 3.601   10.695  9.251   1.00 43.12  ?  31  A   A C6    1 
ATOM   635  N  N6    . A   A 1 30 ? 2.897   10.707  8.109   1.00 40.84  ?  31  A   A N6    1 
ATOM   636  N  N1    . A   A 1 30 ? 2.962   10.356  10.388  1.00 44.21  ?  31  A   A N1    1 
ATOM   637  C  C2    . A   A 1 30 ? 3.657   10.359  11.539  1.00 40.55  ?  31  A   A C2    1 
ATOM   638  N  N3    . A   A 1 30 ? 4.932   10.641  11.794  1.00 36.68  ?  31  A   A N3    1 
ATOM   639  C  C4    . A   A 1 30 ? 5.527   10.962  10.638  1.00 42.26  ?  31  A   A C4    1 
ATOM   640  P  P     . U   A 1 31 ? 10.463  7.364   10.972  1.00 44.37  ?  32  U   A P     1 
ATOM   641  O  OP1   . U   A 1 31 ? 11.331  6.541   11.860  1.00 51.86  ?  32  U   A OP1   1 
ATOM   642  O  OP2   . U   A 1 31 ? 10.658  7.287   9.498   1.00 42.23  ?  32  U   A OP2   1 
ATOM   643  O  "O5'" . U   A 1 31 ? 8.978   6.932   11.319  1.00 37.29  ?  32  U   A "O5'" 1 
ATOM   644  C  "C5'" . U   A 1 31 ? 8.626   6.678   12.668  1.00 38.59  ?  32  U   A "C5'" 1 
ATOM   645  C  "C4'" . U   A 1 31 ? 7.233   6.123   12.779  1.00 41.14  ?  32  U   A "C4'" 1 
ATOM   646  O  "O4'" . U   A 1 31 ? 6.270   7.131   12.380  1.00 39.07  ?  32  U   A "O4'" 1 
ATOM   647  C  "C3'" . U   A 1 31 ? 6.915   4.936   11.899  1.00 42.01  ?  32  U   A "C3'" 1 
ATOM   648  O  "O3'" . U   A 1 31 ? 7.410   3.730   12.469  1.00 46.15  ?  32  U   A "O3'" 1 
ATOM   649  C  "C2'" . U   A 1 31 ? 5.393   5.014   11.805  1.00 39.46  ?  32  U   A "C2'" 1 
ATOM   650  O  "O2'" . U   A 1 31 ? 4.815   4.558   13.011  1.00 44.98  ?  32  U   A "O2'" 1 
ATOM   651  C  "C1'" . U   A 1 31 ? 5.171   6.528   11.761  1.00 35.65  ?  32  U   A "C1'" 1 
ATOM   652  N  N1    . U   A 1 31 ? 5.074   7.047   10.382  1.00 44.28  ?  32  U   A N1    1 
ATOM   653  C  C2    . U   A 1 31 ? 3.807   7.080   9.833   1.00 46.52  ?  32  U   A C2    1 
ATOM   654  O  O2    . U   A 1 31 ? 2.820   6.733   10.446  1.00 45.99  ?  32  U   A O2    1 
ATOM   655  N  N3    . U   A 1 31 ? 3.726   7.527   8.539   1.00 46.18  ?  32  U   A N3    1 
ATOM   656  C  C4    . U   A 1 31 ? 4.779   7.965   7.752   1.00 49.38  ?  32  U   A C4    1 
ATOM   657  O  O4    . U   A 1 31 ? 4.529   8.359   6.598   1.00 51.96  ?  32  U   A O4    1 
ATOM   658  C  C5    . U   A 1 31 ? 6.075   7.910   8.390   1.00 43.18  ?  32  U   A C5    1 
ATOM   659  C  C6    . U   A 1 31 ? 6.178   7.461   9.651   1.00 43.56  ?  32  U   A C6    1 
ATOM   660  P  P     . C   A 1 32 ? 8.305   2.656   11.650  1.00 46.38  ?  33  C   A P     1 
ATOM   661  O  OP1   . C   A 1 32 ? 8.965   1.764   12.656  1.00 53.74  ?  33  C   A OP1   1 
ATOM   662  O  OP2   . C   A 1 32 ? 9.173   3.305   10.636  1.00 45.67  ?  33  C   A OP2   1 
ATOM   663  O  "O5'" . C   A 1 32 ? 7.223   1.772   10.898  1.00 41.09  ?  33  C   A "O5'" 1 
ATOM   664  C  "C5'" . C   A 1 32 ? 6.782   2.142   9.607   1.00 40.40  ?  33  C   A "C5'" 1 
ATOM   665  C  "C4'" . C   A 1 32 ? 6.851   0.980   8.662   1.00 41.99  ?  33  C   A "C4'" 1 
ATOM   666  O  "O4'" . C   A 1 32 ? 5.832   0.013   8.988   1.00 46.92  ?  33  C   A "O4'" 1 
ATOM   667  C  "C3'" . C   A 1 32 ? 6.597   1.310   7.206   1.00 43.21  ?  33  C   A "C3'" 1 
ATOM   668  O  "O3'" . C   A 1 32 ? 7.751   1.796   6.584   1.00 40.66  ?  33  C   A "O3'" 1 
ATOM   669  C  "C2'" . C   A 1 32 ? 6.132   -0.019  6.626   1.00 46.91  ?  33  C   A "C2'" 1 
ATOM   670  O  "O2'" . C   A 1 32 ? 7.237   -0.847  6.312   1.00 47.24  ?  33  C   A "O2'" 1 
ATOM   671  C  "C1'" . C   A 1 32 ? 5.364   -0.615  7.805   1.00 46.36  ?  33  C   A "C1'" 1 
ATOM   672  N  N1    . C   A 1 32 ? 3.913   -0.372  7.697   1.00 44.24  ?  33  C   A N1    1 
ATOM   673  C  C2    . C   A 1 32 ? 3.217   -0.957  6.642   1.00 45.25  ?  33  C   A C2    1 
ATOM   674  O  O2    . C   A 1 32 ? 3.821   -1.650  5.824   1.00 44.74  ?  33  C   A O2    1 
ATOM   675  N  N3    . C   A 1 32 ? 1.887   -0.738  6.531   1.00 48.21  ?  33  C   A N3    1 
ATOM   676  C  C4    . C   A 1 32 ? 1.278   0.021   7.433   1.00 42.61  ?  33  C   A C4    1 
ATOM   677  N  N4    . C   A 1 32 ? -0.018  0.198   7.282   1.00 44.92  ?  33  C   A N4    1 
ATOM   678  C  C5    . C   A 1 32 ? 1.973   0.629   8.515   1.00 42.79  ?  33  C   A C5    1 
ATOM   679  C  C6    . C   A 1 32 ? 3.281   0.420   8.615   1.00 38.79  ?  33  C   A C6    1 
ATOM   680  P  P     . G   A 1 33 ? 7.672   3.153   5.767   1.00 43.41  ?  34  G   A P     1 
ATOM   681  O  OP1   . G   A 1 33 ? 8.915   3.220   4.935   1.00 36.65  ?  34  G   A OP1   1 
ATOM   682  O  OP2   . G   A 1 33 ? 7.429   4.263   6.732   1.00 38.04  ?  34  G   A OP2   1 
ATOM   683  O  "O5'" . G   A 1 33 ? 6.441   2.881   4.798   1.00 36.92  ?  34  G   A "O5'" 1 
ATOM   684  C  "C5'" . G   A 1 33 ? 6.590   1.988   3.710   1.00 39.70  ?  34  G   A "C5'" 1 
ATOM   685  C  "C4'" . G   A 1 33 ? 5.292   1.779   2.983   1.00 43.60  ?  34  G   A "C4'" 1 
ATOM   686  O  "O4'" . G   A 1 33 ? 4.338   1.086   3.825   1.00 42.02  ?  34  G   A "O4'" 1 
ATOM   687  C  "C3'" . G   A 1 33 ? 4.559   3.031   2.545   1.00 42.89  ?  34  G   A "C3'" 1 
ATOM   688  O  "O3'" . G   A 1 33 ? 5.098   3.530   1.333   1.00 46.68  ?  34  G   A "O3'" 1 
ATOM   689  C  "C2'" . G   A 1 33 ? 3.131   2.534   2.393   1.00 48.23  ?  34  G   A "C2'" 1 
ATOM   690  O  "O2'" . G   A 1 33 ? 2.979   1.847   1.160   1.00 48.97  ?  34  G   A "O2'" 1 
ATOM   691  C  "C1'" . G   A 1 33 ? 3.038   1.529   3.542   1.00 40.83  ?  34  G   A "C1'" 1 
ATOM   692  N  N9    . G   A 1 33 ? 2.540   2.160   4.760   1.00 43.39  ?  34  G   A N9    1 
ATOM   693  C  C8    . G   A 1 33 ? 3.378   2.608   5.745   1.00 43.77  ?  34  G   A C8    1 
ATOM   694  N  N7    . G   A 1 33 ? 2.748   3.158   6.727   1.00 44.36  ?  34  G   A N7    1 
ATOM   695  C  C5    . G   A 1 33 ? 1.414   3.071   6.367   1.00 45.65  ?  34  G   A C5    1 
ATOM   696  C  C6    . G   A 1 33 ? 0.289   3.504   7.092   1.00 44.95  ?  34  G   A C6    1 
ATOM   697  O  O6    . G   A 1 33 ? 0.305   4.041   8.206   1.00 45.04  ?  34  G   A O6    1 
ATOM   698  N  N1    . G   A 1 33 ? -0.903  3.243   6.409   1.00 46.03  ?  34  G   A N1    1 
ATOM   699  C  C2    . G   A 1 33 ? -0.986  2.635   5.167   1.00 53.34  ?  34  G   A C2    1 
ATOM   700  N  N2    . G   A 1 33 ? -2.239  2.481   4.676   1.00 49.86  ?  34  G   A N2    1 
ATOM   701  N  N3    . G   A 1 33 ? 0.087   2.209   4.474   1.00 49.86  ?  34  G   A N3    1 
ATOM   702  C  C4    . G   A 1 33 ? 1.246   2.446   5.146   1.00 47.94  ?  34  G   A C4    1 
ATOM   703  P  P     . U   A 1 34 ? 4.850   5.038   0.857   1.00 35.91  ?  35  U   A P     1 
ATOM   704  O  OP1   . U   A 1 34 ? 5.289   5.148   -0.561  1.00 36.65  ?  35  U   A OP1   1 
ATOM   705  O  OP2   . U   A 1 34 ? 5.430   5.924   1.904   1.00 47.58  ?  35  U   A OP2   1 
ATOM   706  O  "O5'" . U   A 1 34 ? 3.284   5.235   0.998   1.00 42.81  ?  35  U   A "O5'" 1 
ATOM   707  C  "C5'" . U   A 1 34 ? 2.388   4.940   -0.044  1.00 38.74  ?  35  U   A "C5'" 1 
ATOM   708  C  "C4'" . U   A 1 34 ? 0.980   5.209   0.403   1.00 49.14  ?  35  U   A "C4'" 1 
ATOM   709  O  "O4'" . U   A 1 34 ? 0.774   4.702   1.745   1.00 52.97  ?  35  U   A "O4'" 1 
ATOM   710  C  "C3'" . U   A 1 34 ? 0.584   6.667   0.526   1.00 43.98  ?  35  U   A "C3'" 1 
ATOM   711  O  "O3'" . U   A 1 34 ? 0.302   7.237   -0.718  1.00 48.55  ?  35  U   A "O3'" 1 
ATOM   712  C  "C2'" . U   A 1 34 ? -0.631  6.606   1.433   1.00 46.20  ?  35  U   A "C2'" 1 
ATOM   713  O  "O2'" . U   A 1 34 ? -1.778  6.206   0.698   1.00 50.19  ?  35  U   A "O2'" 1 
ATOM   714  C  "C1'" . U   A 1 34 ? -0.248  5.460   2.371   1.00 51.82  ?  35  U   A "C1'" 1 
ATOM   715  N  N1    . U   A 1 34 ? 0.203   5.923   3.691   1.00 43.36  ?  35  U   A N1    1 
ATOM   716  C  C2    . U   A 1 34 ? -0.817  6.179   4.565   1.00 45.72  ?  35  U   A C2    1 
ATOM   717  O  O2    . U   A 1 34 ? -1.967  6.045   4.227   1.00 54.20  ?  35  U   A O2    1 
ATOM   718  N  N3    . U   A 1 34 ? -0.464  6.582   5.816   1.00 46.76  ?  35  U   A N3    1 
ATOM   719  C  C4    . U   A 1 34 ? 0.828   6.743   6.260   1.00 52.22  ?  35  U   A C4    1 
ATOM   720  O  O4    . U   A 1 34 ? 1.028   7.127   7.419   1.00 52.98  ?  35  U   A O4    1 
ATOM   721  C  C5    . U   A 1 34 ? 1.837   6.442   5.284   1.00 51.99  ?  35  U   A C5    1 
ATOM   722  C  C6    . U   A 1 34 ? 1.509   6.044   4.048   1.00 45.96  ?  35  U   A C6    1 
ATOM   723  P  P     . A   A 1 35 ? 1.137   8.512   -1.168  1.00 44.08  ?  36  A   A P     1 
ATOM   724  O  OP1   . A   A 1 35 ? 1.212   8.495   -2.664  1.00 49.79  ?  36  A   A OP1   1 
ATOM   725  O  OP2   . A   A 1 35 ? 2.327   8.519   -0.299  1.00 41.24  ?  36  A   A OP2   1 
ATOM   726  O  "O5'" . A   A 1 35 ? 0.256   9.742   -0.680  1.00 45.34  ?  36  A   A "O5'" 1 
ATOM   727  C  "C5'" . A   A 1 35 ? 0.820   10.740  0.140   1.00 45.42  ?  36  A   A "C5'" 1 
ATOM   728  C  "C4'" . A   A 1 35 ? -0.250  11.613  0.719   1.00 51.53  ?  36  A   A "C4'" 1 
ATOM   729  O  "O4'" . A   A 1 35 ? -1.288  11.827  -0.271  1.00 52.24  ?  36  A   A "O4'" 1 
ATOM   730  C  "C3'" . A   A 1 35 ? -0.985  11.042  1.918   1.00 52.58  ?  36  A   A "C3'" 1 
ATOM   731  O  "O3'" . A   A 1 35 ? -0.268  11.263  3.124   1.00 52.73  ?  36  A   A "O3'" 1 
ATOM   732  C  "C2'" . A   A 1 35 ? -2.315  11.773  1.866   1.00 51.21  ?  36  A   A "C2'" 1 
ATOM   733  O  "O2'" . A   A 1 35 ? -2.155  13.097  2.376   1.00 48.63  ?  36  A   A "O2'" 1 
ATOM   734  C  "C1'" . A   A 1 35 ? -2.546  11.860  0.352   1.00 52.69  ?  36  A   A "C1'" 1 
ATOM   735  N  N9    . A   A 1 35 ? -3.318  10.722  -0.183  1.00 57.47  ?  36  A   A N9    1 
ATOM   736  C  C8    . A   A 1 35 ? -2.858  9.759   -1.050  1.00 53.69  ?  36  A   A C8    1 
ATOM   737  N  N7    . A   A 1 35 ? -3.761  8.865   -1.373  1.00 50.92  ?  36  A   A N7    1 
ATOM   738  C  C5    . A   A 1 35 ? -4.889  9.262   -0.668  1.00 54.44  ?  36  A   A C5    1 
ATOM   739  C  C6    . A   A 1 35 ? -6.186  8.728   -0.579  1.00 59.00  ?  36  A   A C6    1 
ATOM   740  N  N6    . A   A 1 35 ? -6.615  7.636   -1.219  1.00 67.08  ?  36  A   A N6    1 
ATOM   741  N  N1    . A   A 1 35 ? -7.058  9.369   0.216   1.00 62.78  ?  36  A   A N1    1 
ATOM   742  C  C2    . A   A 1 35 ? -6.664  10.479  0.863   1.00 63.24  ?  36  A   A C2    1 
ATOM   743  N  N3    . A   A 1 35 ? -5.487  11.084  0.860   1.00 57.67  ?  36  A   A N3    1 
ATOM   744  C  C4    . A   A 1 35 ? -4.634  10.412  0.062   1.00 57.92  ?  36  A   A C4    1 
ATOM   745  P  P     . G   A 1 36 ? 0.098   10.029  4.067   1.00 47.21  ?  37  G   A P     1 
ATOM   746  O  OP1   . G   A 1 36 ? 1.113   10.351  5.101   1.00 54.33  ?  37  G   A OP1   1 
ATOM   747  O  OP2   . G   A 1 36 ? 0.343   8.899   3.138   1.00 60.01  ?  37  G   A OP2   1 
ATOM   748  O  "O5'" . G   A 1 36 ? -1.248  9.759   4.856   1.00 49.10  ?  37  G   A "O5'" 1 
ATOM   749  C  "C5'" . G   A 1 36 ? -1.892  10.822  5.522   1.00 46.03  ?  37  G   A "C5'" 1 
ATOM   750  C  "C4'" . G   A 1 36 ? -3.341  10.527  5.683   1.00 46.86  ?  37  G   A "C4'" 1 
ATOM   751  O  "O4'" . G   A 1 36 ? -3.973  10.498  4.380   1.00 47.94  ?  37  G   A "O4'" 1 
ATOM   752  C  "C3'" . G   A 1 36 ? -3.665  9.165   6.256   1.00 53.66  ?  37  G   A "C3'" 1 
ATOM   753  O  "O3'" . G   A 1 36 ? -3.491  9.097   7.660   1.00 49.14  ?  37  G   A "O3'" 1 
ATOM   754  C  "C2'" . G   A 1 36 ? -5.097  8.971   5.801   1.00 54.49  ?  37  G   A "C2'" 1 
ATOM   755  O  "O2'" . G   A 1 36 ? -5.965  9.743   6.614   1.00 64.83  ?  37  G   A "O2'" 1 
ATOM   756  C  "C1'" . G   A 1 36 ? -5.053  9.597   4.405   1.00 50.90  ?  37  G   A "C1'" 1 
ATOM   757  N  N9    . G   A 1 36 ? -4.857  8.577   3.363   1.00 56.89  ?  37  G   A N9    1 
ATOM   758  C  C8    . G   A 1 36 ? -3.714  8.223   2.694   1.00 54.64  ?  37  G   A C8    1 
ATOM   759  N  N7    . G   A 1 36 ? -3.916  7.258   1.833   1.00 55.58  ?  37  G   A N7    1 
ATOM   760  C  C5    . G   A 1 36 ? -5.273  6.967   1.942   1.00 58.01  ?  37  G   A C5    1 
ATOM   761  C  C6    . G   A 1 36 ? -6.088  6.015   1.279   1.00 61.04  ?  37  G   A C6    1 
ATOM   762  O  O6    . G   A 1 36 ? -5.768  5.188   0.408   1.00 58.74  ?  37  G   A O6    1 
ATOM   763  N  N1    . G   A 1 36 ? -7.405  6.070   1.730   1.00 64.31  ?  37  G   A N1    1 
ATOM   764  C  C2    . G   A 1 36 ? -7.906  6.921   2.680   1.00 60.20  ?  37  G   A C2    1 
ATOM   765  N  N2    . G   A 1 36 ? -9.221  6.831   2.979   1.00 58.87  ?  37  G   A N2    1 
ATOM   766  N  N3    . G   A 1 36 ? -7.151  7.799   3.299   1.00 59.77  ?  37  G   A N3    1 
ATOM   767  C  C4    . G   A 1 36 ? -5.864  7.769   2.886   1.00 59.63  ?  37  G   A C4    1 
ATOM   768  P  P     . C   A 1 37 ? -3.259  7.671   8.379   1.00 56.51  ?  38  C   A P     1 
ATOM   769  O  OP1   . C   A 1 37 ? -3.145  7.964   9.836   1.00 55.46  ?  38  C   A OP1   1 
ATOM   770  O  OP2   . C   A 1 37 ? -2.243  6.839   7.665   1.00 49.20  ?  38  C   A OP2   1 
ATOM   771  O  "O5'" . C   A 1 37 ? -4.646  6.910   8.200   1.00 62.59  ?  38  C   A "O5'" 1 
ATOM   772  C  "C5'" . C   A 1 37 ? -5.813  7.352   8.887   1.00 63.12  ?  38  C   A "C5'" 1 
ATOM   773  C  "C4'" . C   A 1 37 ? -6.991  6.443   8.626   1.00 60.47  ?  38  C   A "C4'" 1 
ATOM   774  O  "O4'" . C   A 1 37 ? -7.448  6.611   7.255   1.00 56.82  ?  38  C   A "O4'" 1 
ATOM   775  C  "C3'" . C   A 1 37 ? -6.701  4.955   8.737   1.00 57.00  ?  38  C   A "C3'" 1 
ATOM   776  O  "O3'" . C   A 1 37 ? -6.707  4.467   10.057  1.00 56.29  ?  38  C   A "O3'" 1 
ATOM   777  C  "C2'" . C   A 1 37 ? -7.777  4.338   7.870   1.00 58.37  ?  38  C   A "C2'" 1 
ATOM   778  O  "O2'" . C   A 1 37 ? -9.003  4.290   8.580   1.00 65.94  ?  38  C   A "O2'" 1 
ATOM   779  C  "C1'" . C   A 1 37 ? -7.871  5.364   6.738   1.00 58.93  ?  38  C   A "C1'" 1 
ATOM   780  N  N1    . C   A 1 37 ? -6.974  4.978   5.632   1.00 57.78  ?  38  C   A N1    1 
ATOM   781  C  C2    . C   A 1 37 ? -7.431  3.989   4.780   1.00 59.42  ?  38  C   A C2    1 
ATOM   782  O  O2    . C   A 1 37 ? -8.563  3.534   4.981   1.00 60.23  ?  38  C   A O2    1 
ATOM   783  N  N3    . C   A 1 37 ? -6.647  3.568   3.764   1.00 60.03  ?  38  C   A N3    1 
ATOM   784  C  C4    . C   A 1 37 ? -5.439  4.083   3.601   1.00 57.86  ?  38  C   A C4    1 
ATOM   785  N  N4    . C   A 1 37 ? -4.720  3.628   2.579   1.00 63.21  ?  38  C   A N4    1 
ATOM   786  C  C5    . C   A 1 37 ? -4.928  5.091   4.467   1.00 58.33  ?  38  C   A C5    1 
ATOM   787  C  C6    . C   A 1 37 ? -5.720  5.505   5.466   1.00 59.83  ?  38  C   A C6    1 
ATOM   788  P  P     . G   A 1 38 ? -5.721  3.252   10.431  1.00 70.99  ?  39  G   A P     1 
ATOM   789  O  OP1   . G   A 1 38 ? -5.776  3.098   11.908  1.00 70.96  ?  39  G   A OP1   1 
ATOM   790  O  OP2   . G   A 1 38 ? -4.421  3.460   9.728   1.00 61.28  ?  39  G   A OP2   1 
ATOM   791  O  "O5'" . G   A 1 38 ? -6.383  1.973   9.751   1.00 61.59  ?  39  G   A "O5'" 1 
ATOM   792  C  "C5'" . G   A 1 38 ? -7.733  1.644   10.019  1.00 60.99  ?  39  G   A "C5'" 1 
ATOM   793  C  "C4'" . G   A 1 38 ? -8.288  0.676   9.007   1.00 59.09  ?  39  G   A "C4'" 1 
ATOM   794  O  "O4'" . G   A 1 38 ? -8.276  1.254   7.679   1.00 58.14  ?  39  G   A "O4'" 1 
ATOM   795  C  "C3'" . G   A 1 38 ? -7.534  -0.631  8.834   1.00 62.62  ?  39  G   A "C3'" 1 
ATOM   796  O  "O3'" . G   A 1 38 ? -7.808  -1.554  9.865   1.00 52.23  ?  39  G   A "O3'" 1 
ATOM   797  C  "C2'" . G   A 1 38 ? -8.024  -1.093  7.475   1.00 66.22  ?  39  G   A "C2'" 1 
ATOM   798  O  "O2'" . G   A 1 38 ? -9.343  -1.604  7.589   1.00 73.01  ?  39  G   A "O2'" 1 
ATOM   799  C  "C1'" . G   A 1 38 ? -8.091  0.231   6.720   1.00 55.87  ?  39  G   A "C1'" 1 
ATOM   800  N  N9    . G   A 1 38 ? -6.849  0.484   5.965   1.00 59.88  ?  39  G   A N9    1 
ATOM   801  C  C8    . G   A 1 38 ? -5.875  1.426   6.225   1.00 64.42  ?  39  G   A C8    1 
ATOM   802  N  N7    . G   A 1 38 ? -4.893  1.400   5.360   1.00 65.33  ?  39  G   A N7    1 
ATOM   803  C  C5    . G   A 1 38 ? -5.233  0.368   4.485   1.00 65.03  ?  39  G   A C5    1 
ATOM   804  C  C6    . G   A 1 38 ? -4.567  -0.140  3.341   1.00 59.52  ?  39  G   A C6    1 
ATOM   805  O  O6    . G   A 1 38 ? -3.504  0.210   2.849   1.00 63.50  ?  39  G   A O6    1 
ATOM   806  N  N1    . G   A 1 38 ? -5.254  -1.169  2.730   1.00 65.31  ?  39  G   A N1    1 
ATOM   807  C  C2    . G   A 1 38 ? -6.446  -1.676  3.170   1.00 68.51  ?  39  G   A C2    1 
ATOM   808  N  N2    . G   A 1 38 ? -6.964  -2.689  2.466   1.00 68.17  ?  39  G   A N2    1 
ATOM   809  N  N3    . G   A 1 38 ? -7.085  -1.213  4.231   1.00 73.76  ?  39  G   A N3    1 
ATOM   810  C  C4    . G   A 1 38 ? -6.431  -0.199  4.844   1.00 66.11  ?  39  G   A C4    1 
ATOM   811  P  P     . U   A 1 39 ? -6.659  -2.516  10.436  1.00 56.72  ?  40  U   A P     1 
ATOM   812  O  OP1   . U   A 1 39 ? -7.238  -3.163  11.635  1.00 72.28  ?  40  U   A OP1   1 
ATOM   813  O  OP2   . U   A 1 39 ? -5.343  -1.859  10.593  1.00 63.31  ?  40  U   A OP2   1 
ATOM   814  O  "O5'" . U   A 1 39 ? -6.504  -3.603  9.293   1.00 69.42  ?  40  U   A "O5'" 1 
ATOM   815  C  "C5'" . U   A 1 39 ? -7.648  -4.206  8.715   1.00 63.85  ?  40  U   A "C5'" 1 
ATOM   816  C  "C4'" . U   A 1 39 ? -7.280  -4.944  7.462   1.00 63.58  ?  40  U   A "C4'" 1 
ATOM   817  O  "O4'" . U   A 1 39 ? -6.943  -4.012  6.410   1.00 66.31  ?  40  U   A "O4'" 1 
ATOM   818  C  "C3'" . U   A 1 39 ? -6.063  -5.838  7.580   1.00 54.03  ?  40  U   A "C3'" 1 
ATOM   819  O  "O3'" . U   A 1 39 ? -6.422  -7.095  8.087   1.00 56.84  ?  40  U   A "O3'" 1 
ATOM   820  C  "C2'" . U   A 1 39 ? -5.555  -5.929  6.151   1.00 61.15  ?  40  U   A "C2'" 1 
ATOM   821  O  "O2'" . U   A 1 39 ? -6.258  -6.936  5.446   1.00 55.82  ?  40  U   A "O2'" 1 
ATOM   822  C  "C1'" . U   A 1 39 ? -5.940  -4.560  5.586   1.00 65.51  ?  40  U   A "C1'" 1 
ATOM   823  N  N1    . U   A 1 39 ? -4.803  -3.623  5.564   1.00 69.23  ?  40  U   A N1    1 
ATOM   824  C  C2    . U   A 1 39 ? -3.861  -3.753  4.559   1.00 66.53  ?  40  U   A C2    1 
ATOM   825  O  O2    . U   A 1 39 ? -3.912  -4.613  3.692   1.00 66.24  ?  40  U   A O2    1 
ATOM   826  N  N3    . U   A 1 39 ? -2.855  -2.831  4.623   1.00 62.95  ?  40  U   A N3    1 
ATOM   827  C  C4    . U   A 1 39 ? -2.725  -1.819  5.554   1.00 64.62  ?  40  U   A C4    1 
ATOM   828  O  O4    . U   A 1 39 ? -1.765  -1.051  5.479   1.00 67.45  ?  40  U   A O4    1 
ATOM   829  C  C5    . U   A 1 39 ? -3.750  -1.754  6.550   1.00 63.74  ?  40  U   A C5    1 
ATOM   830  C  C6    . U   A 1 39 ? -4.736  -2.640  6.524   1.00 65.97  ?  40  U   A C6    1 
ATOM   831  P  P     . G   A 1 40 ? -5.480  -7.868  9.118   1.00 57.89  ?  41  G   A P     1 
ATOM   832  O  OP1   . G   A 1 40 ? -6.089  -9.215  9.204   1.00 63.98  ?  41  G   A OP1   1 
ATOM   833  O  OP2   . G   A 1 40 ? -5.245  -7.061  10.349  1.00 61.19  ?  41  G   A OP2   1 
ATOM   834  O  "O5'" . G   A 1 40 ? -4.108  -8.031  8.343   1.00 60.13  ?  41  G   A "O5'" 1 
ATOM   835  C  "C5'" . G   A 1 40 ? -3.151  -8.966  8.802   1.00 60.99  ?  41  G   A "C5'" 1 
ATOM   836  C  "C4'" . G   A 1 40 ? -2.128  -9.231  7.747   1.00 58.16  ?  41  G   A "C4'" 1 
ATOM   837  O  "O4'" . G   A 1 40 ? -1.303  -8.045  7.611   1.00 65.38  ?  41  G   A "O4'" 1 
ATOM   838  C  "C3'" . G   A 1 40 ? -1.187  -10.372 8.069   1.00 61.72  ?  41  G   A "C3'" 1 
ATOM   839  O  "O3'" . G   A 1 40 ? -0.870  -11.063 6.858   1.00 68.30  ?  41  G   A "O3'" 1 
ATOM   840  C  "C2'" . G   A 1 40 ? 0.039   -9.652  8.646   1.00 61.25  ?  41  G   A "C2'" 1 
ATOM   841  O  "O2'" . G   A 1 40 ? 1.256   -10.355 8.538   1.00 59.03  ?  41  G   A "O2'" 1 
ATOM   842  C  "C1'" . G   A 1 40 ? 0.057   -8.374  7.827   1.00 60.49  ?  41  G   A "C1'" 1 
ATOM   843  N  N9    . G   A 1 40 ? 0.729   -7.222  8.461   1.00 63.68  ?  41  G   A N9    1 
ATOM   844  C  C8    . G   A 1 40 ? 0.615   -6.741  9.759   1.00 65.57  ?  41  G   A C8    1 
ATOM   845  N  N7    . G   A 1 40 ? 1.332   -5.666  10.023  1.00 57.00  ?  41  G   A N7    1 
ATOM   846  C  C5    . G   A 1 40 ? 1.963   -5.407  8.818   1.00 57.54  ?  41  G   A C5    1 
ATOM   847  C  C6    . G   A 1 40 ? 2.868   -4.390  8.466   1.00 52.94  ?  41  G   A C6    1 
ATOM   848  O  O6    . G   A 1 40 ? 3.316   -3.471  9.159   1.00 61.04  ?  41  G   A O6    1 
ATOM   849  N  N1    . G   A 1 40 ? 3.268   -4.486  7.145   1.00 56.36  ?  41  G   A N1    1 
ATOM   850  C  C2    . G   A 1 40 ? 2.867   -5.434  6.258   1.00 56.11  ?  41  G   A C2    1 
ATOM   851  N  N2    . G   A 1 40 ? 3.383   -5.328  5.031   1.00 56.41  ?  41  G   A N2    1 
ATOM   852  N  N3    . G   A 1 40 ? 2.023   -6.397  6.560   1.00 59.95  ?  41  G   A N3    1 
ATOM   853  C  C4    . G   A 1 40 ? 1.608   -6.335  7.847   1.00 65.20  ?  41  G   A C4    1 
ATOM   854  P  P     . U   A 1 41 ? -1.290  -12.619 6.663   1.00 65.43  ?  42  U   A P     1 
ATOM   855  O  OP1   . U   A 1 41 ? -2.644  -12.876 7.223   1.00 66.98  ?  42  U   A OP1   1 
ATOM   856  O  OP2   . U   A 1 41 ? -0.112  -13.404 7.161   1.00 51.87  ?  42  U   A OP2   1 
ATOM   857  O  "O5'" . U   A 1 41 ? -1.477  -12.769 5.077   1.00 61.35  ?  42  U   A "O5'" 1 
ATOM   858  C  "C5'" . U   A 1 41 ? -2.609  -12.210 4.399   1.00 59.69  ?  42  U   A "C5'" 1 
ATOM   859  C  "C4'" . U   A 1 41 ? -2.443  -12.240 2.891   1.00 67.93  ?  42  U   A "C4'" 1 
ATOM   860  O  "O4'" . U   A 1 41 ? -1.718  -11.059 2.451   1.00 61.59  ?  42  U   A "O4'" 1 
ATOM   861  C  "C3'" . U   A 1 41 ? -1.660  -13.428 2.341   1.00 75.04  ?  42  U   A "C3'" 1 
ATOM   862  O  "O3'" . U   A 1 41 ? -2.085  -13.655 0.996   1.00 82.76  ?  42  U   A "O3'" 1 
ATOM   863  C  "C2'" . U   A 1 41 ? -0.238  -12.883 2.313   1.00 66.86  ?  42  U   A "C2'" 1 
ATOM   864  O  "O2'" . U   A 1 41 ? 0.631   -13.546 1.429   1.00 61.72  ?  42  U   A "O2'" 1 
ATOM   865  C  "C1'" . U   A 1 41 ? -0.484  -11.445 1.865   1.00 68.65  ?  42  U   A "C1'" 1 
ATOM   866  N  N1    . U   A 1 41 ? 0.551   -10.504 2.309   1.00 66.87  ?  42  U   A N1    1 
ATOM   867  C  C2    . U   A 1 41 ? 1.579   -10.195 1.435   1.00 68.14  ?  42  U   A C2    1 
ATOM   868  O  O2    . U   A 1 41 ? 1.677   -10.680 0.319   1.00 69.19  ?  42  U   A O2    1 
ATOM   869  N  N3    . U   A 1 41 ? 2.502   -9.297  1.914   1.00 67.18  ?  42  U   A N3    1 
ATOM   870  C  C4    . U   A 1 41 ? 2.502   -8.682  3.151   1.00 62.16  ?  42  U   A C4    1 
ATOM   871  O  O4    . U   A 1 41 ? 3.402   -7.891  3.444   1.00 56.11  ?  42  U   A O4    1 
ATOM   872  C  C5    . U   A 1 41 ? 1.407   -9.064  3.990   1.00 64.24  ?  42  U   A C5    1 
ATOM   873  C  C6    . U   A 1 41 ? 0.490   -9.933  3.554   1.00 62.71  ?  42  U   A C6    1 
ATOM   874  P  P     . C   A 1 42 ? -2.843  -15.007 0.561   1.00 79.40  ?  43  C   A P     1 
ATOM   875  O  OP1   . C   A 1 42 ? -4.282  -14.885 0.937   1.00 77.26  ?  43  C   A OP1   1 
ATOM   876  O  OP2   . C   A 1 42 ? -2.016  -16.146 1.036   1.00 74.07  ?  43  C   A OP2   1 
ATOM   877  O  "O5'" . C   A 1 42 ? -2.780  -14.953 -1.031  1.00 67.43  ?  43  C   A "O5'" 1 
ATOM   878  C  "C5'" . C   A 1 42 ? -3.180  -16.053 -1.828  1.00 77.32  ?  43  C   A "C5'" 1 
ATOM   879  C  "C4'" . C   A 1 42 ? -2.181  -16.317 -2.925  1.00 78.52  ?  43  C   A "C4'" 1 
ATOM   880  O  "O4'" . C   A 1 42 ? -1.938  -15.096 -3.672  1.00 76.86  ?  43  C   A "O4'" 1 
ATOM   881  C  "C3'" . C   A 1 42 ? -0.801  -16.742 -2.461  1.00 79.17  ?  43  C   A "C3'" 1 
ATOM   882  O  "O3'" . C   A 1 42 ? -0.728  -18.119 -2.145  1.00 74.80  ?  43  C   A "O3'" 1 
ATOM   883  C  "C2'" . C   A 1 42 ? 0.091   -16.329 -3.624  1.00 78.10  ?  43  C   A "C2'" 1 
ATOM   884  O  "O2'" . C   A 1 42 ? 0.062   -17.310 -4.653  1.00 81.35  ?  43  C   A "O2'" 1 
ATOM   885  C  "C1'" . C   A 1 42 ? -0.597  -15.052 -4.107  1.00 71.36  ?  43  C   A "C1'" 1 
ATOM   886  N  N1    . C   A 1 42 ? 0.047   -13.847 -3.545  1.00 78.57  ?  43  C   A N1    1 
ATOM   887  C  C2    . C   A 1 42 ? 1.097   -13.288 -4.278  1.00 87.97  ?  43  C   A C2    1 
ATOM   888  O  O2    . C   A 1 42 ? 1.388   -13.844 -5.349  1.00 91.99  ?  43  C   A O2    1 
ATOM   889  N  N3    . C   A 1 42 ? 1.740   -12.180 -3.813  1.00 78.48  ?  43  C   A N3    1 
ATOM   890  C  C4    . C   A 1 42 ? 1.356   -11.643 -2.649  1.00 71.90  ?  43  C   A C4    1 
ATOM   891  N  N4    . C   A 1 42 ? 2.000   -10.560 -2.211  1.00 65.27  ?  43  C   A N4    1 
ATOM   892  C  C5    . C   A 1 42 ? 0.292   -12.201 -1.875  1.00 72.34  ?  43  C   A C5    1 
ATOM   893  C  C6    . C   A 1 42 ? -0.326  -13.292 -2.350  1.00 77.01  ?  43  C   A C6    1 
ATOM   894  P  P     . G   A 1 43 ? 0.572   -18.695 -1.400  1.00 77.81  ?  44  G   A P     1 
ATOM   895  O  OP1   . G   A 1 43 ? 0.443   -20.177 -1.367  1.00 83.30  ?  44  G   A OP1   1 
ATOM   896  O  OP2   . G   A 1 43 ? 0.733   -17.973 -0.113  1.00 79.91  ?  44  G   A OP2   1 
ATOM   897  O  "O5'" . G   A 1 43 ? 1.775   -18.283 -2.364  1.00 62.32  ?  44  G   A "O5'" 1 
ATOM   898  C  "C5'" . G   A 1 43 ? 3.004   -17.838 -1.831  1.00 66.54  ?  44  G   A "C5'" 1 
ATOM   899  C  "C4'" . G   A 1 43 ? 3.758   -16.945 -2.782  1.00 68.80  ?  44  G   A "C4'" 1 
ATOM   900  O  "O4'" . G   A 1 43 ? 3.167   -15.611 -2.803  1.00 72.13  ?  44  G   A "O4'" 1 
ATOM   901  C  "C3'" . G   A 1 43 ? 5.203   -16.726 -2.373  1.00 69.36  ?  44  G   A "C3'" 1 
ATOM   902  O  "O3'" . G   A 1 43 ? 6.044   -17.753 -2.857  1.00 67.02  ?  44  G   A "O3'" 1 
ATOM   903  C  "C2'" . G   A 1 43 ? 5.531   -15.334 -2.907  1.00 67.18  ?  44  G   A "C2'" 1 
ATOM   904  O  "O2'" . G   A 1 43 ? 5.921   -15.385 -4.270  1.00 67.75  ?  44  G   A "O2'" 1 
ATOM   905  C  "C1'" . G   A 1 43 ? 4.178   -14.622 -2.777  1.00 68.49  ?  44  G   A "C1'" 1 
ATOM   906  N  N9    . G   A 1 43 ? 4.058   -13.920 -1.482  1.00 71.02  ?  44  G   A N9    1 
ATOM   907  C  C8    . G   A 1 43 ? 2.957   -13.992 -0.668  1.00 72.48  ?  44  G   A C8    1 
ATOM   908  N  N7    . G   A 1 43 ? 3.077   -13.314 0.439   1.00 70.59  ?  44  G   A N7    1 
ATOM   909  C  C5    . G   A 1 43 ? 4.340   -12.756 0.365   1.00 66.33  ?  44  G   A C5    1 
ATOM   910  C  C6    . G   A 1 43 ? 5.008   -11.914 1.297   1.00 68.40  ?  44  G   A C6    1 
ATOM   911  O  O6    . G   A 1 43 ? 4.612   -11.488 2.398   1.00 69.36  ?  44  G   A O6    1 
ATOM   912  N  N1    . G   A 1 43 ? 6.275   -11.579 0.843   1.00 64.31  ?  44  G   A N1    1 
ATOM   913  C  C2    . G   A 1 43 ? 6.804   -11.988 -0.354  1.00 63.48  ?  44  G   A C2    1 
ATOM   914  N  N2    . G   A 1 43 ? 8.040   -11.543 -0.608  1.00 68.90  ?  44  G   A N2    1 
ATOM   915  N  N3    . G   A 1 43 ? 6.194   -12.764 -1.234  1.00 59.74  ?  44  G   A N3    1 
ATOM   916  C  C4    . G   A 1 43 ? 4.962   -13.113 -0.816  1.00 65.53  ?  44  G   A C4    1 
ATOM   917  P  P     . G   A 1 44 ? 6.774   -18.734 -1.818  1.00 78.04  ?  45  G   A P     1 
ATOM   918  O  OP1   . G   A 1 44 ? 7.232   -19.985 -2.486  1.00 69.94  ?  45  G   A OP1   1 
ATOM   919  O  OP2   . G   A 1 44 ? 5.842   -18.881 -0.661  1.00 77.09  ?  45  G   A OP2   1 
ATOM   920  O  "O5'" . G   A 1 44 ? 8.086   -17.911 -1.447  1.00 67.44  ?  45  G   A "O5'" 1 
ATOM   921  C  "C5'" . G   A 1 44 ? 8.758   -17.171 -2.455  1.00 65.01  ?  45  G   A "C5'" 1 
ATOM   922  C  "C4'" . G   A 1 44 ? 9.709   -16.173 -1.856  1.00 65.74  ?  45  G   A "C4'" 1 
ATOM   923  O  "O4'" . G   A 1 44 ? 8.992   -14.961 -1.520  1.00 63.62  ?  45  G   A "O4'" 1 
ATOM   924  C  "C3'" . G   A 1 44 ? 10.343  -16.624 -0.555  1.00 61.77  ?  45  G   A "C3'" 1 
ATOM   925  O  "O3'" . G   A 1 44 ? 11.495  -17.405 -0.772  1.00 62.02  ?  45  G   A "O3'" 1 
ATOM   926  C  "C2'" . G   A 1 44 ? 10.593  -15.318 0.201   1.00 65.78  ?  45  G   A "C2'" 1 
ATOM   927  O  "O2'" . G   A 1 44 ? 11.796  -14.680 -0.199  1.00 61.04  ?  45  G   A "O2'" 1 
ATOM   928  C  "C1'" . G   A 1 44 ? 9.421   -14.466 -0.269  1.00 69.32  ?  45  G   A "C1'" 1 
ATOM   929  N  N9    . G   A 1 44 ? 8.266   -14.518 0.645   1.00 66.43  ?  45  G   A N9    1 
ATOM   930  C  C8    . G   A 1 44 ? 7.081   -15.164 0.383   1.00 64.52  ?  45  G   A C8    1 
ATOM   931  N  N7    . G   A 1 44 ? 6.205   -15.025 1.334   1.00 66.59  ?  45  G   A N7    1 
ATOM   932  C  C5    . G   A 1 44 ? 6.864   -14.233 2.266   1.00 62.21  ?  45  G   A C5    1 
ATOM   933  C  C6    . G   A 1 44 ? 6.381   -13.758 3.498   1.00 59.57  ?  45  G   A C6    1 
ATOM   934  O  O6    . G   A 1 44 ? 5.260   -13.974 3.999   1.00 63.96  ?  45  G   A O6    1 
ATOM   935  N  N1    . G   A 1 44 ? 7.355   -13.001 4.125   1.00 56.63  ?  45  G   A N1    1 
ATOM   936  C  C2    . G   A 1 44 ? 8.617   -12.738 3.628   1.00 59.64  ?  45  G   A C2    1 
ATOM   937  N  N2    . G   A 1 44 ? 9.406   -11.984 4.398   1.00 51.18  ?  45  G   A N2    1 
ATOM   938  N  N3    . G   A 1 44 ? 9.080   -13.173 2.471   1.00 58.49  ?  45  G   A N3    1 
ATOM   939  C  C4    . G   A 1 44 ? 8.136   -13.905 1.858   1.00 59.18  ?  45  G   A C4    1 
ATOM   940  P  P     . C   A 1 45 ? 11.773  -18.664 0.169   1.00 67.76  ?  46  C   A P     1 
ATOM   941  O  OP1   . C   A 1 45 ? 12.826  -19.481 -0.494  1.00 72.04  ?  46  C   A OP1   1 
ATOM   942  O  OP2   . C   A 1 45 ? 10.423  -19.212 0.554   1.00 56.72  ?  46  C   A OP2   1 
ATOM   943  O  "O5'" . C   A 1 45 ? 12.473  -18.024 1.449   1.00 62.65  ?  46  C   A "O5'" 1 
ATOM   944  C  "C5'" . C   A 1 45 ? 13.563  -17.135 1.303   1.00 61.98  ?  46  C   A "C5'" 1 
ATOM   945  C  "C4'" . C   A 1 45 ? 13.813  -16.366 2.573   1.00 61.98  ?  46  C   A "C4'" 1 
ATOM   946  O  "O4'" . C   A 1 45 ? 12.793  -15.356 2.732   1.00 59.02  ?  46  C   A "O4'" 1 
ATOM   947  C  "C3'" . C   A 1 45 ? 13.725  -17.171 3.854   1.00 63.68  ?  46  C   A "C3'" 1 
ATOM   948  O  "O3'" . C   A 1 45 ? 14.883  -17.930 4.142   1.00 66.83  ?  46  C   A "O3'" 1 
ATOM   949  C  "C2'" . C   A 1 45 ? 13.409  -16.113 4.899   1.00 61.27  ?  46  C   A "C2'" 1 
ATOM   950  O  "O2'" . C   A 1 45 ? 14.574  -15.403 5.281   1.00 65.27  ?  46  C   A "O2'" 1 
ATOM   951  C  "C1'" . C   A 1 45 ? 12.516  -15.170 4.107   1.00 59.94  ?  46  C   A "C1'" 1 
ATOM   952  N  N1    . C   A 1 45 ? 11.088  -15.441 4.353   1.00 59.98  ?  46  C   A N1    1 
ATOM   953  C  C2    . C   A 1 45 ? 10.567  -14.953 5.552   1.00 52.02  ?  46  C   A C2    1 
ATOM   954  O  O2    . C   A 1 45 ? 11.339  -14.343 6.311   1.00 57.64  ?  46  C   A O2    1 
ATOM   955  N  N3    . C   A 1 45 ? 9.256   -15.142 5.830   1.00 48.95  ?  46  C   A N3    1 
ATOM   956  C  C4    . C   A 1 45 ? 8.503   -15.805 4.948   1.00 50.58  ?  46  C   A C4    1 
ATOM   957  N  N4    . C   A 1 45 ? 7.232   -16.001 5.258   1.00 47.58  ?  46  C   A N4    1 
ATOM   958  C  C5    . C   A 1 45 ? 9.016   -16.323 3.722   1.00 53.61  ?  46  C   A C5    1 
ATOM   959  C  C6    . C   A 1 45 ? 10.309  -16.118 3.455   1.00 56.92  ?  46  C   A C6    1 
ATOM   960  P  P     . G   A 1 46 ? 14.699  -19.274 4.995   1.00 65.18  ?  47  G   A P     1 
ATOM   961  O  OP1   . G   A 1 46 ? 16.039  -19.911 5.194   1.00 65.01  ?  47  G   A OP1   1 
ATOM   962  O  OP2   . G   A 1 46 ? 13.521  -19.990 4.414   1.00 49.27  ?  47  G   A OP2   1 
ATOM   963  O  "O5'" . G   A 1 46 ? 14.269  -18.740 6.422   1.00 59.25  ?  47  G   A "O5'" 1 
ATOM   964  C  "C5'" . G   A 1 46 ? 15.247  -18.201 7.285   1.00 59.95  ?  47  G   A "C5'" 1 
ATOM   965  C  "C4'" . G   A 1 46 ? 14.624  -17.750 8.570   1.00 62.74  ?  47  G   A "C4'" 1 
ATOM   966  O  "O4'" . G   A 1 46 ? 13.538  -16.841 8.262   1.00 57.95  ?  47  G   A "O4'" 1 
ATOM   967  C  "C3'" . G   A 1 46 ? 13.956  -18.826 9.416   1.00 58.80  ?  47  G   A "C3'" 1 
ATOM   968  O  "O3'" . G   A 1 46 ? 14.864  -19.619 10.166  1.00 51.04  ?  47  G   A "O3'" 1 
ATOM   969  C  "C2'" . G   A 1 46 ? 12.996  -17.999 10.259  1.00 55.63  ?  47  G   A "C2'" 1 
ATOM   970  O  "O2'" . G   A 1 46 ? 13.717  -17.289 11.250  1.00 49.22  ?  47  G   A "O2'" 1 
ATOM   971  C  "C1'" . G   A 1 46 ? 12.518  -16.978 9.227   1.00 48.96  ?  47  G   A "C1'" 1 
ATOM   972  N  N9    . G   A 1 46 ? 11.277  -17.381 8.547   1.00 42.70  ?  47  G   A N9    1 
ATOM   973  C  C8    . G   A 1 46 ? 11.052  -17.779 7.254   1.00 46.09  ?  47  G   A C8    1 
ATOM   974  N  N7    . G   A 1 46 ? 9.778   -18.034 7.013   1.00 38.97  ?  47  G   A N7    1 
ATOM   975  C  C5    . G   A 1 46 ? 9.150   -17.762 8.209   1.00 36.09  ?  47  G   A C5    1 
ATOM   976  C  C6    . G   A 1 46 ? 7.803   -17.835 8.594   1.00 38.33  ?  47  G   A C6    1 
ATOM   977  O  O6    . G   A 1 46 ? 6.799   -18.155 7.955   1.00 47.38  ?  47  G   A O6    1 
ATOM   978  N  N1    . G   A 1 46 ? 7.627   -17.479 9.905   1.00 40.38  ?  47  G   A N1    1 
ATOM   979  C  C2    . G   A 1 46 ? 8.600   -17.071 10.760  1.00 43.03  ?  47  G   A C2    1 
ATOM   980  N  N2    . G   A 1 46 ? 8.180   -16.757 11.998  1.00 42.29  ?  47  G   A N2    1 
ATOM   981  N  N3    . G   A 1 46 ? 9.872   -16.990 10.424  1.00 40.46  ?  47  G   A N3    1 
ATOM   982  C  C4    . G   A 1 46 ? 10.057  -17.348 9.148   1.00 41.23  ?  47  G   A C4    1 
ATOM   983  P  P     . C   A 1 47 ? 14.617  -21.209 10.303  1.00 63.30  ?  48  C   A P     1 
ATOM   984  O  OP1   . C   A 1 47 ? 15.924  -21.887 10.454  1.00 51.01  ?  48  C   A OP1   1 
ATOM   985  O  OP2   . C   A 1 47 ? 13.721  -21.693 9.212   1.00 51.44  ?  48  C   A OP2   1 
ATOM   986  O  "O5'" . C   A 1 47 ? 13.854  -21.331 11.700  1.00 58.23  ?  48  C   A "O5'" 1 
ATOM   987  C  "C5'" . C   A 1 47 ? 14.094  -20.394 12.741  1.00 51.43  ?  48  C   A "C5'" 1 
ATOM   988  C  "C4'" . C   A 1 47 ? 12.908  -20.281 13.670  1.00 53.70  ?  48  C   A "C4'" 1 
ATOM   989  O  "O4'" . C   A 1 47 ? 11.886  -19.415 13.098  1.00 44.24  ?  48  C   A "O4'" 1 
ATOM   990  C  "C3'" . C   A 1 47 ? 12.173  -21.581 13.956  1.00 47.42  ?  48  C   A "C3'" 1 
ATOM   991  O  "O3'" . C   A 1 47 ? 12.809  -22.387 14.931  1.00 39.36  ?  48  C   A "O3'" 1 
ATOM   992  C  "C2'" . C   A 1 47 ? 10.780  -21.104 14.365  1.00 45.17  ?  48  C   A "C2'" 1 
ATOM   993  O  "O2'" . C   A 1 47 ? 10.743  -20.677 15.711  1.00 47.52  ?  48  C   A "O2'" 1 
ATOM   994  C  "C1'" . C   A 1 47 ? 10.602  -19.874 13.485  1.00 44.99  ?  48  C   A "C1'" 1 
ATOM   995  N  N1    . C   A 1 47 ? 9.784   -20.173 12.288  1.00 46.69  ?  48  C   A N1    1 
ATOM   996  C  C2    . C   A 1 47 ? 8.405   -20.306 12.480  1.00 42.99  ?  48  C   A C2    1 
ATOM   997  O  O2    . C   A 1 47 ? 7.958   -20.179 13.637  1.00 40.54  ?  48  C   A O2    1 
ATOM   998  N  N3    . C   A 1 47 ? 7.613   -20.556 11.402  1.00 42.77  ?  48  C   A N3    1 
ATOM   999  C  C4    . C   A 1 47 ? 8.166   -20.689 10.182  1.00 45.54  ?  48  C   A C4    1 
ATOM   1000 N  N4    . C   A 1 47 ? 7.374   -20.949 9.128   1.00 40.37  ?  48  C   A N4    1 
ATOM   1001 C  C5    . C   A 1 47 ? 9.576   -20.581 9.978   1.00 39.81  ?  48  C   A C5    1 
ATOM   1002 C  C6    . C   A 1 47 ? 10.334  -20.322 11.046  1.00 44.89  ?  48  C   A C6    1 
ATOM   1003 P  P     . C   A 1 48 ? 12.640  -23.990 14.891  1.00 54.05  ?  49  C   A P     1 
ATOM   1004 O  OP1   . C   A 1 48 ? 13.410  -24.453 16.078  1.00 53.88  ?  49  C   A OP1   1 
ATOM   1005 O  OP2   . C   A 1 48 ? 12.951  -24.545 13.547  1.00 45.66  ?  49  C   A OP2   1 
ATOM   1006 O  "O5'" . C   A 1 48 ? 11.071  -24.262 15.088  1.00 45.50  ?  49  C   A "O5'" 1 
ATOM   1007 C  "C5'" . C   A 1 48 ? 10.469  -24.098 16.364  1.00 45.88  ?  49  C   A "C5'" 1 
ATOM   1008 C  "C4'" . C   A 1 48 ? 8.995   -24.441 16.366  1.00 41.54  ?  49  C   A "C4'" 1 
ATOM   1009 O  "O4'" . C   A 1 48 ? 8.269   -23.572 15.477  1.00 43.20  ?  49  C   A "O4'" 1 
ATOM   1010 C  "C3'" . C   A 1 48 ? 8.634   -25.834 15.926  1.00 35.67  ?  49  C   A "C3'" 1 
ATOM   1011 O  "O3'" . C   A 1 48 ? 8.710   -26.730 17.005  1.00 43.96  ?  49  C   A "O3'" 1 
ATOM   1012 C  "C2'" . C   A 1 48 ? 7.211   -25.697 15.407  1.00 39.34  ?  49  C   A "C2'" 1 
ATOM   1013 O  "O2'" . C   A 1 48 ? 6.276   -25.919 16.447  1.00 41.78  ?  49  C   A "O2'" 1 
ATOM   1014 C  "C1'" . C   A 1 48 ? 7.150   -24.235 14.963  1.00 39.11  ?  49  C   A "C1'" 1 
ATOM   1015 N  N1    . C   A 1 48 ? 7.163   -24.094 13.499  1.00 37.17  ?  49  C   A N1    1 
ATOM   1016 C  C2    . C   A 1 48 ? 5.941   -24.158 12.852  1.00 34.67  ?  49  C   A C2    1 
ATOM   1017 O  O2    . C   A 1 48 ? 4.932   -24.351 13.548  1.00 37.44  ?  49  C   A O2    1 
ATOM   1018 N  N3    . C   A 1 48 ? 5.894   -24.029 11.511  1.00 34.85  ?  49  C   A N3    1 
ATOM   1019 C  C4    . C   A 1 48 ? 7.026   -23.842 10.834  1.00 37.48  ?  49  C   A C4    1 
ATOM   1020 N  N4    . C   A 1 48 ? 6.951   -23.723 9.505   1.00 38.09  ?  49  C   A N4    1 
ATOM   1021 C  C5    . C   A 1 48 ? 8.285   -23.760 11.482  1.00 39.72  ?  49  C   A C5    1 
ATOM   1022 C  C6    . C   A 1 48 ? 8.317   -23.887 12.813  1.00 40.54  ?  49  C   A C6    1 
HETATM 1023 P  PG    . GTP B 2 .  ? -0.806  -23.969 -0.349  1.00 106.31 ?  101 GTP A PG    1 
HETATM 1024 O  O1G   . GTP B 2 .  ? 0.105   -23.824 -1.561  1.00 91.17  ?  101 GTP A O1G   1 
HETATM 1025 O  O2G   . GTP B 2 .  ? -1.975  -24.858 -0.734  1.00 76.93  -1 101 GTP A O2G   1 
HETATM 1026 O  O3G   . GTP B 2 .  ? -1.300  -22.592 0.074   1.00 75.77  ?  101 GTP A O3G   1 
HETATM 1027 O  O3B   . GTP B 2 .  ? 0.029   -24.726 0.837   1.00 93.70  ?  101 GTP A O3B   1 
HETATM 1028 P  PB    . GTP B 2 .  ? -0.261  -24.683 2.441   1.00 74.59  ?  101 GTP A PB    1 
HETATM 1029 O  O1B   . GTP B 2 .  ? -0.758  -26.075 2.788   1.00 58.99  -1 101 GTP A O1B   1 
HETATM 1030 O  O2B   . GTP B 2 .  ? 0.973   -24.234 3.219   1.00 56.67  ?  101 GTP A O2B   1 
HETATM 1031 O  O3A   . GTP B 2 .  ? -1.558  -23.727 2.674   1.00 69.75  ?  101 GTP A O3A   1 
HETATM 1032 P  PA    . GTP B 2 .  ? -1.865  -22.773 3.958   1.00 60.23  ?  101 GTP A PA    1 
HETATM 1033 O  O1A   . GTP B 2 .  ? -2.981  -21.838 3.539   1.00 61.17  -1 101 GTP A O1A   1 
HETATM 1034 O  O2A   . GTP B 2 .  ? -0.659  -21.992 4.455   1.00 48.20  ?  101 GTP A O2A   1 
HETATM 1035 O  "O5'" . GTP B 2 .  ? -2.437  -23.624 5.195   1.00 44.33  ?  101 GTP A "O5'" 1 
HETATM 1036 C  "C5'" . GTP B 2 .  ? -3.024  -22.747 6.126   1.00 40.61  ?  101 GTP A "C5'" 1 
HETATM 1037 C  "C4'" . GTP B 2 .  ? -3.258  -23.385 7.451   1.00 34.83  ?  101 GTP A "C4'" 1 
HETATM 1038 O  "O4'" . GTP B 2 .  ? -2.514  -24.589 7.471   1.00 42.35  ?  101 GTP A "O4'" 1 
HETATM 1039 C  "C3'" . GTP B 2 .  ? -2.580  -22.496 8.434   1.00 36.13  ?  101 GTP A "C3'" 1 
HETATM 1040 O  "O3'" . GTP B 2 .  ? -3.360  -21.380 8.877   1.00 41.56  ?  101 GTP A "O3'" 1 
HETATM 1041 C  "C2'" . GTP B 2 .  ? -2.094  -23.528 9.458   1.00 39.03  ?  101 GTP A "C2'" 1 
HETATM 1042 O  "O2'" . GTP B 2 .  ? -3.086  -23.931 10.348  1.00 37.65  ?  101 GTP A "O2'" 1 
HETATM 1043 C  "C1'" . GTP B 2 .  ? -1.696  -24.716 8.616   1.00 33.43  ?  101 GTP A "C1'" 1 
HETATM 1044 N  N9    . GTP B 2 .  ? -0.294  -24.481 8.221   1.00 32.94  ?  101 GTP A N9    1 
HETATM 1045 C  C8    . GTP B 2 .  ? 0.152   -24.277 6.931   1.00 36.70  ?  101 GTP A C8    1 
HETATM 1046 N  N7    . GTP B 2 .  ? 1.492   -24.055 6.991   1.00 38.24  ?  101 GTP A N7    1 
HETATM 1047 C  C5    . GTP B 2 .  ? 1.906   -24.112 8.288   1.00 32.46  ?  101 GTP A C5    1 
HETATM 1048 C  C6    . GTP B 2 .  ? 3.173   -23.990 8.906   1.00 34.01  ?  101 GTP A C6    1 
HETATM 1049 O  O6    . GTP B 2 .  ? 4.174   -23.765 8.230   1.00 31.66  ?  101 GTP A O6    1 
HETATM 1050 N  N1    . GTP B 2 .  ? 3.320   -24.091 10.290  1.00 34.11  ?  101 GTP A N1    1 
HETATM 1051 C  C2    . GTP B 2 .  ? 2.169   -24.342 11.028  1.00 39.14  ?  101 GTP A C2    1 
HETATM 1052 N  N2    . GTP B 2 .  ? 2.240   -24.449 12.354  1.00 32.90  ?  101 GTP A N2    1 
HETATM 1053 N  N3    . GTP B 2 .  ? 0.928   -24.486 10.396  1.00 37.15  ?  101 GTP A N3    1 
HETATM 1054 C  C4    . GTP B 2 .  ? 0.785   -24.373 9.058   1.00 29.57  ?  101 GTP A C4    1 
HETATM 1055 C  C10   . J8L C 3 .  ? -1.409  -6.759  3.656   1.00 65.16  ?  102 J8L A C10   1 
HETATM 1056 C  C13   . J8L C 3 .  ? 0.598   -7.333  -0.150  1.00 64.61  ?  102 J8L A C13   1 
HETATM 1057 C  C15   . J8L C 3 .  ? 2.269   -5.704  0.408   1.00 66.21  ?  102 J8L A C15   1 
HETATM 1058 C  C17   . J8L C 3 .  ? 2.425   -6.891  -1.814  1.00 61.93  ?  102 J8L A C17   1 
HETATM 1059 C  C20   . J8L C 3 .  ? -1.567  -2.361  9.702   1.00 58.43  ?  102 J8L A C20   1 
HETATM 1060 C  C21   . J8L C 3 .  ? -1.659  -2.178  11.216  1.00 70.75  ?  102 J8L A C21   1 
HETATM 1061 C  C24   . J8L C 3 .  ? 0.277   -3.298  12.087  1.00 64.01  ?  102 J8L A C24   1 
HETATM 1062 C  C01   . J8L C 3 .  ? -1.617  -5.205  7.345   1.00 58.95  ?  102 J8L A C01   1 
HETATM 1063 C  C02   . J8L C 3 .  ? -1.143  -4.093  7.987   1.00 61.74  ?  102 J8L A C02   1 
HETATM 1064 C  C04   . J8L C 3 .  ? 0.182   -3.605  6.223   1.00 54.31  ?  102 J8L A C04   1 
HETATM 1065 C  C05   . J8L C 3 .  ? -0.269  -4.720  5.562   1.00 61.88  ?  102 J8L A C05   1 
HETATM 1066 C  C07   . J8L C 3 .  ? 0.310   -5.030  4.170   1.00 63.60  ?  102 J8L A C07   1 
HETATM 1067 C  C08   . J8L C 3 .  ? -0.180  -5.917  3.312   1.00 64.35  ?  102 J8L A C08   1 
HETATM 1068 C  C09   . J8L C 3 .  ? 0.516   -6.147  1.964   1.00 67.75  ?  102 J8L A C09   1 
HETATM 1069 C  C12   . J8L C 3 .  ? -0.001  -7.089  1.076   1.00 68.23  ?  102 J8L A C12   1 
HETATM 1070 C  C14   . J8L C 3 .  ? 1.742   -6.637  -0.477  1.00 63.86  ?  102 J8L A C14   1 
HETATM 1071 C  C16   . J8L C 3 .  ? 1.670   -5.455  1.636   1.00 64.46  ?  102 J8L A C16   1 
HETATM 1072 C  C23   . J8L C 3 .  ? 0.517   -1.148  11.048  1.00 54.48  ?  102 J8L A C23   1 
HETATM 1073 C  C25   . J8L C 3 .  ? -2.235  -4.805  10.123  1.00 62.97  ?  102 J8L A C25   1 
HETATM 1074 N  N03   . J8L C 3 .  ? -0.259  -3.310  7.417   1.00 57.70  ?  102 J8L A N03   1 
HETATM 1075 N  N06   . J8L C 3 .  ? -1.156  -5.501  6.153   1.00 64.19  ?  102 J8L A N06   1 
HETATM 1076 N  N11   . J8L C 3 .  ? -2.306  -7.393  3.942   1.00 66.08  ?  102 J8L A N11   1 
HETATM 1077 N  N18   . J8L C 3 .  ? 2.933   -7.078  -2.809  1.00 64.84  ?  102 J8L A N18   1 
HETATM 1078 N  N19   . J8L C 3 .  ? -1.651  -3.757  9.296   1.00 65.42  ?  102 J8L A N19   1 
HETATM 1079 N  N22   . J8L C 3 .  ? -0.347  -2.005  11.841  1.00 65.94  ?  102 J8L A N22   1 
HETATM 1080 MG MG    . MG  D 4 .  ? 9.896   -1.207  1.040   1.00 46.04  ?  103 MG  A MG    1 
HETATM 1081 MG MG    . MG  E 4 .  ? -0.117  6.756   9.426   1.00 30.90  ?  104 MG  A MG    1 
HETATM 1082 MG MG    . MG  F 4 .  ? 11.555  5.697   8.161   1.00 45.17  ?  105 MG  A MG    1 
HETATM 1083 MG MG    . MG  G 4 .  ? -0.196  -16.730 1.000   1.00 65.04  ?  106 MG  A MG    1 
HETATM 1084 MG MG    . MG  H 4 .  ? 2.377   9.697   2.096   1.00 54.09  ?  107 MG  A MG    1 
HETATM 1085 MG MG    . MG  I 4 .  ? -4.110  -23.219 1.745   1.00 69.92  ?  108 MG  A MG    1 
HETATM 1086 MG MG    . MG  J 4 .  ? 8.677   14.290  -0.171  1.00 28.56  ?  109 MG  A MG    1 
HETATM 1087 MG MG    . MG  K 4 .  ? 6.040   11.541  5.058   1.00 42.01  ?  110 MG  A MG    1 
HETATM 1088 MG MG    . MG  L 4 .  ? 6.939   -26.939 17.863  1.00 33.97  ?  111 MG  A MG    1 
HETATM 1089 O  O     . HOH M 5 .  ? 9.367   5.853   8.587   1.00 37.98  ?  201 HOH A O     1 
HETATM 1090 O  O     . HOH M 5 .  ? 12.181  -25.491 11.605  1.00 45.33  ?  202 HOH A O     1 
HETATM 1091 O  O     . HOH M 5 .  ? -1.840  6.397   10.916  1.00 57.93  ?  203 HOH A O     1 
HETATM 1092 O  O     . HOH M 5 .  ? 2.323   -24.923 0.426   1.00 77.17  ?  204 HOH A O     1 
HETATM 1093 O  O     . HOH M 5 .  ? 4.778   11.270  3.190   1.00 44.69  ?  205 HOH A O     1 
HETATM 1094 O  O     . HOH M 5 .  ? 5.207   6.878   -2.296  1.00 47.76  ?  206 HOH A O     1 
HETATM 1095 O  O     . HOH M 5 .  ? 1.649   -15.127 6.590   1.00 42.06  ?  207 HOH A O     1 
HETATM 1096 O  O     . HOH M 5 .  ? 13.174  5.734   10.298  1.00 51.75  ?  208 HOH A O     1 
HETATM 1097 O  O     . HOH M 5 .  ? 6.137   13.938  -0.346  1.00 48.34  ?  209 HOH A O     1 
HETATM 1098 O  O     . HOH M 5 .  ? 11.520  7.758   7.107   1.00 36.13  ?  210 HOH A O     1 
HETATM 1099 O  O     . HOH M 5 .  ? -4.763  -20.669 2.035   1.00 54.10  ?  211 HOH A O     1 
HETATM 1100 O  O     . HOH M 5 .  ? -7.339  -2.905  -7.621  1.00 67.35  ?  212 HOH A O     1 
HETATM 1101 O  O     . HOH M 5 .  ? -0.184  16.368  2.504   1.00 46.53  ?  213 HOH A O     1 
HETATM 1102 O  O     . HOH M 5 .  ? 0.250   6.542   11.413  1.00 45.23  ?  214 HOH A O     1 
HETATM 1103 O  O     . HOH M 5 .  ? 10.019  5.534   6.383   1.00 35.36  ?  215 HOH A O     1 
HETATM 1104 O  O     . HOH M 5 .  ? -2.541  -19.026 1.444   1.00 54.43  ?  216 HOH A O     1 
HETATM 1105 O  O     . HOH M 5 .  ? 8.960   7.770   7.096   1.00 38.79  ?  217 HOH A O     1 
HETATM 1106 O  O     . HOH M 5 .  ? 14.669  -26.191 11.351  1.00 45.52  ?  218 HOH A O     1 
HETATM 1107 O  O     . HOH M 5 .  ? 6.176   10.730  0.646   1.00 19.89  ?  219 HOH A O     1 
HETATM 1108 O  O     . HOH M 5 .  ? 5.269   8.334   -5.042  1.00 45.44  ?  220 HOH A O     1 
HETATM 1109 O  O     . HOH M 5 .  ? 7.418   -21.305 3.856   1.00 57.56  ?  221 HOH A O     1 
# 
loop_
_pdbx_poly_seq_scheme.asym_id 
_pdbx_poly_seq_scheme.entity_id 
_pdbx_poly_seq_scheme.seq_id 
_pdbx_poly_seq_scheme.mon_id 
_pdbx_poly_seq_scheme.ndb_seq_num 
_pdbx_poly_seq_scheme.pdb_seq_num 
_pdbx_poly_seq_scheme.auth_seq_num 
_pdbx_poly_seq_scheme.pdb_mon_id 
_pdbx_poly_seq_scheme.auth_mon_id 
_pdbx_poly_seq_scheme.pdb_strand_id 
_pdbx_poly_seq_scheme.pdb_ins_code 
_pdbx_poly_seq_scheme.hetero 
A 1 1  G 1  2  2  G G A . n 
A 1 2  C 2  3  3  C C A . n 
A 1 3  G 3  4  4  G G A . n 
A 1 4  C 4  5  5  C C A . n 
A 1 5  A 5  6  6  A A A . n 
A 1 6  C 6  7  7  C C A . n 
A 1 7  U 7  8  8  U U A . n 
A 1 8  G 8  9  9  G G A . n 
A 1 9  G 9  10 10 G G A . n 
A 1 10 C 10 11 11 C C A . n 
A 1 11 G 11 12 12 G G A . n 
A 1 12 C 12 13 13 C C A . n 
A 1 13 U 13 14 14 U U A . n 
A 1 14 G 14 15 15 G G A . n 
A 1 15 C 15 16 16 C C A . n 
A 1 16 G 16 17 17 G G A . n 
A 1 17 C 17 18 18 C C A . n 
A 1 18 C 18 19 19 C C A . n 
A 1 19 U 19 20 20 U U A . n 
A 1 20 U 20 21 21 U U A . n 
A 1 21 C 21 22 22 C C A . n 
A 1 22 G 22 23 23 G G A . n 
A 1 23 G 23 24 24 G G A . n 
A 1 24 G 24 25 25 G G A . n 
A 1 25 C 25 26 26 C C A . n 
A 1 26 G 26 27 27 G G A . n 
A 1 27 C 27 28 28 C C A . n 
A 1 28 C 28 29 29 C C A . n 
A 1 29 A 29 30 30 A A A . n 
A 1 30 A 30 31 31 A A A . n 
A 1 31 U 31 32 32 U U A . n 
A 1 32 C 32 33 33 C C A . n 
A 1 33 G 33 34 34 G G A . n 
A 1 34 U 34 35 35 U U A . n 
A 1 35 A 35 36 36 A A A . n 
A 1 36 G 36 37 37 G G A . n 
A 1 37 C 37 38 38 C C A . n 
A 1 38 G 38 39 39 G G A . n 
A 1 39 U 39 40 40 U U A . n 
A 1 40 G 40 41 41 G G A . n 
A 1 41 U 41 42 42 U U A . n 
A 1 42 C 42 43 43 C C A . n 
A 1 43 G 43 44 44 G G A . n 
A 1 44 G 44 45 45 G G A . n 
A 1 45 C 45 46 46 C C A . n 
A 1 46 G 46 47 47 G G A . n 
A 1 47 C 47 48 48 C C A . n 
A 1 48 C 48 49 49 C C A . n 
# 
loop_
_pdbx_nonpoly_scheme.asym_id 
_pdbx_nonpoly_scheme.entity_id 
_pdbx_nonpoly_scheme.mon_id 
_pdbx_nonpoly_scheme.ndb_seq_num 
_pdbx_nonpoly_scheme.pdb_seq_num 
_pdbx_nonpoly_scheme.auth_seq_num 
_pdbx_nonpoly_scheme.pdb_mon_id 
_pdbx_nonpoly_scheme.auth_mon_id 
_pdbx_nonpoly_scheme.pdb_strand_id 
_pdbx_nonpoly_scheme.pdb_ins_code 
B 2 GTP 1  101 1  GTP GTP A . 
C 3 J8L 1  102 1  J8L LIG A . 
D 4 MG  1  103 1  MG  MG  A . 
E 4 MG  1  104 2  MG  MG  A . 
F 4 MG  1  105 3  MG  MG  A . 
G 4 MG  1  106 4  MG  MG  A . 
H 4 MG  1  107 5  MG  MG  A . 
I 4 MG  1  108 6  MG  MG  A . 
J 4 MG  1  109 7  MG  MG  A . 
K 4 MG  1  110 8  MG  MG  A . 
L 4 MG  1  111 9  MG  MG  A . 
M 5 HOH 1  201 6  HOH HOH A . 
M 5 HOH 2  202 12 HOH HOH A . 
M 5 HOH 3  203 10 HOH HOH A . 
M 5 HOH 4  204 18 HOH HOH A . 
M 5 HOH 5  205 21 HOH HOH A . 
M 5 HOH 6  206 4  HOH HOH A . 
M 5 HOH 7  207 1  HOH HOH A . 
M 5 HOH 8  208 3  HOH HOH A . 
M 5 HOH 9  209 20 HOH HOH A . 
M 5 HOH 10 210 16 HOH HOH A . 
M 5 HOH 11 211 14 HOH HOH A . 
M 5 HOH 12 212 15 HOH HOH A . 
M 5 HOH 13 213 2  HOH HOH A . 
M 5 HOH 14 214 11 HOH HOH A . 
M 5 HOH 15 215 8  HOH HOH A . 
M 5 HOH 16 216 13 HOH HOH A . 
M 5 HOH 17 217 7  HOH HOH A . 
M 5 HOH 18 218 17 HOH HOH A . 
M 5 HOH 19 219 19 HOH HOH A . 
M 5 HOH 20 220 9  HOH HOH A . 
M 5 HOH 21 221 5  HOH HOH A . 
# 
_pdbx_struct_assembly.id                   1 
_pdbx_struct_assembly.details              author_and_software_defined_assembly 
_pdbx_struct_assembly.method_details       PISA 
_pdbx_struct_assembly.oligomeric_details   monomeric 
_pdbx_struct_assembly.oligomeric_count     1 
# 
_pdbx_struct_assembly_gen.assembly_id       1 
_pdbx_struct_assembly_gen.oper_expression   1 
_pdbx_struct_assembly_gen.asym_id_list      A,B,C,D,E,F,G,H,I,J,K,L,M 
# 
loop_
_pdbx_struct_assembly_prop.biol_id 
_pdbx_struct_assembly_prop.type 
_pdbx_struct_assembly_prop.value 
_pdbx_struct_assembly_prop.details 
1 'ABSA (A^2)' 470  ? 
1 MORE         -11  ? 
1 'SSA (A^2)'  8330 ? 
# 
_pdbx_struct_oper_list.id                   1 
_pdbx_struct_oper_list.type                 'identity operation' 
_pdbx_struct_oper_list.name                 1_555 
_pdbx_struct_oper_list.symmetry_operation   x,y,z 
_pdbx_struct_oper_list.matrix[1][1]         1.0000000000 
_pdbx_struct_oper_list.matrix[1][2]         0.0000000000 
_pdbx_struct_oper_list.matrix[1][3]         0.0000000000 
_pdbx_struct_oper_list.vector[1]            0.0000000000 
_pdbx_struct_oper_list.matrix[2][1]         0.0000000000 
_pdbx_struct_oper_list.matrix[2][2]         1.0000000000 
_pdbx_struct_oper_list.matrix[2][3]         0.0000000000 
_pdbx_struct_oper_list.vector[2]            0.0000000000 
_pdbx_struct_oper_list.matrix[3][1]         0.0000000000 
_pdbx_struct_oper_list.matrix[3][2]         0.0000000000 
_pdbx_struct_oper_list.matrix[3][3]         1.0000000000 
_pdbx_struct_oper_list.vector[3]            0.0000000000 
# 
loop_
_pdbx_struct_conn_angle.id 
_pdbx_struct_conn_angle.ptnr1_label_atom_id 
_pdbx_struct_conn_angle.ptnr1_label_alt_id 
_pdbx_struct_conn_angle.ptnr1_label_asym_id 
_pdbx_struct_conn_angle.ptnr1_label_comp_id 
_pdbx_struct_conn_angle.ptnr1_label_seq_id 
_pdbx_struct_conn_angle.ptnr1_auth_atom_id 
_pdbx_struct_conn_angle.ptnr1_auth_asym_id 
_pdbx_struct_conn_angle.ptnr1_auth_comp_id 
_pdbx_struct_conn_angle.ptnr1_auth_seq_id 
_pdbx_struct_conn_angle.ptnr1_PDB_ins_code 
_pdbx_struct_conn_angle.ptnr1_symmetry 
_pdbx_struct_conn_angle.ptnr2_label_atom_id 
_pdbx_struct_conn_angle.ptnr2_label_alt_id 
_pdbx_struct_conn_angle.ptnr2_label_asym_id 
_pdbx_struct_conn_angle.ptnr2_label_comp_id 
_pdbx_struct_conn_angle.ptnr2_label_seq_id 
_pdbx_struct_conn_angle.ptnr2_auth_atom_id 
_pdbx_struct_conn_angle.ptnr2_auth_asym_id 
_pdbx_struct_conn_angle.ptnr2_auth_comp_id 
_pdbx_struct_conn_angle.ptnr2_auth_seq_id 
_pdbx_struct_conn_angle.ptnr2_PDB_ins_code 
_pdbx_struct_conn_angle.ptnr2_symmetry 
_pdbx_struct_conn_angle.ptnr3_label_atom_id 
_pdbx_struct_conn_angle.ptnr3_label_alt_id 
_pdbx_struct_conn_angle.ptnr3_label_asym_id 
_pdbx_struct_conn_angle.ptnr3_label_comp_id 
_pdbx_struct_conn_angle.ptnr3_label_seq_id 
_pdbx_struct_conn_angle.ptnr3_auth_atom_id 
_pdbx_struct_conn_angle.ptnr3_auth_asym_id 
_pdbx_struct_conn_angle.ptnr3_auth_comp_id 
_pdbx_struct_conn_angle.ptnr3_auth_seq_id 
_pdbx_struct_conn_angle.ptnr3_PDB_ins_code 
_pdbx_struct_conn_angle.ptnr3_symmetry 
_pdbx_struct_conn_angle.value 
_pdbx_struct_conn_angle.value_esd 
1  O2    ? A C   2  ? A C   3   ? 1_555 MG ? J MG . ? A MG 109 ? 4_556 "O3'" ? A C   28 ? A C   29  ? 1_555 51.8  ? 
2  O2    ? A C   2  ? A C   3   ? 1_555 MG ? J MG . ? A MG 109 ? 4_556 OP1   ? A A   29 ? A A   30  ? 1_555 51.8  ? 
3  "O3'" ? A C   28 ? A C   29  ? 1_555 MG ? J MG . ? A MG 109 ? 4_556 OP1   ? A A   29 ? A A   30  ? 1_555 2.8   ? 
4  O2    ? A C   2  ? A C   3   ? 1_555 MG ? J MG . ? A MG 109 ? 4_556 O2    ? A C   47 ? A C   48  ? 1_555 90.7  ? 
5  "O3'" ? A C   28 ? A C   29  ? 1_555 MG ? J MG . ? A MG 109 ? 4_556 O2    ? A C   47 ? A C   48  ? 1_555 118.5 ? 
6  OP1   ? A A   29 ? A A   30  ? 1_555 MG ? J MG . ? A MG 109 ? 4_556 O2    ? A C   47 ? A C   48  ? 1_555 115.9 ? 
7  O2    ? A C   2  ? A C   3   ? 1_555 MG ? J MG . ? A MG 109 ? 4_556 O     ? M HOH .  ? A HOH 209 ? 1_555 46.6  ? 
8  "O3'" ? A C   28 ? A C   29  ? 1_555 MG ? J MG . ? A MG 109 ? 4_556 O     ? M HOH .  ? A HOH 209 ? 1_555 5.5   ? 
9  OP1   ? A A   29 ? A A   30  ? 1_555 MG ? J MG . ? A MG 109 ? 4_556 O     ? M HOH .  ? A HOH 209 ? 1_555 5.4   ? 
10 O2    ? A C   47 ? A C   48  ? 1_555 MG ? J MG . ? A MG 109 ? 4_556 O     ? M HOH .  ? A HOH 209 ? 1_555 114.9 ? 
11 OP2   ? A C   6  ? A C   7   ? 1_555 MG ? D MG . ? A MG 103 ? 1_555 OP2   ? A U   7  ? A U   8   ? 1_555 70.3  ? 
12 OP2   ? A A   29 ? A A   30  ? 1_555 MG ? K MG . ? A MG 110 ? 1_555 O     ? M HOH .  ? A HOH 205 ? 1_555 59.6  ? 
13 OP2   ? A U   31 ? A U   32  ? 1_555 MG ? F MG . ? A MG 105 ? 1_555 O     ? M HOH .  ? A HOH 201 ? 1_555 56.7  ? 
14 OP2   ? A U   31 ? A U   32  ? 1_555 MG ? F MG . ? A MG 105 ? 1_555 O     ? M HOH .  ? A HOH 208 ? 1_555 76.0  ? 
15 O     ? M HOH .  ? A HOH 201 ? 1_555 MG ? F MG . ? A MG 105 ? 1_555 O     ? M HOH .  ? A HOH 208 ? 1_555 116.0 ? 
16 OP2   ? A U   31 ? A U   32  ? 1_555 MG ? F MG . ? A MG 105 ? 1_555 O     ? M HOH .  ? A HOH 210 ? 1_555 68.8  ? 
17 O     ? M HOH .  ? A HOH 201 ? 1_555 MG ? F MG . ? A MG 105 ? 1_555 O     ? M HOH .  ? A HOH 210 ? 1_555 90.6  ? 
18 O     ? M HOH .  ? A HOH 208 ? 1_555 MG ? F MG . ? A MG 105 ? 1_555 O     ? M HOH .  ? A HOH 210 ? 1_555 111.1 ? 
19 OP2   ? A U   31 ? A U   32  ? 1_555 MG ? F MG . ? A MG 105 ? 1_555 O     ? M HOH .  ? A HOH 215 ? 1_555 103.7 ? 
20 O     ? M HOH .  ? A HOH 201 ? 1_555 MG ? F MG . ? A MG 105 ? 1_555 O     ? M HOH .  ? A HOH 215 ? 1_555 60.7  ? 
21 O     ? M HOH .  ? A HOH 208 ? 1_555 MG ? F MG . ? A MG 105 ? 1_555 O     ? M HOH .  ? A HOH 215 ? 1_555 175.1 ? 
22 O     ? M HOH .  ? A HOH 210 ? 1_555 MG ? F MG . ? A MG 105 ? 1_555 O     ? M HOH .  ? A HOH 215 ? 1_555 73.0  ? 
23 O4    ? A U   34 ? A U   35  ? 1_555 MG ? E MG . ? A MG 104 ? 1_555 OP2   ? A C   37 ? A C   38  ? 1_555 79.9  ? 
24 O4    ? A U   34 ? A U   35  ? 1_555 MG ? E MG . ? A MG 104 ? 1_555 O     ? M HOH .  ? A HOH 203 ? 1_555 160.8 ? 
25 OP2   ? A C   37 ? A C   38  ? 1_555 MG ? E MG . ? A MG 104 ? 1_555 O     ? M HOH .  ? A HOH 203 ? 1_555 80.9  ? 
26 O4    ? A U   34 ? A U   35  ? 1_555 MG ? E MG . ? A MG 104 ? 1_555 O     ? M HOH .  ? A HOH 214 ? 1_555 140.1 ? 
27 OP2   ? A C   37 ? A C   38  ? 1_555 MG ? E MG . ? A MG 104 ? 1_555 O     ? M HOH .  ? A HOH 214 ? 1_555 140.0 ? 
28 O     ? M HOH .  ? A HOH 203 ? 1_555 MG ? E MG . ? A MG 104 ? 1_555 O     ? M HOH .  ? A HOH 214 ? 1_555 59.1  ? 
29 OP2   ? A A   35 ? A A   36  ? 1_555 MG ? H MG . ? A MG 107 ? 1_555 OP2   ? A G   36 ? A G   37  ? 1_555 103.0 ? 
30 OP2   ? A C   42 ? A C   43  ? 1_555 MG ? G MG . ? A MG 106 ? 1_555 OP2   ? A G   43 ? A G   44  ? 1_555 132.3 ? 
31 "O3'" ? A C   48 ? A C   49  ? 1_555 MG ? L MG . ? A MG 111 ? 1_555 "O2'" ? A C   48 ? A C   49  ? 1_555 86.1  ? 
32 O3A   ? B GTP .  ? A GTP 101 ? 1_555 MG ? I MG . ? A MG 108 ? 1_555 O1A   ? B GTP .  ? A GTP 101 ? 1_555 56.6  ? 
33 O3A   ? B GTP .  ? A GTP 101 ? 1_555 MG ? I MG . ? A MG 108 ? 1_555 O     ? M HOH .  ? A HOH 211 ? 1_555 111.6 ? 
34 O1A   ? B GTP .  ? A GTP 101 ? 1_555 MG ? I MG . ? A MG 108 ? 1_555 O     ? M HOH .  ? A HOH 211 ? 1_555 60.5  ? 
# 
loop_
_pdbx_audit_revision_history.ordinal 
_pdbx_audit_revision_history.data_content_type 
_pdbx_audit_revision_history.major_revision 
_pdbx_audit_revision_history.minor_revision 
_pdbx_audit_revision_history.revision_date 
1 'Structure model' 1 0 2021-11-24 
2 'Structure model' 1 1 2022-02-16 
3 'Structure model' 1 2 2023-11-29 
# 
_pdbx_audit_revision_details.ordinal             1 
_pdbx_audit_revision_details.revision_ordinal    1 
_pdbx_audit_revision_details.data_content_type   'Structure model' 
_pdbx_audit_revision_details.provider            repository 
_pdbx_audit_revision_details.type                'Initial release' 
_pdbx_audit_revision_details.description         ? 
_pdbx_audit_revision_details.details             ? 
# 
loop_
_pdbx_audit_revision_group.ordinal 
_pdbx_audit_revision_group.revision_ordinal 
_pdbx_audit_revision_group.data_content_type 
_pdbx_audit_revision_group.group 
1 2 'Structure model' 'Database references'    
2 3 'Structure model' 'Data collection'        
3 3 'Structure model' 'Refinement description' 
# 
loop_
_pdbx_audit_revision_category.ordinal 
_pdbx_audit_revision_category.revision_ordinal 
_pdbx_audit_revision_category.data_content_type 
_pdbx_audit_revision_category.category 
1 2 'Structure model' citation                      
2 2 'Structure model' citation_author               
3 3 'Structure model' chem_comp_atom                
4 3 'Structure model' chem_comp_bond                
5 3 'Structure model' pdbx_initial_refinement_model 
# 
loop_
_pdbx_audit_revision_item.ordinal 
_pdbx_audit_revision_item.revision_ordinal 
_pdbx_audit_revision_item.data_content_type 
_pdbx_audit_revision_item.item 
1 2 'Structure model' '_citation.journal_volume'          
2 2 'Structure model' '_citation.page_first'              
3 2 'Structure model' '_citation.page_last'               
4 2 'Structure model' '_citation_author.identifier_ORCID' 
# 
loop_
_software.citation_id 
_software.classification 
_software.compiler_name 
_software.compiler_version 
_software.contact_author 
_software.contact_author_email 
_software.date 
_software.description 
_software.dependencies 
_software.hardware 
_software.language 
_software.location 
_software.mods 
_software.name 
_software.os 
_software.os_version 
_software.type 
_software.version 
_software.pdbx_ordinal 
? 'data scaling'    ? ? ? ? ? ? ? ? ? ? ? HKL-2000    ? ? ? .         1 
? refinement        ? ? ? ? ? ? ? ? ? ? ? PHENIX      ? ? ? 1.14_3260 2 
? 'data extraction' ? ? ? ? ? ? ? ? ? ? ? PDB_EXTRACT ? ? ? 3.25      3 
? 'data reduction'  ? ? ? ? ? ? ? ? ? ? ? HKL-3000    ? ? ? .         4 
? phasing           ? ? ? ? ? ? ? ? ? ? ? PHASER      ? ? ? .         5 
# 
_pdbx_entry_details.entry_id                 7EOK 
_pdbx_entry_details.has_ligand_of_interest   Y 
_pdbx_entry_details.compound_details         ? 
_pdbx_entry_details.source_details           ? 
_pdbx_entry_details.nonpolymer_details       ? 
_pdbx_entry_details.sequence_details         ? 
# 
loop_
_pdbx_validate_close_contact.id 
_pdbx_validate_close_contact.PDB_model_num 
_pdbx_validate_close_contact.auth_atom_id_1 
_pdbx_validate_close_contact.auth_asym_id_1 
_pdbx_validate_close_contact.auth_comp_id_1 
_pdbx_validate_close_contact.auth_seq_id_1 
_pdbx_validate_close_contact.PDB_ins_code_1 
_pdbx_validate_close_contact.label_alt_id_1 
_pdbx_validate_close_contact.auth_atom_id_2 
_pdbx_validate_close_contact.auth_asym_id_2 
_pdbx_validate_close_contact.auth_comp_id_2 
_pdbx_validate_close_contact.auth_seq_id_2 
_pdbx_validate_close_contact.PDB_ins_code_2 
_pdbx_validate_close_contact.label_alt_id_2 
_pdbx_validate_close_contact.dist 
1 1 "O5'" A G   2   ? ? "O3'" A GTP 101 ? ? 1.78 
2 1 OP1   A G   2   ? ? "O3'" A GTP 101 ? ? 1.94 
3 1 OP2   A U   32  ? ? O     A HOH 201 ? ? 2.13 
4 1 OP2   A G   2   ? ? "O3'" A GTP 101 ? ? 2.14 
5 1 O     A HOH 203 ? ? O     A HOH 214 ? ? 2.15 
# 
_pdbx_validate_symm_contact.id                1 
_pdbx_validate_symm_contact.PDB_model_num     1 
_pdbx_validate_symm_contact.auth_atom_id_1    "O2'" 
_pdbx_validate_symm_contact.auth_asym_id_1    A 
_pdbx_validate_symm_contact.auth_comp_id_1    C 
_pdbx_validate_symm_contact.auth_seq_id_1     16 
_pdbx_validate_symm_contact.PDB_ins_code_1    ? 
_pdbx_validate_symm_contact.label_alt_id_1    ? 
_pdbx_validate_symm_contact.site_symmetry_1   1_555 
_pdbx_validate_symm_contact.auth_atom_id_2    OP1 
_pdbx_validate_symm_contact.auth_asym_id_2    A 
_pdbx_validate_symm_contact.auth_comp_id_2    U 
_pdbx_validate_symm_contact.auth_seq_id_2     20 
_pdbx_validate_symm_contact.PDB_ins_code_2    ? 
_pdbx_validate_symm_contact.label_alt_id_2    ? 
_pdbx_validate_symm_contact.site_symmetry_2   4_555 
_pdbx_validate_symm_contact.dist              2.17 
# 
_pdbx_validate_rmsd_angle.id                         1 
_pdbx_validate_rmsd_angle.PDB_model_num              1 
_pdbx_validate_rmsd_angle.auth_atom_id_1             C5 
_pdbx_validate_rmsd_angle.auth_asym_id_1             A 
_pdbx_validate_rmsd_angle.auth_comp_id_1             C 
_pdbx_validate_rmsd_angle.auth_seq_id_1              3 
_pdbx_validate_rmsd_angle.PDB_ins_code_1             ? 
_pdbx_validate_rmsd_angle.label_alt_id_1             ? 
_pdbx_validate_rmsd_angle.auth_atom_id_2             C4 
_pdbx_validate_rmsd_angle.auth_asym_id_2             A 
_pdbx_validate_rmsd_angle.auth_comp_id_2             C 
_pdbx_validate_rmsd_angle.auth_seq_id_2              3 
_pdbx_validate_rmsd_angle.PDB_ins_code_2             ? 
_pdbx_validate_rmsd_angle.label_alt_id_2             ? 
_pdbx_validate_rmsd_angle.auth_atom_id_3             N4 
_pdbx_validate_rmsd_angle.auth_asym_id_3             A 
_pdbx_validate_rmsd_angle.auth_comp_id_3             C 
_pdbx_validate_rmsd_angle.auth_seq_id_3              3 
_pdbx_validate_rmsd_angle.PDB_ins_code_3             ? 
_pdbx_validate_rmsd_angle.label_alt_id_3             ? 
_pdbx_validate_rmsd_angle.angle_value                124.86 
_pdbx_validate_rmsd_angle.angle_target_value         120.20 
_pdbx_validate_rmsd_angle.angle_deviation            4.66 
_pdbx_validate_rmsd_angle.angle_standard_deviation   0.70 
_pdbx_validate_rmsd_angle.linker_flag                N 
# 
loop_
_chem_comp_atom.comp_id 
_chem_comp_atom.atom_id 
_chem_comp_atom.type_symbol 
_chem_comp_atom.pdbx_aromatic_flag 
_chem_comp_atom.pdbx_stereo_config 
_chem_comp_atom.pdbx_ordinal 
A   OP3    O  N N 1   
A   P      P  N N 2   
A   OP1    O  N N 3   
A   OP2    O  N N 4   
A   "O5'"  O  N N 5   
A   "C5'"  C  N N 6   
A   "C4'"  C  N R 7   
A   "O4'"  O  N N 8   
A   "C3'"  C  N S 9   
A   "O3'"  O  N N 10  
A   "C2'"  C  N R 11  
A   "O2'"  O  N N 12  
A   "C1'"  C  N R 13  
A   N9     N  Y N 14  
A   C8     C  Y N 15  
A   N7     N  Y N 16  
A   C5     C  Y N 17  
A   C6     C  Y N 18  
A   N6     N  N N 19  
A   N1     N  Y N 20  
A   C2     C  Y N 21  
A   N3     N  Y N 22  
A   C4     C  Y N 23  
A   HOP3   H  N N 24  
A   HOP2   H  N N 25  
A   "H5'"  H  N N 26  
A   "H5''" H  N N 27  
A   "H4'"  H  N N 28  
A   "H3'"  H  N N 29  
A   "HO3'" H  N N 30  
A   "H2'"  H  N N 31  
A   "HO2'" H  N N 32  
A   "H1'"  H  N N 33  
A   H8     H  N N 34  
A   H61    H  N N 35  
A   H62    H  N N 36  
A   H2     H  N N 37  
C   OP3    O  N N 38  
C   P      P  N N 39  
C   OP1    O  N N 40  
C   OP2    O  N N 41  
C   "O5'"  O  N N 42  
C   "C5'"  C  N N 43  
C   "C4'"  C  N R 44  
C   "O4'"  O  N N 45  
C   "C3'"  C  N S 46  
C   "O3'"  O  N N 47  
C   "C2'"  C  N R 48  
C   "O2'"  O  N N 49  
C   "C1'"  C  N R 50  
C   N1     N  N N 51  
C   C2     C  N N 52  
C   O2     O  N N 53  
C   N3     N  N N 54  
C   C4     C  N N 55  
C   N4     N  N N 56  
C   C5     C  N N 57  
C   C6     C  N N 58  
C   HOP3   H  N N 59  
C   HOP2   H  N N 60  
C   "H5'"  H  N N 61  
C   "H5''" H  N N 62  
C   "H4'"  H  N N 63  
C   "H3'"  H  N N 64  
C   "HO3'" H  N N 65  
C   "H2'"  H  N N 66  
C   "HO2'" H  N N 67  
C   "H1'"  H  N N 68  
C   H41    H  N N 69  
C   H42    H  N N 70  
C   H5     H  N N 71  
C   H6     H  N N 72  
G   OP3    O  N N 73  
G   P      P  N N 74  
G   OP1    O  N N 75  
G   OP2    O  N N 76  
G   "O5'"  O  N N 77  
G   "C5'"  C  N N 78  
G   "C4'"  C  N R 79  
G   "O4'"  O  N N 80  
G   "C3'"  C  N S 81  
G   "O3'"  O  N N 82  
G   "C2'"  C  N R 83  
G   "O2'"  O  N N 84  
G   "C1'"  C  N R 85  
G   N9     N  Y N 86  
G   C8     C  Y N 87  
G   N7     N  Y N 88  
G   C5     C  Y N 89  
G   C6     C  N N 90  
G   O6     O  N N 91  
G   N1     N  N N 92  
G   C2     C  N N 93  
G   N2     N  N N 94  
G   N3     N  N N 95  
G   C4     C  Y N 96  
G   HOP3   H  N N 97  
G   HOP2   H  N N 98  
G   "H5'"  H  N N 99  
G   "H5''" H  N N 100 
G   "H4'"  H  N N 101 
G   "H3'"  H  N N 102 
G   "HO3'" H  N N 103 
G   "H2'"  H  N N 104 
G   "HO2'" H  N N 105 
G   "H1'"  H  N N 106 
G   H8     H  N N 107 
G   H1     H  N N 108 
G   H21    H  N N 109 
G   H22    H  N N 110 
GTP PG     P  N N 111 
GTP O1G    O  N N 112 
GTP O2G    O  N N 113 
GTP O3G    O  N N 114 
GTP O3B    O  N N 115 
GTP PB     P  N N 116 
GTP O1B    O  N N 117 
GTP O2B    O  N N 118 
GTP O3A    O  N N 119 
GTP PA     P  N N 120 
GTP O1A    O  N N 121 
GTP O2A    O  N N 122 
GTP "O5'"  O  N N 123 
GTP "C5'"  C  N N 124 
GTP "C4'"  C  N R 125 
GTP "O4'"  O  N N 126 
GTP "C3'"  C  N S 127 
GTP "O3'"  O  N N 128 
GTP "C2'"  C  N R 129 
GTP "O2'"  O  N N 130 
GTP "C1'"  C  N R 131 
GTP N9     N  Y N 132 
GTP C8     C  Y N 133 
GTP N7     N  Y N 134 
GTP C5     C  Y N 135 
GTP C6     C  N N 136 
GTP O6     O  N N 137 
GTP N1     N  N N 138 
GTP C2     C  N N 139 
GTP N2     N  N N 140 
GTP N3     N  N N 141 
GTP C4     C  Y N 142 
GTP HOG2   H  N N 143 
GTP HOG3   H  N N 144 
GTP HOB2   H  N N 145 
GTP HOA2   H  N N 146 
GTP "H5'"  H  N N 147 
GTP "H5''" H  N N 148 
GTP "H4'"  H  N N 149 
GTP "H3'"  H  N N 150 
GTP "HO3'" H  N N 151 
GTP "H2'"  H  N N 152 
GTP "HO2'" H  N N 153 
GTP "H1'"  H  N N 154 
GTP H8     H  N N 155 
GTP HN1    H  N N 156 
GTP HN21   H  N N 157 
GTP HN22   H  N N 158 
HOH O      O  N N 159 
HOH H1     H  N N 160 
HOH H2     H  N N 161 
J8L C10    C  N N 162 
J8L C13    C  Y N 163 
J8L C15    C  Y N 164 
J8L C17    C  N N 165 
J8L C20    C  N N 166 
J8L C21    C  N N 167 
J8L C24    C  N N 168 
J8L C01    C  Y N 169 
J8L C02    C  Y N 170 
J8L C04    C  Y N 171 
J8L C05    C  Y N 172 
J8L C07    C  N N 173 
J8L C08    C  N N 174 
J8L C09    C  Y N 175 
J8L C12    C  Y N 176 
J8L C14    C  Y N 177 
J8L C16    C  Y N 178 
J8L C23    C  N N 179 
J8L C25    C  N N 180 
J8L N03    N  Y N 181 
J8L N06    N  Y N 182 
J8L N11    N  N N 183 
J8L N18    N  N N 184 
J8L N19    N  N N 185 
J8L N22    N  N N 186 
J8L H1     H  N N 187 
J8L H2     H  N N 188 
J8L H3     H  N N 189 
J8L H4     H  N N 190 
J8L H5     H  N N 191 
J8L H6     H  N N 192 
J8L H7     H  N N 193 
J8L H8     H  N N 194 
J8L H9     H  N N 195 
J8L H10    H  N N 196 
J8L H11    H  N N 197 
J8L H12    H  N N 198 
J8L H13    H  N N 199 
J8L H14    H  N N 200 
J8L H15    H  N N 201 
J8L H16    H  N N 202 
J8L H17    H  N N 203 
J8L H18    H  N N 204 
J8L H19    H  N N 205 
J8L H20    H  N N 206 
MG  MG     MG N N 207 
U   OP3    O  N N 208 
U   P      P  N N 209 
U   OP1    O  N N 210 
U   OP2    O  N N 211 
U   "O5'"  O  N N 212 
U   "C5'"  C  N N 213 
U   "C4'"  C  N R 214 
U   "O4'"  O  N N 215 
U   "C3'"  C  N S 216 
U   "O3'"  O  N N 217 
U   "C2'"  C  N R 218 
U   "O2'"  O  N N 219 
U   "C1'"  C  N R 220 
U   N1     N  N N 221 
U   C2     C  N N 222 
U   O2     O  N N 223 
U   N3     N  N N 224 
U   C4     C  N N 225 
U   O4     O  N N 226 
U   C5     C  N N 227 
U   C6     C  N N 228 
U   HOP3   H  N N 229 
U   HOP2   H  N N 230 
U   "H5'"  H  N N 231 
U   "H5''" H  N N 232 
U   "H4'"  H  N N 233 
U   "H3'"  H  N N 234 
U   "HO3'" H  N N 235 
U   "H2'"  H  N N 236 
U   "HO2'" H  N N 237 
U   "H1'"  H  N N 238 
U   H3     H  N N 239 
U   H5     H  N N 240 
U   H6     H  N N 241 
# 
loop_
_chem_comp_bond.comp_id 
_chem_comp_bond.atom_id_1 
_chem_comp_bond.atom_id_2 
_chem_comp_bond.value_order 
_chem_comp_bond.pdbx_aromatic_flag 
_chem_comp_bond.pdbx_stereo_config 
_chem_comp_bond.pdbx_ordinal 
A   OP3   P      sing N N 1   
A   OP3   HOP3   sing N N 2   
A   P     OP1    doub N N 3   
A   P     OP2    sing N N 4   
A   P     "O5'"  sing N N 5   
A   OP2   HOP2   sing N N 6   
A   "O5'" "C5'"  sing N N 7   
A   "C5'" "C4'"  sing N N 8   
A   "C5'" "H5'"  sing N N 9   
A   "C5'" "H5''" sing N N 10  
A   "C4'" "O4'"  sing N N 11  
A   "C4'" "C3'"  sing N N 12  
A   "C4'" "H4'"  sing N N 13  
A   "O4'" "C1'"  sing N N 14  
A   "C3'" "O3'"  sing N N 15  
A   "C3'" "C2'"  sing N N 16  
A   "C3'" "H3'"  sing N N 17  
A   "O3'" "HO3'" sing N N 18  
A   "C2'" "O2'"  sing N N 19  
A   "C2'" "C1'"  sing N N 20  
A   "C2'" "H2'"  sing N N 21  
A   "O2'" "HO2'" sing N N 22  
A   "C1'" N9     sing N N 23  
A   "C1'" "H1'"  sing N N 24  
A   N9    C8     sing Y N 25  
A   N9    C4     sing Y N 26  
A   C8    N7     doub Y N 27  
A   C8    H8     sing N N 28  
A   N7    C5     sing Y N 29  
A   C5    C6     sing Y N 30  
A   C5    C4     doub Y N 31  
A   C6    N6     sing N N 32  
A   C6    N1     doub Y N 33  
A   N6    H61    sing N N 34  
A   N6    H62    sing N N 35  
A   N1    C2     sing Y N 36  
A   C2    N3     doub Y N 37  
A   C2    H2     sing N N 38  
A   N3    C4     sing Y N 39  
C   OP3   P      sing N N 40  
C   OP3   HOP3   sing N N 41  
C   P     OP1    doub N N 42  
C   P     OP2    sing N N 43  
C   P     "O5'"  sing N N 44  
C   OP2   HOP2   sing N N 45  
C   "O5'" "C5'"  sing N N 46  
C   "C5'" "C4'"  sing N N 47  
C   "C5'" "H5'"  sing N N 48  
C   "C5'" "H5''" sing N N 49  
C   "C4'" "O4'"  sing N N 50  
C   "C4'" "C3'"  sing N N 51  
C   "C4'" "H4'"  sing N N 52  
C   "O4'" "C1'"  sing N N 53  
C   "C3'" "O3'"  sing N N 54  
C   "C3'" "C2'"  sing N N 55  
C   "C3'" "H3'"  sing N N 56  
C   "O3'" "HO3'" sing N N 57  
C   "C2'" "O2'"  sing N N 58  
C   "C2'" "C1'"  sing N N 59  
C   "C2'" "H2'"  sing N N 60  
C   "O2'" "HO2'" sing N N 61  
C   "C1'" N1     sing N N 62  
C   "C1'" "H1'"  sing N N 63  
C   N1    C2     sing N N 64  
C   N1    C6     sing N N 65  
C   C2    O2     doub N N 66  
C   C2    N3     sing N N 67  
C   N3    C4     doub N N 68  
C   C4    N4     sing N N 69  
C   C4    C5     sing N N 70  
C   N4    H41    sing N N 71  
C   N4    H42    sing N N 72  
C   C5    C6     doub N N 73  
C   C5    H5     sing N N 74  
C   C6    H6     sing N N 75  
G   OP3   P      sing N N 76  
G   OP3   HOP3   sing N N 77  
G   P     OP1    doub N N 78  
G   P     OP2    sing N N 79  
G   P     "O5'"  sing N N 80  
G   OP2   HOP2   sing N N 81  
G   "O5'" "C5'"  sing N N 82  
G   "C5'" "C4'"  sing N N 83  
G   "C5'" "H5'"  sing N N 84  
G   "C5'" "H5''" sing N N 85  
G   "C4'" "O4'"  sing N N 86  
G   "C4'" "C3'"  sing N N 87  
G   "C4'" "H4'"  sing N N 88  
G   "O4'" "C1'"  sing N N 89  
G   "C3'" "O3'"  sing N N 90  
G   "C3'" "C2'"  sing N N 91  
G   "C3'" "H3'"  sing N N 92  
G   "O3'" "HO3'" sing N N 93  
G   "C2'" "O2'"  sing N N 94  
G   "C2'" "C1'"  sing N N 95  
G   "C2'" "H2'"  sing N N 96  
G   "O2'" "HO2'" sing N N 97  
G   "C1'" N9     sing N N 98  
G   "C1'" "H1'"  sing N N 99  
G   N9    C8     sing Y N 100 
G   N9    C4     sing Y N 101 
G   C8    N7     doub Y N 102 
G   C8    H8     sing N N 103 
G   N7    C5     sing Y N 104 
G   C5    C6     sing N N 105 
G   C5    C4     doub Y N 106 
G   C6    O6     doub N N 107 
G   C6    N1     sing N N 108 
G   N1    C2     sing N N 109 
G   N1    H1     sing N N 110 
G   C2    N2     sing N N 111 
G   C2    N3     doub N N 112 
G   N2    H21    sing N N 113 
G   N2    H22    sing N N 114 
G   N3    C4     sing N N 115 
GTP PG    O1G    doub N N 116 
GTP PG    O2G    sing N N 117 
GTP PG    O3G    sing N N 118 
GTP PG    O3B    sing N N 119 
GTP O2G   HOG2   sing N N 120 
GTP O3G   HOG3   sing N N 121 
GTP O3B   PB     sing N N 122 
GTP PB    O1B    doub N N 123 
GTP PB    O2B    sing N N 124 
GTP PB    O3A    sing N N 125 
GTP O2B   HOB2   sing N N 126 
GTP O3A   PA     sing N N 127 
GTP PA    O1A    doub N N 128 
GTP PA    O2A    sing N N 129 
GTP PA    "O5'"  sing N N 130 
GTP O2A   HOA2   sing N N 131 
GTP "O5'" "C5'"  sing N N 132 
GTP "C5'" "C4'"  sing N N 133 
GTP "C5'" "H5'"  sing N N 134 
GTP "C5'" "H5''" sing N N 135 
GTP "C4'" "O4'"  sing N N 136 
GTP "C4'" "C3'"  sing N N 137 
GTP "C4'" "H4'"  sing N N 138 
GTP "O4'" "C1'"  sing N N 139 
GTP "C3'" "O3'"  sing N N 140 
GTP "C3'" "C2'"  sing N N 141 
GTP "C3'" "H3'"  sing N N 142 
GTP "O3'" "HO3'" sing N N 143 
GTP "C2'" "O2'"  sing N N 144 
GTP "C2'" "C1'"  sing N N 145 
GTP "C2'" "H2'"  sing N N 146 
GTP "O2'" "HO2'" sing N N 147 
GTP "C1'" N9     sing N N 148 
GTP "C1'" "H1'"  sing N N 149 
GTP N9    C8     sing Y N 150 
GTP N9    C4     sing Y N 151 
GTP C8    N7     doub Y N 152 
GTP C8    H8     sing N N 153 
GTP N7    C5     sing Y N 154 
GTP C5    C6     sing N N 155 
GTP C5    C4     doub Y N 156 
GTP C6    O6     doub N N 157 
GTP C6    N1     sing N N 158 
GTP N1    C2     sing N N 159 
GTP N1    HN1    sing N N 160 
GTP C2    N2     sing N N 161 
GTP C2    N3     doub N N 162 
GTP N2    HN21   sing N N 163 
GTP N2    HN22   sing N N 164 
GTP N3    C4     sing N N 165 
HOH O     H1     sing N N 166 
HOH O     H2     sing N N 167 
J8L N11   C10    trip N N 168 
J8L C10   C08    sing N N 169 
J8L C12   C13    doub Y N 170 
J8L C12   C09    sing Y N 171 
J8L C13   C14    sing Y N 172 
J8L C08   C09    sing N N 173 
J8L C08   C07    doub N Z 174 
J8L C09   C16    doub Y N 175 
J8L N06   C01    doub Y N 176 
J8L N06   C05    sing Y N 177 
J8L C01   C02    sing Y N 178 
J8L C14   C17    sing N N 179 
J8L C14   C15    doub Y N 180 
J8L C17   N18    trip N N 181 
J8L C05   C07    sing N N 182 
J8L C05   C04    doub Y N 183 
J8L C02   N19    sing N N 184 
J8L C02   N03    doub Y N 185 
J8L C25   N19    sing N N 186 
J8L C20   N19    sing N N 187 
J8L C20   C21    sing N N 188 
J8L C16   C15    sing Y N 189 
J8L C04   N03    sing Y N 190 
J8L C21   N22    sing N N 191 
J8L N22   C23    sing N N 192 
J8L N22   C24    sing N N 193 
J8L C13   H1     sing N N 194 
J8L C15   H2     sing N N 195 
J8L C20   H3     sing N N 196 
J8L C20   H4     sing N N 197 
J8L C21   H5     sing N N 198 
J8L C21   H6     sing N N 199 
J8L C24   H7     sing N N 200 
J8L C24   H8     sing N N 201 
J8L C24   H9     sing N N 202 
J8L C01   H10    sing N N 203 
J8L C04   H11    sing N N 204 
J8L C07   H12    sing N N 205 
J8L C12   H13    sing N N 206 
J8L C16   H14    sing N N 207 
J8L C23   H15    sing N N 208 
J8L C23   H16    sing N N 209 
J8L C23   H17    sing N N 210 
J8L C25   H18    sing N N 211 
J8L C25   H19    sing N N 212 
J8L C25   H20    sing N N 213 
U   OP3   P      sing N N 214 
U   OP3   HOP3   sing N N 215 
U   P     OP1    doub N N 216 
U   P     OP2    sing N N 217 
U   P     "O5'"  sing N N 218 
U   OP2   HOP2   sing N N 219 
U   "O5'" "C5'"  sing N N 220 
U   "C5'" "C4'"  sing N N 221 
U   "C5'" "H5'"  sing N N 222 
U   "C5'" "H5''" sing N N 223 
U   "C4'" "O4'"  sing N N 224 
U   "C4'" "C3'"  sing N N 225 
U   "C4'" "H4'"  sing N N 226 
U   "O4'" "C1'"  sing N N 227 
U   "C3'" "O3'"  sing N N 228 
U   "C3'" "C2'"  sing N N 229 
U   "C3'" "H3'"  sing N N 230 
U   "O3'" "HO3'" sing N N 231 
U   "C2'" "O2'"  sing N N 232 
U   "C2'" "C1'"  sing N N 233 
U   "C2'" "H2'"  sing N N 234 
U   "O2'" "HO2'" sing N N 235 
U   "C1'" N1     sing N N 236 
U   "C1'" "H1'"  sing N N 237 
U   N1    C2     sing N N 238 
U   N1    C6     sing N N 239 
U   C2    O2     doub N N 240 
U   C2    N3     sing N N 241 
U   N3    C4     sing N N 242 
U   N3    H3     sing N N 243 
U   C4    O4     doub N N 244 
U   C4    C5     sing N N 245 
U   C5    C6     doub N N 246 
U   C5    H5     sing N N 247 
U   C6    H6     sing N N 248 
# 
loop_
_ndb_struct_conf_na.entry_id 
_ndb_struct_conf_na.feature 
7EOK 'double helix'         
7EOK 'a-form double helix'  
7EOK 'hairpin loop'         
7EOK 'bulge loop'           
7EOK 'mismatched base pair' 
7EOK 'internal loop'        
7EOK 'triple helix'         
# 
loop_
_ndb_struct_na_base_pair.model_number 
_ndb_struct_na_base_pair.i_label_asym_id 
_ndb_struct_na_base_pair.i_label_comp_id 
_ndb_struct_na_base_pair.i_label_seq_id 
_ndb_struct_na_base_pair.i_symmetry 
_ndb_struct_na_base_pair.j_label_asym_id 
_ndb_struct_na_base_pair.j_label_comp_id 
_ndb_struct_na_base_pair.j_label_seq_id 
_ndb_struct_na_base_pair.j_symmetry 
_ndb_struct_na_base_pair.shear 
_ndb_struct_na_base_pair.stretch 
_ndb_struct_na_base_pair.stagger 
_ndb_struct_na_base_pair.buckle 
_ndb_struct_na_base_pair.propeller 
_ndb_struct_na_base_pair.opening 
_ndb_struct_na_base_pair.pair_number 
_ndb_struct_na_base_pair.pair_name 
_ndb_struct_na_base_pair.i_auth_asym_id 
_ndb_struct_na_base_pair.i_auth_seq_id 
_ndb_struct_na_base_pair.i_PDB_ins_code 
_ndb_struct_na_base_pair.j_auth_asym_id 
_ndb_struct_na_base_pair.j_auth_seq_id 
_ndb_struct_na_base_pair.j_PDB_ins_code 
_ndb_struct_na_base_pair.hbond_type_28 
_ndb_struct_na_base_pair.hbond_type_12 
1 A G 1  1_555 A C 47 1_555 0.013  -0.321 0.183  2.713   -14.268 -5.037  1  A_G2:C48_A  A 2  ? A 48 ? 19 1 
1 A C 2  1_555 A G 46 1_555 0.008  -0.189 0.098  3.998   -14.003 -2.026  2  A_C3:G47_A  A 3  ? A 47 ? 19 1 
1 A G 3  1_555 A C 45 1_555 0.208  -0.258 0.040  -4.218  -14.287 -4.693  3  A_G4:C46_A  A 4  ? A 46 ? 19 1 
1 A C 4  1_555 A G 44 1_555 -0.793 -0.053 0.885  -12.416 -2.796  2.911   4  A_C5:G45_A  A 5  ? A 45 ? 19 1 
1 A C 6  1_555 A G 43 1_555 0.342  -0.165 0.742  -4.339  6.746   9.547   5  A_C7:G44_A  A 7  ? A 44 ? 19 1 
1 A U 7  1_555 A U 41 1_555 2.556  -1.942 0.752  -9.091  -8.528  7.325   6  A_U8:U42_A  A 8  ? A 42 ? 16 1 
1 A G 8  1_555 A C 32 1_555 0.100  5.501  0.267  18.965  29.013  127.093 7  A_G9:C33_A  A 9  ? A 33 ? 22 6 
1 A G 9  1_555 A U 39 1_555 -2.481 -0.576 0.614  20.676  -4.436  0.624   8  A_G10:U40_A A 10 ? A 40 ? 28 1 
1 A C 10 1_555 A G 38 1_555 -0.262 -0.313 -0.306 20.282  -27.692 -2.161  9  A_C11:G39_A A 11 ? A 39 ? 19 1 
1 A G 11 1_555 A C 37 1_555 -0.195 -0.199 0.117  -5.602  -5.252  2.163   10 A_G12:C38_A A 12 ? A 38 ? 19 1 
1 A C 12 1_555 A G 36 1_555 1.137  0.102  0.070  -7.435  -19.538 8.929   11 A_C13:G37_A A 13 ? A 37 ? 19 1 
1 A U 13 1_555 A A 35 1_555 1.232  -0.128 1.359  -13.824 -1.844  -9.337  12 A_U14:A36_A A 14 ? A 36 ? 20 1 
1 A G 14 1_555 A C 27 1_555 -0.129 -0.201 0.452  1.937   -3.694  0.493   13 A_G15:C28_A A 15 ? A 28 ? 19 1 
1 A C 15 1_555 A G 26 1_555 -0.216 -0.287 -0.156 4.981   -7.565  -5.316  14 A_C16:G27_A A 16 ? A 27 ? 19 1 
1 A G 16 1_555 A C 25 1_555 -0.140 -0.283 -0.161 -2.138  -8.884  3.565   15 A_G17:C26_A A 17 ? A 26 ? 19 1 
1 A C 17 1_555 A G 24 1_555 -0.357 -0.664 0.452  -7.485  0.545   -4.411  16 A_C18:G25_A A 18 ? A 25 ? 19 1 
1 A C 18 1_555 A G 23 1_555 0.369  -0.768 0.166  7.201   -5.122  -6.036  17 A_C19:G24_A A 19 ? A 24 ? 19 1 
1 A U 31 1_555 A U 34 1_555 3.701  -0.038 -0.343 35.849  12.634  -99.017 18 A_U32:U35_A A 32 ? A 35 ? ?  4 
# 
loop_
_ndb_struct_na_base_pair_step.model_number 
_ndb_struct_na_base_pair_step.i_label_asym_id_1 
_ndb_struct_na_base_pair_step.i_label_comp_id_1 
_ndb_struct_na_base_pair_step.i_label_seq_id_1 
_ndb_struct_na_base_pair_step.i_symmetry_1 
_ndb_struct_na_base_pair_step.j_label_asym_id_1 
_ndb_struct_na_base_pair_step.j_label_comp_id_1 
_ndb_struct_na_base_pair_step.j_label_seq_id_1 
_ndb_struct_na_base_pair_step.j_symmetry_1 
_ndb_struct_na_base_pair_step.i_label_asym_id_2 
_ndb_struct_na_base_pair_step.i_label_comp_id_2 
_ndb_struct_na_base_pair_step.i_label_seq_id_2 
_ndb_struct_na_base_pair_step.i_symmetry_2 
_ndb_struct_na_base_pair_step.j_label_asym_id_2 
_ndb_struct_na_base_pair_step.j_label_comp_id_2 
_ndb_struct_na_base_pair_step.j_label_seq_id_2 
_ndb_struct_na_base_pair_step.j_symmetry_2 
_ndb_struct_na_base_pair_step.shift 
_ndb_struct_na_base_pair_step.slide 
_ndb_struct_na_base_pair_step.rise 
_ndb_struct_na_base_pair_step.tilt 
_ndb_struct_na_base_pair_step.roll 
_ndb_struct_na_base_pair_step.twist 
_ndb_struct_na_base_pair_step.x_displacement 
_ndb_struct_na_base_pair_step.y_displacement 
_ndb_struct_na_base_pair_step.helical_rise 
_ndb_struct_na_base_pair_step.inclination 
_ndb_struct_na_base_pair_step.tip 
_ndb_struct_na_base_pair_step.helical_twist 
_ndb_struct_na_base_pair_step.step_number 
_ndb_struct_na_base_pair_step.step_name 
_ndb_struct_na_base_pair_step.i_auth_asym_id_1 
_ndb_struct_na_base_pair_step.i_auth_seq_id_1 
_ndb_struct_na_base_pair_step.i_PDB_ins_code_1 
_ndb_struct_na_base_pair_step.j_auth_asym_id_1 
_ndb_struct_na_base_pair_step.j_auth_seq_id_1 
_ndb_struct_na_base_pair_step.j_PDB_ins_code_1 
_ndb_struct_na_base_pair_step.i_auth_asym_id_2 
_ndb_struct_na_base_pair_step.i_auth_seq_id_2 
_ndb_struct_na_base_pair_step.i_PDB_ins_code_2 
_ndb_struct_na_base_pair_step.j_auth_asym_id_2 
_ndb_struct_na_base_pair_step.j_auth_seq_id_2 
_ndb_struct_na_base_pair_step.j_PDB_ins_code_2 
1 A G 1  1_555 A C 47 1_555 A C 2  1_555 A G 46 1_555 0.696  -1.747 3.177 4.398   8.725  30.976  -4.530  -0.537 2.671  15.849  
-7.990  32.444  1  AA_G2C3:G47C48_AA   A 2  ? A 48 ? A 3  ? A 47 ? 
1 A C 2  1_555 A G 46 1_555 A G 3  1_555 A C 45 1_555 0.020  -1.758 3.365 3.175   11.514 31.691  -4.771  0.448  2.578  20.209  
-5.573  33.813  2  AA_C3G4:C46G47_AA   A 3  ? A 47 ? A 4  ? A 46 ? 
1 A G 3  1_555 A C 45 1_555 A C 4  1_555 A G 44 1_555 0.613  -1.723 3.246 -3.340  10.818 30.187  -4.838  -1.640 2.421  19.912  
6.148   32.194  3  AA_G4C5:G45C46_AA   A 4  ? A 46 ? A 5  ? A 45 ? 
1 A C 4  1_555 A G 44 1_555 A C 6  1_555 A G 43 1_555 -0.949 -1.826 2.792 3.803   2.041  55.076  -2.070  1.211  2.662  2.204   
-4.106  55.232  4  AA_C5C7:G44G45_AA   A 5  ? A 45 ? A 7  ? A 44 ? 
1 A C 6  1_555 A G 43 1_555 A U 7  1_555 A U 41 1_555 2.082  -0.321 3.354 8.299   -6.106 62.160  -0.015  -1.598 3.593  -5.871  
-7.979  62.923  5  AA_C7U8:U42G44_AA   A 7  ? A 44 ? A 8  ? A 42 ? 
1 A U 7  1_555 A U 41 1_555 A G 8  1_555 A C 32 1_555 4.647  -1.401 4.362 -28.812 22.335 -13.938 -4.280  -1.262 5.808  -42.749 
-55.145 -38.944 6  AA_U8G9:C33U42_AA   A 8  ? A 42 ? A 9  ? A 33 ? 
1 A G 9  1_555 A U 39 1_555 A C 10 1_555 A G 38 1_555 0.175  -1.230 3.262 4.967   -0.079 39.954  -1.779  0.309  3.262  -0.115  
-7.235  40.249  7  AA_G10C11:G39U40_AA A 10 ? A 40 ? A 11 ? A 39 ? 
1 A C 10 1_555 A G 38 1_555 A G 11 1_555 A C 37 1_555 -0.297 -1.831 3.651 -6.888  19.429 34.574  -4.875  -0.348 2.355  29.657  
10.514  40.091  8  AA_C11G12:C38G39_AA A 11 ? A 39 ? A 12 ? A 38 ? 
1 A G 11 1_555 A C 37 1_555 A C 12 1_555 A G 36 1_555 0.308  -1.342 3.129 4.684   2.968  41.202  -2.190  0.037  3.045  4.195   
-6.620  41.557  9  AA_G12C13:G37C38_AA A 12 ? A 38 ? A 13 ? A 37 ? 
1 A C 12 1_555 A G 36 1_555 A U 13 1_555 A A 35 1_555 -1.066 -1.369 3.453 -7.375  11.110 31.093  -4.203  0.610  2.974  19.633  
13.032  33.767  10 AA_C13U14:A36G37_AA A 13 ? A 37 ? A 14 ? A 36 ? 
1 A U 13 1_555 A A 35 1_555 A G 14 1_555 A C 27 1_555 -1.516 -3.721 2.197 6.030   5.604  2.702   -22.746 8.004  -2.776 48.922  
-52.638 8.663   11 AA_U14G15:C28A36_AA A 14 ? A 36 ? A 15 ? A 28 ? 
1 A G 14 1_555 A C 27 1_555 A C 15 1_555 A G 26 1_555 -0.749 -1.956 3.105 1.931   5.438  33.199  -4.169  1.575  2.713  9.428   
-3.349  33.683  12 AA_G15C16:G27C28_AA A 15 ? A 28 ? A 16 ? A 27 ? 
1 A C 15 1_555 A G 26 1_555 A G 16 1_555 A C 25 1_555 0.294  -1.704 3.385 -1.533  5.773  31.693  -4.084  -0.798 3.018  10.455  
2.777   32.236  13 AA_C16G17:C26G27_AA A 16 ? A 27 ? A 17 ? A 26 ? 
1 A G 16 1_555 A C 25 1_555 A C 17 1_555 A G 24 1_555 -0.186 -2.215 3.395 -5.956  1.517  26.868  -5.031  -1.105 3.233  3.212   
12.609  27.549  14 AA_G17C18:G25C26_AA A 17 ? A 26 ? A 18 ? A 25 ? 
1 A C 17 1_555 A G 24 1_555 A C 18 1_555 A G 23 1_555 0.512  -1.810 2.802 4.513   1.104  34.860  -3.137  -0.270 2.787  1.832   
-7.492  35.158  15 AA_C18C19:G24G25_AA A 18 ? A 25 ? A 19 ? A 24 ? 
# 
_pdbx_audit_support.funding_organization   'National Natural Science Foundation of China (NSFC)' 
_pdbx_audit_support.country                China 
_pdbx_audit_support.grant_number           ? 
_pdbx_audit_support.ordinal                1 
# 
loop_
_pdbx_entity_instance_feature.ordinal 
_pdbx_entity_instance_feature.comp_id 
_pdbx_entity_instance_feature.asym_id 
_pdbx_entity_instance_feature.seq_num 
_pdbx_entity_instance_feature.auth_comp_id 
_pdbx_entity_instance_feature.auth_asym_id 
_pdbx_entity_instance_feature.auth_seq_num 
_pdbx_entity_instance_feature.feature_type 
_pdbx_entity_instance_feature.details 
1 J8L ? ? J8L ? ? 'SUBJECT OF INVESTIGATION' ? 
2 MG  ? ? MG  ? ? 'SUBJECT OF INVESTIGATION' ? 
# 
loop_
_pdbx_entity_nonpoly.entity_id 
_pdbx_entity_nonpoly.name 
_pdbx_entity_nonpoly.comp_id 
2 "GUANOSINE-5'-TRIPHOSPHATE"                                                                            GTP 
3 '4-[(~{Z})-1-cyano-2-[5-[2-(dimethylamino)ethyl-methyl-amino]pyrazin-2-yl]ethenyl]benzenecarbonitrile' J8L 
4 'MAGNESIUM ION'                                                                                        MG  
5 water                                                                                                  HOH 
# 
_pdbx_initial_refinement_model.id               1 
_pdbx_initial_refinement_model.entity_id_list   ? 
_pdbx_initial_refinement_model.type             'experimental model' 
_pdbx_initial_refinement_model.source_name      PDB 
_pdbx_initial_refinement_model.accession_code   7EOG 
_pdbx_initial_refinement_model.details          ? 
# 
_pdbx_struct_assembly_auth_evidence.id                     1 
_pdbx_struct_assembly_auth_evidence.assembly_id            1 
_pdbx_struct_assembly_auth_evidence.experimental_support   none 
_pdbx_struct_assembly_auth_evidence.details                ? 
# 
